data_7JS2
# 
_entry.id   7JS2 
# 
_audit_conform.dict_name       mmcif_pdbx.dic 
_audit_conform.dict_version    5.380 
_audit_conform.dict_location   http://mmcif.pdb.org/dictionaries/ascii/mmcif_pdbx.dic 
# 
loop_
_database_2.database_id 
_database_2.database_code 
_database_2.pdbx_database_accession 
_database_2.pdbx_DOI 
PDB   7JS2         pdb_00007js2 10.2210/pdb7js2/pdb 
WWPDB D_1000250921 ?            ?                   
# 
_pdbx_database_status.status_code                     REL 
_pdbx_database_status.status_code_sf                  REL 
_pdbx_database_status.status_code_mr                  ? 
_pdbx_database_status.entry_id                        7JS2 
_pdbx_database_status.recvd_initial_deposition_date   2020-08-13 
_pdbx_database_status.SG_entry                        N 
_pdbx_database_status.deposit_site                    RCSB 
_pdbx_database_status.process_site                    RCSB 
_pdbx_database_status.status_code_cs                  ? 
_pdbx_database_status.status_code_nmr_data            ? 
_pdbx_database_status.methods_development_category    ? 
_pdbx_database_status.pdb_format_compatible           Y 
# 
loop_
_audit_author.name 
_audit_author.pdbx_ordinal 
_audit_author.identifier_ORCID 
'Simmons, C.R.'      1 0000-0002-2290-6132 
'MacCulloch, T.'     2 0000-0001-5875-3361 
'Stephanopoulos, N.' 3 0000-0001-7859-410X 
'Yan, H.'            4 0000-0001-7397-9852 
# 
_citation.abstract                  ? 
_citation.abstract_id_CAS           ? 
_citation.book_id_ISBN              ? 
_citation.book_publisher            ? 
_citation.book_publisher_city       ? 
_citation.book_title                ? 
_citation.coordinate_linkage        ? 
_citation.country                   UK 
_citation.database_id_Medline       ? 
_citation.details                   ? 
_citation.id                        primary 
_citation.journal_abbrev            'Nat Commun' 
_citation.journal_id_ASTM           ? 
_citation.journal_id_CSD            ? 
_citation.journal_id_ISSN           2041-1723 
_citation.journal_full              ? 
_citation.journal_issue             ? 
_citation.journal_volume            13 
_citation.language                  ? 
_citation.page_first                3112 
_citation.page_last                 3112 
_citation.title                     'The influence of Holliday junction sequence and dynamics on DNA crystal self-assembly.' 
_citation.year                      2022 
_citation.database_id_CSD           ? 
_citation.pdbx_database_id_DOI      10.1038/s41467-022-30779-6 
_citation.pdbx_database_id_PubMed   35662248 
_citation.unpublished_flag          ? 
# 
loop_
_citation_author.citation_id 
_citation_author.name 
_citation_author.ordinal 
_citation_author.identifier_ORCID 
primary 'Simmons, C.R.'      1  ?                   
primary 'MacCulloch, T.'     2  ?                   
primary 'Krepl, M.'          3  0000-0002-9833-4281 
primary 'Matthies, M.'       4  ?                   
primary 'Buchberger, A.'     5  ?                   
primary 'Crawford, I.'       6  ?                   
primary 'Sponer, J.'         7  0000-0001-6558-6186 
primary 'Sulc, P.'           8  0000-0003-1565-6769 
primary 'Stephanopoulos, N.' 9  0000-0001-7859-410X 
primary 'Yan, H.'            10 0000-0001-7397-9852 
# 
_cell.angle_alpha                  90.000 
_cell.angle_alpha_esd              ? 
_cell.angle_beta                   90.000 
_cell.angle_beta_esd               ? 
_cell.angle_gamma                  120.000 
_cell.angle_gamma_esd              ? 
_cell.entry_id                     7JS2 
_cell.details                      ? 
_cell.formula_units_Z              ? 
_cell.length_a                     114.605 
_cell.length_a_esd                 ? 
_cell.length_b                     114.605 
_cell.length_b_esd                 ? 
_cell.length_c                     50.347 
_cell.length_c_esd                 ? 
_cell.volume                       ? 
_cell.volume_esd                   ? 
_cell.Z_PDB                        9 
_cell.reciprocal_angle_alpha       ? 
_cell.reciprocal_angle_beta        ? 
_cell.reciprocal_angle_gamma       ? 
_cell.reciprocal_angle_alpha_esd   ? 
_cell.reciprocal_angle_beta_esd    ? 
_cell.reciprocal_angle_gamma_esd   ? 
_cell.reciprocal_length_a          ? 
_cell.reciprocal_length_b          ? 
_cell.reciprocal_length_c          ? 
_cell.reciprocal_length_a_esd      ? 
_cell.reciprocal_length_b_esd      ? 
_cell.reciprocal_length_c_esd      ? 
_cell.pdbx_unique_axis             ? 
# 
_symmetry.entry_id                         7JS2 
_symmetry.cell_setting                     ? 
_symmetry.Int_Tables_number                146 
_symmetry.space_group_name_Hall            ? 
_symmetry.space_group_name_H-M             'H 3' 
_symmetry.pdbx_full_space_group_name_H-M   ? 
# 
loop_
_entity.id 
_entity.type 
_entity.src_method 
_entity.pdbx_description 
_entity.formula_weight 
_entity.pdbx_number_of_molecules 
_entity.pdbx_ec 
_entity.pdbx_mutation 
_entity.pdbx_fragment 
_entity.details 
1 polymer syn 
;DNA (5'-D(*GP*AP*GP*CP*AP*GP*AP*CP*GP*TP*GP*AP*CP*GP*AP*CP*AP*CP*TP*CP*A)-3')
;
6466.201 1 ? ? ? ? 
2 polymer syn 
;DNA (5'-D(*TP*CP*TP*GP*AP*GP*TP*G)-3')
;
2457.627 1 ? ? ? ? 
3 polymer syn 
;DNA (5'-D(P*CP*GP*TP*CP*TP*GP*C)-3')
;
2089.385 1 ? ? ? ? 
4 polymer syn 
;DNA (5'-D(P*TP*CP*GP*TP*CP*A)-3')
;
1784.204 1 ? ? ? ? 
# 
loop_
_entity_poly.entity_id 
_entity_poly.type 
_entity_poly.nstd_linkage 
_entity_poly.nstd_monomer 
_entity_poly.pdbx_seq_one_letter_code 
_entity_poly.pdbx_seq_one_letter_code_can 
_entity_poly.pdbx_strand_id 
_entity_poly.pdbx_target_identifier 
1 polydeoxyribonucleotide no no 
;(DG)(DA)(DG)(DC)(DA)(DG)(DA)(DC)(DG)(DT)(DG)(DA)(DC)(DG)(DA)(DC)(DA)(DC)(DT)(DC)
(DA)
;
GAGCAGACGTGACGACACTCA B ? 
2 polydeoxyribonucleotide no no '(DT)(DC)(DT)(DG)(DA)(DG)(DT)(DG)'                                                      TCTGAGTG C 
? 
3 polydeoxyribonucleotide no no '(DC)(DG)(DT)(DC)(DT)(DG)(DC)'                                                          CGTCTGC D 
? 
4 polydeoxyribonucleotide no no '(DT)(DC)(DG)(DT)(DC)(DA)'                                                              TCGTCA A ? 
# 
loop_
_entity_poly_seq.entity_id 
_entity_poly_seq.num 
_entity_poly_seq.mon_id 
_entity_poly_seq.hetero 
1 1  DG n 
1 2  DA n 
1 3  DG n 
1 4  DC n 
1 5  DA n 
1 6  DG n 
1 7  DA n 
1 8  DC n 
1 9  DG n 
1 10 DT n 
1 11 DG n 
1 12 DA n 
1 13 DC n 
1 14 DG n 
1 15 DA n 
1 16 DC n 
1 17 DA n 
1 18 DC n 
1 19 DT n 
1 20 DC n 
1 21 DA n 
2 1  DT n 
2 2  DC n 
2 3  DT n 
2 4  DG n 
2 5  DA n 
2 6  DG n 
2 7  DT n 
2 8  DG n 
3 1  DC n 
3 2  DG n 
3 3  DT n 
3 4  DC n 
3 5  DT n 
3 6  DG n 
3 7  DC n 
4 1  DT n 
4 2  DC n 
4 3  DG n 
4 4  DT n 
4 5  DC n 
4 6  DA n 
# 
loop_
_pdbx_entity_src_syn.entity_id 
_pdbx_entity_src_syn.pdbx_src_id 
_pdbx_entity_src_syn.pdbx_alt_source_flag 
_pdbx_entity_src_syn.pdbx_beg_seq_num 
_pdbx_entity_src_syn.pdbx_end_seq_num 
_pdbx_entity_src_syn.organism_scientific 
_pdbx_entity_src_syn.organism_common_name 
_pdbx_entity_src_syn.ncbi_taxonomy_id 
_pdbx_entity_src_syn.details 
1 1 sample 1 21 'synthetic construct' ? 32630 ? 
2 1 sample 1 8  'synthetic construct' ? 32630 ? 
3 1 sample 1 7  'synthetic construct' ? 32630 ? 
4 1 sample 1 6  'synthetic construct' ? 32630 ? 
# 
loop_
_struct_ref.id 
_struct_ref.db_name 
_struct_ref.db_code 
_struct_ref.pdbx_db_accession 
_struct_ref.pdbx_db_isoform 
_struct_ref.entity_id 
_struct_ref.pdbx_seq_one_letter_code 
_struct_ref.pdbx_align_begin 
1 PDB 7JS2 7JS2 ? 1 ? 1 
2 PDB 7JS2 7JS2 ? 2 ? 1 
3 PDB 7JS2 7JS2 ? 3 ? 1 
4 PDB 7JS2 7JS2 ? 4 ? 1 
# 
loop_
_struct_ref_seq.align_id 
_struct_ref_seq.ref_id 
_struct_ref_seq.pdbx_PDB_id_code 
_struct_ref_seq.pdbx_strand_id 
_struct_ref_seq.seq_align_beg 
_struct_ref_seq.pdbx_seq_align_beg_ins_code 
_struct_ref_seq.seq_align_end 
_struct_ref_seq.pdbx_seq_align_end_ins_code 
_struct_ref_seq.pdbx_db_accession 
_struct_ref_seq.db_align_beg 
_struct_ref_seq.pdbx_db_align_beg_ins_code 
_struct_ref_seq.db_align_end 
_struct_ref_seq.pdbx_db_align_end_ins_code 
_struct_ref_seq.pdbx_auth_seq_align_beg 
_struct_ref_seq.pdbx_auth_seq_align_end 
1 1 7JS2 B 1 ? 21 ? 7JS2 7  ? 27 ? 7  27 
2 2 7JS2 C 1 ? 8  ? 7JS2 28 ? 35 ? 28 35 
3 3 7JS2 D 1 ? 7  ? 7JS2 36 ? 42 ? 36 42 
4 4 7JS2 A 1 ? 6  ? 7JS2 1  ? 6  ? 1  6  
# 
loop_
_chem_comp.id 
_chem_comp.type 
_chem_comp.mon_nstd_flag 
_chem_comp.name 
_chem_comp.pdbx_synonyms 
_chem_comp.formula 
_chem_comp.formula_weight 
DA 'DNA linking' y "2'-DEOXYADENOSINE-5'-MONOPHOSPHATE" ? 'C10 H14 N5 O6 P' 331.222 
DC 'DNA linking' y "2'-DEOXYCYTIDINE-5'-MONOPHOSPHATE"  ? 'C9 H14 N3 O7 P'  307.197 
DG 'DNA linking' y "2'-DEOXYGUANOSINE-5'-MONOPHOSPHATE" ? 'C10 H14 N5 O7 P' 347.221 
DT 'DNA linking' y "THYMIDINE-5'-MONOPHOSPHATE"         ? 'C10 H15 N2 O8 P' 322.208 
# 
_exptl.absorpt_coefficient_mu     ? 
_exptl.absorpt_correction_T_max   ? 
_exptl.absorpt_correction_T_min   ? 
_exptl.absorpt_correction_type    ? 
_exptl.absorpt_process_details    ? 
_exptl.entry_id                   7JS2 
_exptl.crystals_number            1 
_exptl.details                    ? 
_exptl.method                     'X-RAY DIFFRACTION' 
_exptl.method_details             ? 
# 
_exptl_crystal.colour                      ? 
_exptl_crystal.density_diffrn              ? 
_exptl_crystal.density_Matthews            4.97 
_exptl_crystal.density_method              ? 
_exptl_crystal.density_percent_sol         75.26 
_exptl_crystal.description                 ? 
_exptl_crystal.F_000                       ? 
_exptl_crystal.id                          1 
_exptl_crystal.preparation                 ? 
_exptl_crystal.size_max                    ? 
_exptl_crystal.size_mid                    ? 
_exptl_crystal.size_min                    ? 
_exptl_crystal.size_rad                    ? 
_exptl_crystal.colour_lustre               ? 
_exptl_crystal.colour_modifier             ? 
_exptl_crystal.colour_primary              ? 
_exptl_crystal.density_meas                ? 
_exptl_crystal.density_meas_esd            ? 
_exptl_crystal.density_meas_gt             ? 
_exptl_crystal.density_meas_lt             ? 
_exptl_crystal.density_meas_temp           ? 
_exptl_crystal.density_meas_temp_esd       ? 
_exptl_crystal.density_meas_temp_gt        ? 
_exptl_crystal.density_meas_temp_lt        ? 
_exptl_crystal.pdbx_crystal_image_url      ? 
_exptl_crystal.pdbx_crystal_image_format   ? 
_exptl_crystal.pdbx_mosaicity              ? 
_exptl_crystal.pdbx_mosaicity_esd          ? 
# 
_exptl_crystal_grow.apparatus       ? 
_exptl_crystal_grow.atmosphere      ? 
_exptl_crystal_grow.crystal_id      1 
_exptl_crystal_grow.details         ? 
_exptl_crystal_grow.method          'VAPOR DIFFUSION, SITTING DROP' 
_exptl_crystal_grow.method_ref      ? 
_exptl_crystal_grow.pH              ? 
_exptl_crystal_grow.pressure        ? 
_exptl_crystal_grow.pressure_esd    ? 
_exptl_crystal_grow.seeding         ? 
_exptl_crystal_grow.seeding_ref     ? 
_exptl_crystal_grow.temp            298 
_exptl_crystal_grow.temp_details    'temperature gradient generated from 60 to 25 C at 0.3 degrees per hour' 
_exptl_crystal_grow.temp_esd        ? 
_exptl_crystal_grow.time            ? 
_exptl_crystal_grow.pdbx_details    
;0.5 mL of 0.05 M Cacodylate pH 6.5 with 10 mM MgCl2 and 50 mM spermine was added to the reservoir with 2 uL added to the drop containing 4 uL of DNA stock
;
_exptl_crystal_grow.pdbx_pH_range   ? 
# 
_diffrn.ambient_environment              ? 
_diffrn.ambient_temp                     100 
_diffrn.ambient_temp_details             ? 
_diffrn.ambient_temp_esd                 ? 
_diffrn.crystal_id                       1 
_diffrn.crystal_support                  ? 
_diffrn.crystal_treatment                ? 
_diffrn.details                          ? 
_diffrn.id                               1 
_diffrn.ambient_pressure                 ? 
_diffrn.ambient_pressure_esd             ? 
_diffrn.ambient_pressure_gt              ? 
_diffrn.ambient_pressure_lt              ? 
_diffrn.ambient_temp_gt                  ? 
_diffrn.ambient_temp_lt                  ? 
_diffrn.pdbx_serial_crystal_experiment   N 
# 
_diffrn_detector.details                      ? 
_diffrn_detector.detector                     PIXEL 
_diffrn_detector.diffrn_id                    1 
_diffrn_detector.type                         'DECTRIS PILATUS3 6M' 
_diffrn_detector.area_resol_mean              ? 
_diffrn_detector.dtime                        ? 
_diffrn_detector.pdbx_frames_total            ? 
_diffrn_detector.pdbx_collection_time_total   ? 
_diffrn_detector.pdbx_collection_date         2019-08-15 
_diffrn_detector.pdbx_frequency               ? 
# 
_diffrn_radiation.collimation                      ? 
_diffrn_radiation.diffrn_id                        1 
_diffrn_radiation.filter_edge                      ? 
_diffrn_radiation.inhomogeneity                    ? 
_diffrn_radiation.monochromator                    ? 
_diffrn_radiation.polarisn_norm                    ? 
_diffrn_radiation.polarisn_ratio                   ? 
_diffrn_radiation.probe                            ? 
_diffrn_radiation.type                             ? 
_diffrn_radiation.xray_symbol                      ? 
_diffrn_radiation.wavelength_id                    1 
_diffrn_radiation.pdbx_monochromatic_or_laue_m_l   M 
_diffrn_radiation.pdbx_wavelength_list             ? 
_diffrn_radiation.pdbx_wavelength                  ? 
_diffrn_radiation.pdbx_diffrn_protocol             'SINGLE WAVELENGTH' 
_diffrn_radiation.pdbx_analyzer                    ? 
_diffrn_radiation.pdbx_scattering_type             x-ray 
# 
_diffrn_radiation_wavelength.id           1 
_diffrn_radiation_wavelength.wavelength   1 
_diffrn_radiation_wavelength.wt           1.0 
# 
_diffrn_source.current                     ? 
_diffrn_source.details                     ? 
_diffrn_source.diffrn_id                   1 
_diffrn_source.power                       ? 
_diffrn_source.size                        ? 
_diffrn_source.source                      SYNCHROTRON 
_diffrn_source.target                      ? 
_diffrn_source.type                        'ALS BEAMLINE 5.0.2' 
_diffrn_source.voltage                     ? 
_diffrn_source.take-off_angle              ? 
_diffrn_source.pdbx_wavelength_list        1 
_diffrn_source.pdbx_wavelength             ? 
_diffrn_source.pdbx_synchrotron_beamline   5.0.2 
_diffrn_source.pdbx_synchrotron_site       ALS 
# 
_reflns.B_iso_Wilson_estimate            99.500 
_reflns.entry_id                         7JS2 
_reflns.data_reduction_details           ? 
_reflns.data_reduction_method            ? 
_reflns.d_resolution_high                3.050 
_reflns.d_resolution_low                 50.000 
_reflns.details                          ? 
_reflns.limit_h_max                      ? 
_reflns.limit_h_min                      ? 
_reflns.limit_k_max                      ? 
_reflns.limit_k_min                      ? 
_reflns.limit_l_max                      ? 
_reflns.limit_l_min                      ? 
_reflns.number_all                       ? 
_reflns.number_obs                       4633 
_reflns.observed_criterion               ? 
_reflns.observed_criterion_F_max         ? 
_reflns.observed_criterion_F_min         ? 
_reflns.observed_criterion_I_max         ? 
_reflns.observed_criterion_I_min         ? 
_reflns.observed_criterion_sigma_F       ? 
_reflns.observed_criterion_sigma_I       ? 
_reflns.percent_possible_obs             99.400 
_reflns.R_free_details                   ? 
_reflns.Rmerge_F_all                     ? 
_reflns.Rmerge_F_obs                     ? 
_reflns.Friedel_coverage                 ? 
_reflns.number_gt                        ? 
_reflns.threshold_expression             ? 
_reflns.pdbx_redundancy                  9.700 
_reflns.pdbx_Rmerge_I_obs                0.127 
_reflns.pdbx_Rmerge_I_all                ? 
_reflns.pdbx_Rsym_value                  ? 
_reflns.pdbx_netI_over_av_sigmaI         ? 
_reflns.pdbx_netI_over_sigmaI            7.300 
_reflns.pdbx_res_netI_over_av_sigmaI_2   ? 
_reflns.pdbx_res_netI_over_sigmaI_2      ? 
_reflns.pdbx_chi_squared                 2.072 
_reflns.pdbx_scaling_rejects             ? 
_reflns.pdbx_d_res_high_opt              ? 
_reflns.pdbx_d_res_low_opt               ? 
_reflns.pdbx_d_res_opt_method            ? 
_reflns.phase_calculation_details        ? 
_reflns.pdbx_Rrim_I_all                  0.134 
_reflns.pdbx_Rpim_I_all                  0.042 
_reflns.pdbx_d_opt                       ? 
_reflns.pdbx_number_measured_all         ? 
_reflns.pdbx_diffrn_id                   1 
_reflns.pdbx_ordinal                     1 
_reflns.pdbx_CC_half                     0.924 
_reflns.pdbx_CC_star                     ? 
_reflns.pdbx_R_split                     ? 
# 
loop_
_reflns_shell.d_res_high 
_reflns_shell.d_res_low 
_reflns_shell.meanI_over_sigI_all 
_reflns_shell.meanI_over_sigI_obs 
_reflns_shell.number_measured_all 
_reflns_shell.number_measured_obs 
_reflns_shell.number_possible 
_reflns_shell.number_unique_all 
_reflns_shell.number_unique_obs 
_reflns_shell.percent_possible_all 
_reflns_shell.percent_possible_obs 
_reflns_shell.Rmerge_F_all 
_reflns_shell.Rmerge_F_obs 
_reflns_shell.Rmerge_I_all 
_reflns_shell.Rmerge_I_obs 
_reflns_shell.meanI_over_sigI_gt 
_reflns_shell.meanI_over_uI_all 
_reflns_shell.meanI_over_uI_gt 
_reflns_shell.number_measured_gt 
_reflns_shell.number_unique_gt 
_reflns_shell.percent_possible_gt 
_reflns_shell.Rmerge_F_gt 
_reflns_shell.Rmerge_I_gt 
_reflns_shell.pdbx_redundancy 
_reflns_shell.pdbx_Rsym_value 
_reflns_shell.pdbx_chi_squared 
_reflns_shell.pdbx_netI_over_sigmaI_all 
_reflns_shell.pdbx_netI_over_sigmaI_obs 
_reflns_shell.pdbx_Rrim_I_all 
_reflns_shell.pdbx_Rpim_I_all 
_reflns_shell.pdbx_rejects 
_reflns_shell.pdbx_ordinal 
_reflns_shell.pdbx_diffrn_id 
_reflns_shell.pdbx_CC_half 
_reflns_shell.pdbx_CC_star 
_reflns_shell.pdbx_R_split 
3.050 3.100  ? ? ? ? ? ? 227 95.400  ? ? ? ? 0.696 ? ? ? ? ? ? ? ? 8.200  ? 0.453  ? ? 0.738 0.241 ? 1  1 0.908 ? ? 
3.100 3.160  ? ? ? ? ? ? 201 93.500  ? ? ? ? 0.336 ? ? ? ? ? ? ? ? 8.800  ? 0.583  ? ? 0.354 0.112 ? 2  1 0.991 ? ? 
3.160 3.220  ? ? ? ? ? ? 246 98.800  ? ? ? ? 0.173 ? ? ? ? ? ? ? ? 9.000  ? 0.864  ? ? 0.183 0.058 ? 3  1 0.998 ? ? 
3.220 3.290  ? ? ? ? ? ? 223 100.000 ? ? ? ? 0.159 ? ? ? ? ? ? ? ? 9.000  ? 0.814  ? ? 0.168 0.054 ? 4  1 0.997 ? ? 
3.290 3.360  ? ? ? ? ? ? 242 100.000 ? ? ? ? 0.159 ? ? ? ? ? ? ? ? 9.400  ? 0.929  ? ? 0.168 0.053 ? 5  1 0.997 ? ? 
3.360 3.430  ? ? ? ? ? ? 224 100.000 ? ? ? ? 0.134 ? ? ? ? ? ? ? ? 9.500  ? 1.092  ? ? 0.141 0.045 ? 6  1 0.997 ? ? 
3.430 3.520  ? ? ? ? ? ? 223 100.000 ? ? ? ? 0.178 ? ? ? ? ? ? ? ? 9.000  ? 0.873  ? ? 0.189 0.062 ? 7  1 0.994 ? ? 
3.520 3.620  ? ? ? ? ? ? 240 100.000 ? ? ? ? 0.177 ? ? ? ? ? ? ? ? 9.800  ? 0.932  ? ? 0.186 0.058 ? 8  1 0.993 ? ? 
3.620 3.720  ? ? ? ? ? ? 230 100.000 ? ? ? ? 0.221 ? ? ? ? ? ? ? ? 10.000 ? 0.728  ? ? 0.232 0.073 ? 9  1 0.989 ? ? 
3.720 3.840  ? ? ? ? ? ? 248 100.000 ? ? ? ? 0.210 ? ? ? ? ? ? ? ? 10.200 ? 0.657  ? ? 0.221 0.068 ? 10 1 0.988 ? ? 
3.840 3.980  ? ? ? ? ? ? 224 100.000 ? ? ? ? 0.156 ? ? ? ? ? ? ? ? 10.300 ? 0.857  ? ? 0.164 0.050 ? 11 1 0.991 ? ? 
3.980 4.140  ? ? ? ? ? ? 236 100.000 ? ? ? ? 0.132 ? ? ? ? ? ? ? ? 10.300 ? 1.367  ? ? 0.139 0.043 ? 12 1 0.995 ? ? 
4.140 4.330  ? ? ? ? ? ? 237 100.000 ? ? ? ? 0.133 ? ? ? ? ? ? ? ? 10.100 ? 1.379  ? ? 0.140 0.044 ? 13 1 0.992 ? ? 
4.330 4.560  ? ? ? ? ? ? 236 100.000 ? ? ? ? 0.132 ? ? ? ? ? ? ? ? 9.700  ? 1.200  ? ? 0.139 0.044 ? 14 1 0.989 ? ? 
4.560 4.840  ? ? ? ? ? ? 230 100.000 ? ? ? ? 0.114 ? ? ? ? ? ? ? ? 9.800  ? 1.545  ? ? 0.120 0.038 ? 15 1 0.992 ? ? 
4.840 5.210  ? ? ? ? ? ? 237 100.000 ? ? ? ? 0.106 ? ? ? ? ? ? ? ? 10.400 ? 2.063  ? ? 0.111 0.034 ? 16 1 0.995 ? ? 
5.210 5.740  ? ? ? ? ? ? 230 100.000 ? ? ? ? 0.098 ? ? ? ? ? ? ? ? 10.500 ? 3.636  ? ? 0.103 0.032 ? 17 1 0.993 ? ? 
5.740 6.570  ? ? ? ? ? ? 227 100.000 ? ? ? ? 0.096 ? ? ? ? ? ? ? ? 10.100 ? 3.378  ? ? 0.101 0.031 ? 18 1 0.992 ? ? 
6.570 8.270  ? ? ? ? ? ? 238 100.000 ? ? ? ? 0.093 ? ? ? ? ? ? ? ? 10.000 ? 3.966  ? ? 0.098 0.030 ? 19 1 0.992 ? ? 
8.270 50.000 ? ? ? ? ? ? 234 100.000 ? ? ? ? 0.131 ? ? ? ? ? ? ? ? 10.000 ? 12.826 ? ? 0.138 0.043 ? 20 1 0.986 ? ? 
# 
_refine.aniso_B[1][1]                            ? 
_refine.aniso_B[1][2]                            ? 
_refine.aniso_B[1][3]                            ? 
_refine.aniso_B[2][2]                            ? 
_refine.aniso_B[2][3]                            ? 
_refine.aniso_B[3][3]                            ? 
_refine.B_iso_max                                227.640 
_refine.B_iso_mean                               100.6553 
_refine.B_iso_min                                40.450 
_refine.correlation_coeff_Fo_to_Fc               ? 
_refine.correlation_coeff_Fo_to_Fc_free          ? 
_refine.details                                  ? 
_refine.diff_density_max                         ? 
_refine.diff_density_max_esd                     ? 
_refine.diff_density_min                         ? 
_refine.diff_density_min_esd                     ? 
_refine.diff_density_rms                         ? 
_refine.diff_density_rms_esd                     ? 
_refine.entry_id                                 7JS2 
_refine.pdbx_refine_id                           'X-RAY DIFFRACTION' 
_refine.ls_abs_structure_details                 ? 
_refine.ls_abs_structure_Flack                   ? 
_refine.ls_abs_structure_Flack_esd               ? 
_refine.ls_abs_structure_Rogers                  ? 
_refine.ls_abs_structure_Rogers_esd              ? 
_refine.ls_d_res_high                            3.0580 
_refine.ls_d_res_low                             30.0810 
_refine.ls_extinction_coef                       ? 
_refine.ls_extinction_coef_esd                   ? 
_refine.ls_extinction_expression                 ? 
_refine.ls_extinction_method                     ? 
_refine.ls_goodness_of_fit_all                   ? 
_refine.ls_goodness_of_fit_all_esd               ? 
_refine.ls_goodness_of_fit_obs                   ? 
_refine.ls_goodness_of_fit_obs_esd               ? 
_refine.ls_hydrogen_treatment                    ? 
_refine.ls_matrix_type                           ? 
_refine.ls_number_constraints                    ? 
_refine.ls_number_parameters                     ? 
_refine.ls_number_reflns_all                     ? 
_refine.ls_number_reflns_obs                     4533 
_refine.ls_number_reflns_R_free                  227 
_refine.ls_number_reflns_R_work                  4306 
_refine.ls_number_restraints                     ? 
_refine.ls_percent_reflns_obs                    97.3200 
_refine.ls_percent_reflns_R_free                 5.0100 
_refine.ls_R_factor_all                          ? 
_refine.ls_R_factor_obs                          0.1898 
_refine.ls_R_factor_R_free                       0.2212 
_refine.ls_R_factor_R_free_error                 ? 
_refine.ls_R_factor_R_free_error_details         ? 
_refine.ls_R_factor_R_work                       0.1881 
_refine.ls_R_Fsqd_factor_obs                     ? 
_refine.ls_R_I_factor_obs                        ? 
_refine.ls_redundancy_reflns_all                 ? 
_refine.ls_redundancy_reflns_obs                 ? 
_refine.ls_restrained_S_all                      ? 
_refine.ls_restrained_S_obs                      ? 
_refine.ls_shift_over_esd_max                    ? 
_refine.ls_shift_over_esd_mean                   ? 
_refine.ls_structure_factor_coef                 ? 
_refine.ls_weighting_details                     ? 
_refine.ls_weighting_scheme                      ? 
_refine.ls_wR_factor_all                         ? 
_refine.ls_wR_factor_obs                         ? 
_refine.ls_wR_factor_R_free                      ? 
_refine.ls_wR_factor_R_work                      ? 
_refine.occupancy_max                            ? 
_refine.occupancy_min                            ? 
_refine.solvent_model_details                    'FLAT BULK SOLVENT MODEL' 
_refine.solvent_model_param_bsol                 ? 
_refine.solvent_model_param_ksol                 ? 
_refine.pdbx_R_complete                          ? 
_refine.ls_R_factor_gt                           ? 
_refine.ls_goodness_of_fit_gt                    ? 
_refine.ls_goodness_of_fit_ref                   ? 
_refine.ls_shift_over_su_max                     ? 
_refine.ls_shift_over_su_max_lt                  ? 
_refine.ls_shift_over_su_mean                    ? 
_refine.ls_shift_over_su_mean_lt                 ? 
_refine.pdbx_ls_sigma_I                          ? 
_refine.pdbx_ls_sigma_F                          2.020 
_refine.pdbx_ls_sigma_Fsqd                       ? 
_refine.pdbx_data_cutoff_high_absF               ? 
_refine.pdbx_data_cutoff_high_rms_absF           ? 
_refine.pdbx_data_cutoff_low_absF                ? 
_refine.pdbx_isotropic_thermal_model             ? 
_refine.pdbx_ls_cross_valid_method               THROUGHOUT 
_refine.pdbx_method_to_determine_struct          'MOLECULAR REPLACEMENT' 
_refine.pdbx_starting_model                      5VY6 
_refine.pdbx_stereochemistry_target_values       ML 
_refine.pdbx_R_Free_selection_details            ? 
_refine.pdbx_stereochem_target_val_spec_case     ? 
_refine.pdbx_overall_ESU_R                       ? 
_refine.pdbx_overall_ESU_R_Free                  ? 
_refine.pdbx_solvent_vdw_probe_radii             1.1100 
_refine.pdbx_solvent_ion_probe_radii             ? 
_refine.pdbx_solvent_shrinkage_radii             0.9000 
_refine.pdbx_real_space_R                        ? 
_refine.pdbx_density_correlation                 ? 
_refine.pdbx_pd_number_of_powder_patterns        ? 
_refine.pdbx_pd_number_of_points                 ? 
_refine.pdbx_pd_meas_number_of_points            ? 
_refine.pdbx_pd_proc_ls_prof_R_factor            ? 
_refine.pdbx_pd_proc_ls_prof_wR_factor           ? 
_refine.pdbx_pd_Marquardt_correlation_coeff      ? 
_refine.pdbx_pd_Fsqrd_R_factor                   ? 
_refine.pdbx_pd_ls_matrix_band_width             ? 
_refine.pdbx_overall_phase_error                 25.2400 
_refine.pdbx_overall_SU_R_free_Cruickshank_DPI   ? 
_refine.pdbx_overall_SU_R_free_Blow_DPI          ? 
_refine.pdbx_overall_SU_R_Blow_DPI               ? 
_refine.pdbx_TLS_residual_ADP_flag               ? 
_refine.pdbx_diffrn_id                           1 
_refine.overall_SU_B                             ? 
_refine.overall_SU_ML                            0.4300 
_refine.overall_SU_R_Cruickshank_DPI             ? 
_refine.overall_SU_R_free                        ? 
_refine.overall_FOM_free_R_set                   ? 
_refine.overall_FOM_work_R_set                   ? 
_refine.pdbx_average_fsc_overall                 ? 
_refine.pdbx_average_fsc_work                    ? 
_refine.pdbx_average_fsc_free                    ? 
# 
_refine_hist.pdbx_refine_id                   'X-RAY DIFFRACTION' 
_refine_hist.cycle_id                         final 
_refine_hist.details                          ? 
_refine_hist.d_res_high                       3.0580 
_refine_hist.d_res_low                        30.0810 
_refine_hist.number_atoms_solvent             0 
_refine_hist.number_atoms_total               855 
_refine_hist.number_reflns_all                ? 
_refine_hist.number_reflns_obs                ? 
_refine_hist.number_reflns_R_free             ? 
_refine_hist.number_reflns_R_work             ? 
_refine_hist.R_factor_all                     ? 
_refine_hist.R_factor_obs                     ? 
_refine_hist.R_factor_R_free                  ? 
_refine_hist.R_factor_R_work                  ? 
_refine_hist.pdbx_number_residues_total       42 
_refine_hist.pdbx_B_iso_mean_ligand           ? 
_refine_hist.pdbx_B_iso_mean_solvent          ? 
_refine_hist.pdbx_number_atoms_protein        0 
_refine_hist.pdbx_number_atoms_nucleic_acid   855 
_refine_hist.pdbx_number_atoms_ligand         0 
_refine_hist.pdbx_number_atoms_lipid          ? 
_refine_hist.pdbx_number_atoms_carb           ? 
_refine_hist.pdbx_pseudo_atom_details         ? 
# 
loop_
_refine_ls_restr.pdbx_refine_id 
_refine_ls_restr.criterion 
_refine_ls_restr.dev_ideal 
_refine_ls_restr.dev_ideal_target 
_refine_ls_restr.number 
_refine_ls_restr.rejects 
_refine_ls_restr.type 
_refine_ls_restr.weight 
_refine_ls_restr.pdbx_restraint_function 
'X-RAY DIFFRACTION' ? 0.014  ? 956  ? f_bond_d           ? ? 
'X-RAY DIFFRACTION' ? 1.246  ? 1467 ? f_angle_d          ? ? 
'X-RAY DIFFRACTION' ? 0.064  ? 166  ? f_chiral_restr     ? ? 
'X-RAY DIFFRACTION' ? 0.008  ? 42   ? f_plane_restr      ? ? 
'X-RAY DIFFRACTION' ? 34.890 ? 406  ? f_dihedral_angle_d ? ? 
# 
loop_
_refine_ls_shell.pdbx_refine_id 
_refine_ls_shell.d_res_high 
_refine_ls_shell.d_res_low 
_refine_ls_shell.number_reflns_all 
_refine_ls_shell.number_reflns_obs 
_refine_ls_shell.number_reflns_R_free 
_refine_ls_shell.number_reflns_R_work 
_refine_ls_shell.percent_reflns_obs 
_refine_ls_shell.percent_reflns_R_free 
_refine_ls_shell.R_factor_all 
_refine_ls_shell.R_factor_obs 
_refine_ls_shell.R_factor_R_free 
_refine_ls_shell.R_factor_R_free_error 
_refine_ls_shell.R_factor_R_work 
_refine_ls_shell.redundancy_reflns_all 
_refine_ls_shell.redundancy_reflns_obs 
_refine_ls_shell.wR_factor_all 
_refine_ls_shell.wR_factor_obs 
_refine_ls_shell.wR_factor_R_free 
_refine_ls_shell.wR_factor_R_work 
_refine_ls_shell.pdbx_R_complete 
_refine_ls_shell.pdbx_total_number_of_bins_used 
_refine_ls_shell.pdbx_phase_error 
_refine_ls_shell.pdbx_fsc_work 
_refine_ls_shell.pdbx_fsc_free 
'X-RAY DIFFRACTION' 3.0583 3.8519 . . 113 2095 95.0000  . . . 0.3263 0.0000 0.2848 . . . . . . . . . . . 
'X-RAY DIFFRACTION' 3.8519 30.081 . . 114 2211 100.0000 . . . 0.1915 0.0000 0.1617 . . . . . . . . . . . 
# 
_struct.entry_id                     7JS2 
_struct.title                        
'Self-assembly of a 3D DNA crystal lattice (4x6 duplex version) containing the J36 immobile Holliday junction with R3 symmetry' 
_struct.pdbx_model_details           ? 
_struct.pdbx_formula_weight          ? 
_struct.pdbx_formula_weight_method   ? 
_struct.pdbx_model_type_details      ? 
_struct.pdbx_CASP_flag               N 
# 
_struct_keywords.entry_id        7JS2 
_struct_keywords.text            
'Structural DNA nanotechnology, immobile Holliday junctions, 3D DNA self-assembly, designer DNA crystals, DNA' 
_struct_keywords.pdbx_keywords   DNA 
# 
loop_
_struct_asym.id 
_struct_asym.pdbx_blank_PDB_chainid_flag 
_struct_asym.pdbx_modified 
_struct_asym.entity_id 
_struct_asym.details 
A N N 1 ? 
B N N 2 ? 
C N N 3 ? 
D N N 4 ? 
# 
loop_
_struct_conn.id 
_struct_conn.conn_type_id 
_struct_conn.pdbx_leaving_atom_flag 
_struct_conn.pdbx_PDB_id 
_struct_conn.ptnr1_label_asym_id 
_struct_conn.ptnr1_label_comp_id 
_struct_conn.ptnr1_label_seq_id 
_struct_conn.ptnr1_label_atom_id 
_struct_conn.pdbx_ptnr1_label_alt_id 
_struct_conn.pdbx_ptnr1_PDB_ins_code 
_struct_conn.pdbx_ptnr1_standard_comp_id 
_struct_conn.ptnr1_symmetry 
_struct_conn.ptnr2_label_asym_id 
_struct_conn.ptnr2_label_comp_id 
_struct_conn.ptnr2_label_seq_id 
_struct_conn.ptnr2_label_atom_id 
_struct_conn.pdbx_ptnr2_label_alt_id 
_struct_conn.pdbx_ptnr2_PDB_ins_code 
_struct_conn.ptnr1_auth_asym_id 
_struct_conn.ptnr1_auth_comp_id 
_struct_conn.ptnr1_auth_seq_id 
_struct_conn.ptnr2_auth_asym_id 
_struct_conn.ptnr2_auth_comp_id 
_struct_conn.ptnr2_auth_seq_id 
_struct_conn.ptnr2_symmetry 
_struct_conn.pdbx_ptnr3_label_atom_id 
_struct_conn.pdbx_ptnr3_label_seq_id 
_struct_conn.pdbx_ptnr3_label_comp_id 
_struct_conn.pdbx_ptnr3_label_asym_id 
_struct_conn.pdbx_ptnr3_label_alt_id 
_struct_conn.pdbx_ptnr3_PDB_ins_code 
_struct_conn.details 
_struct_conn.pdbx_dist_value 
_struct_conn.pdbx_value_order 
_struct_conn.pdbx_role 
hydrog1  hydrog ? ? A DG 3  N1 ? ? ? 1_555 C DC 7 N3 ? ? B DG 9  D DC 42 1_555 ? ? ? ? ? ? WATSON-CRICK ? ? ? 
hydrog2  hydrog ? ? A DG 3  N2 ? ? ? 1_555 C DC 7 O2 ? ? B DG 9  D DC 42 1_555 ? ? ? ? ? ? WATSON-CRICK ? ? ? 
hydrog3  hydrog ? ? A DG 3  O6 ? ? ? 1_555 C DC 7 N4 ? ? B DG 9  D DC 42 1_555 ? ? ? ? ? ? WATSON-CRICK ? ? ? 
hydrog4  hydrog ? ? A DC 4  N3 ? ? ? 1_555 C DG 6 N1 ? ? B DC 10 D DG 41 1_555 ? ? ? ? ? ? WATSON-CRICK ? ? ? 
hydrog5  hydrog ? ? A DC 4  N4 ? ? ? 1_555 C DG 6 O6 ? ? B DC 10 D DG 41 1_555 ? ? ? ? ? ? WATSON-CRICK ? ? ? 
hydrog6  hydrog ? ? A DC 4  O2 ? ? ? 1_555 C DG 6 N2 ? ? B DC 10 D DG 41 1_555 ? ? ? ? ? ? WATSON-CRICK ? ? ? 
hydrog7  hydrog ? ? A DA 5  N1 ? ? ? 1_555 C DT 5 N3 ? ? B DA 11 D DT 40 1_555 ? ? ? ? ? ? 'DA-DT PAIR' ? ? ? 
hydrog8  hydrog ? ? A DG 6  N1 ? ? ? 1_555 C DC 4 N3 ? ? B DG 12 D DC 39 1_555 ? ? ? ? ? ? WATSON-CRICK ? ? ? 
hydrog9  hydrog ? ? A DG 6  N2 ? ? ? 1_555 C DC 4 O2 ? ? B DG 12 D DC 39 1_555 ? ? ? ? ? ? WATSON-CRICK ? ? ? 
hydrog10 hydrog ? ? A DG 6  O6 ? ? ? 1_555 C DC 4 N4 ? ? B DG 12 D DC 39 1_555 ? ? ? ? ? ? WATSON-CRICK ? ? ? 
hydrog11 hydrog ? ? A DA 7  N1 ? ? ? 1_555 C DT 3 N3 ? ? B DA 13 D DT 38 1_555 ? ? ? ? ? ? WATSON-CRICK ? ? ? 
hydrog12 hydrog ? ? A DA 7  N6 ? ? ? 1_555 C DT 3 O4 ? ? B DA 13 D DT 38 1_555 ? ? ? ? ? ? WATSON-CRICK ? ? ? 
hydrog13 hydrog ? ? A DC 8  N3 ? ? ? 1_555 C DG 2 N1 ? ? B DC 14 D DG 37 1_555 ? ? ? ? ? ? WATSON-CRICK ? ? ? 
hydrog14 hydrog ? ? A DC 8  N4 ? ? ? 1_555 C DG 2 O6 ? ? B DC 14 D DG 37 1_555 ? ? ? ? ? ? WATSON-CRICK ? ? ? 
hydrog15 hydrog ? ? A DC 8  O2 ? ? ? 1_555 C DG 2 N2 ? ? B DC 14 D DG 37 1_555 ? ? ? ? ? ? WATSON-CRICK ? ? ? 
hydrog16 hydrog ? ? A DG 9  N1 ? ? ? 1_555 C DC 1 N3 ? ? B DG 15 D DC 36 1_555 ? ? ? ? ? ? WATSON-CRICK ? ? ? 
hydrog17 hydrog ? ? A DG 9  N2 ? ? ? 1_555 C DC 1 O2 ? ? B DG 15 D DC 36 1_555 ? ? ? ? ? ? WATSON-CRICK ? ? ? 
hydrog18 hydrog ? ? A DG 9  O6 ? ? ? 1_555 C DC 1 N4 ? ? B DG 15 D DC 36 1_555 ? ? ? ? ? ? WATSON-CRICK ? ? ? 
hydrog19 hydrog ? ? A DT 10 N3 ? ? ? 1_555 D DA 6 N1 ? ? B DT 16 A DA 6  1_555 ? ? ? ? ? ? WATSON-CRICK ? ? ? 
hydrog20 hydrog ? ? A DT 10 O4 ? ? ? 1_555 D DA 6 N6 ? ? B DT 16 A DA 6  1_555 ? ? ? ? ? ? WATSON-CRICK ? ? ? 
hydrog21 hydrog ? ? A DG 11 N1 ? ? ? 1_555 D DC 5 N3 ? ? B DG 17 A DC 5  1_555 ? ? ? ? ? ? WATSON-CRICK ? ? ? 
hydrog22 hydrog ? ? A DG 11 N2 ? ? ? 1_555 D DC 5 O2 ? ? B DG 17 A DC 5  1_555 ? ? ? ? ? ? WATSON-CRICK ? ? ? 
hydrog23 hydrog ? ? A DG 11 O6 ? ? ? 1_555 D DC 5 N4 ? ? B DG 17 A DC 5  1_555 ? ? ? ? ? ? WATSON-CRICK ? ? ? 
hydrog24 hydrog ? ? A DA 12 N1 ? ? ? 1_555 D DT 4 N3 ? ? B DA 18 A DT 4  1_555 ? ? ? ? ? ? WATSON-CRICK ? ? ? 
hydrog25 hydrog ? ? A DA 12 N6 ? ? ? 1_555 D DT 4 O4 ? ? B DA 18 A DT 4  1_555 ? ? ? ? ? ? WATSON-CRICK ? ? ? 
hydrog26 hydrog ? ? A DC 13 N3 ? ? ? 1_555 D DG 3 N1 ? ? B DC 19 A DG 3  1_555 ? ? ? ? ? ? WATSON-CRICK ? ? ? 
hydrog27 hydrog ? ? A DC 13 N4 ? ? ? 1_555 D DG 3 O6 ? ? B DC 19 A DG 3  1_555 ? ? ? ? ? ? WATSON-CRICK ? ? ? 
hydrog28 hydrog ? ? A DC 13 O2 ? ? ? 1_555 D DG 3 N2 ? ? B DC 19 A DG 3  1_555 ? ? ? ? ? ? WATSON-CRICK ? ? ? 
hydrog29 hydrog ? ? A DG 14 N1 ? ? ? 1_555 D DC 2 N3 ? ? B DG 20 A DC 2  1_555 ? ? ? ? ? ? WATSON-CRICK ? ? ? 
hydrog30 hydrog ? ? A DG 14 N2 ? ? ? 1_555 D DC 2 O2 ? ? B DG 20 A DC 2  1_555 ? ? ? ? ? ? WATSON-CRICK ? ? ? 
hydrog31 hydrog ? ? A DG 14 O6 ? ? ? 1_555 D DC 2 N4 ? ? B DG 20 A DC 2  1_555 ? ? ? ? ? ? WATSON-CRICK ? ? ? 
hydrog32 hydrog ? ? A DA 15 N1 ? ? ? 1_555 D DT 1 N3 ? ? B DA 21 A DT 1  1_555 ? ? ? ? ? ? WATSON-CRICK ? ? ? 
hydrog33 hydrog ? ? A DA 15 N6 ? ? ? 1_555 D DT 1 O4 ? ? B DA 21 A DT 1  1_555 ? ? ? ? ? ? WATSON-CRICK ? ? ? 
hydrog34 hydrog ? ? A DC 16 N3 ? ? ? 1_555 B DG 8 N1 ? ? B DC 22 C DG 35 1_555 ? ? ? ? ? ? WATSON-CRICK ? ? ? 
hydrog35 hydrog ? ? A DC 16 N4 ? ? ? 1_555 B DG 8 O6 ? ? B DC 22 C DG 35 1_555 ? ? ? ? ? ? WATSON-CRICK ? ? ? 
hydrog36 hydrog ? ? A DC 16 O2 ? ? ? 1_555 B DG 8 N2 ? ? B DC 22 C DG 35 1_555 ? ? ? ? ? ? WATSON-CRICK ? ? ? 
hydrog37 hydrog ? ? A DA 17 N1 ? ? ? 1_555 B DT 7 N3 ? ? B DA 23 C DT 34 1_555 ? ? ? ? ? ? WATSON-CRICK ? ? ? 
hydrog38 hydrog ? ? A DA 17 N6 ? ? ? 1_555 B DT 7 O4 ? ? B DA 23 C DT 34 1_555 ? ? ? ? ? ? WATSON-CRICK ? ? ? 
hydrog39 hydrog ? ? A DC 18 N3 ? ? ? 1_555 B DG 6 N1 ? ? B DC 24 C DG 33 1_555 ? ? ? ? ? ? WATSON-CRICK ? ? ? 
hydrog40 hydrog ? ? A DC 18 N4 ? ? ? 1_555 B DG 6 O6 ? ? B DC 24 C DG 33 1_555 ? ? ? ? ? ? WATSON-CRICK ? ? ? 
hydrog41 hydrog ? ? A DC 18 O2 ? ? ? 1_555 B DG 6 N2 ? ? B DC 24 C DG 33 1_555 ? ? ? ? ? ? WATSON-CRICK ? ? ? 
hydrog42 hydrog ? ? A DT 19 N3 ? ? ? 1_555 B DA 5 N1 ? ? B DT 25 C DA 32 1_555 ? ? ? ? ? ? WATSON-CRICK ? ? ? 
hydrog43 hydrog ? ? A DT 19 O4 ? ? ? 1_555 B DA 5 N6 ? ? B DT 25 C DA 32 1_555 ? ? ? ? ? ? WATSON-CRICK ? ? ? 
hydrog44 hydrog ? ? A DC 20 N3 ? ? ? 1_555 B DG 4 N1 ? ? B DC 26 C DG 31 1_555 ? ? ? ? ? ? WATSON-CRICK ? ? ? 
hydrog45 hydrog ? ? A DC 20 N4 ? ? ? 1_555 B DG 4 O6 ? ? B DC 26 C DG 31 1_555 ? ? ? ? ? ? WATSON-CRICK ? ? ? 
hydrog46 hydrog ? ? A DC 20 O2 ? ? ? 1_555 B DG 4 N2 ? ? B DC 26 C DG 31 1_555 ? ? ? ? ? ? WATSON-CRICK ? ? ? 
hydrog47 hydrog ? ? A DA 21 N1 ? ? ? 1_555 B DT 3 N3 ? ? B DA 27 C DT 30 1_555 ? ? ? ? ? ? 'DA-DT PAIR' ? ? ? 
# 
_struct_conn_type.id          hydrog 
_struct_conn_type.criteria    ? 
_struct_conn_type.reference   ? 
# 
_atom_sites.entry_id                    7JS2 
_atom_sites.Cartn_transf_matrix[1][1]   ? 
_atom_sites.Cartn_transf_matrix[1][2]   ? 
_atom_sites.Cartn_transf_matrix[1][3]   ? 
_atom_sites.Cartn_transf_matrix[2][1]   ? 
_atom_sites.Cartn_transf_matrix[2][2]   ? 
_atom_sites.Cartn_transf_matrix[2][3]   ? 
_atom_sites.Cartn_transf_matrix[3][1]   ? 
_atom_sites.Cartn_transf_matrix[3][2]   ? 
_atom_sites.Cartn_transf_matrix[3][3]   ? 
_atom_sites.Cartn_transf_vector[1]      ? 
_atom_sites.Cartn_transf_vector[2]      ? 
_atom_sites.Cartn_transf_vector[3]      ? 
_atom_sites.fract_transf_matrix[1][1]   0.00939469 
_atom_sites.fract_transf_matrix[1][2]   0.00116549 
_atom_sites.fract_transf_matrix[1][3]   0.00345050 
_atom_sites.fract_transf_matrix[2][1]   0.00399735 
_atom_sites.fract_transf_matrix[2][2]   -0.00690023 
_atom_sites.fract_transf_matrix[2][3]   0.00615741 
_atom_sites.fract_transf_matrix[3][1]   0.00700040 
_atom_sites.fract_transf_matrix[3][2]   -0.00995289 
_atom_sites.fract_transf_matrix[3][3]   -0.01569820 
_atom_sites.fract_transf_vector[1]      1.019535 
_atom_sites.fract_transf_vector[2]      1.264386 
_atom_sites.fract_transf_vector[3]      0.213737 
_atom_sites.solution_primary            ? 
_atom_sites.solution_secondary          ? 
_atom_sites.solution_hydrogens          ? 
_atom_sites.special_details             ? 
# 
loop_
_atom_type.symbol 
C 
N 
O 
P 
# 
loop_
_atom_site.group_PDB 
_atom_site.id 
_atom_site.type_symbol 
_atom_site.label_atom_id 
_atom_site.label_alt_id 
_atom_site.label_comp_id 
_atom_site.label_asym_id 
_atom_site.label_entity_id 
_atom_site.label_seq_id 
_atom_site.pdbx_PDB_ins_code 
_atom_site.Cartn_x 
_atom_site.Cartn_y 
_atom_site.Cartn_z 
_atom_site.occupancy 
_atom_site.B_iso_or_equiv 
_atom_site.pdbx_formal_charge 
_atom_site.auth_seq_id 
_atom_site.auth_comp_id 
_atom_site.auth_asym_id 
_atom_site.auth_atom_id 
_atom_site.pdbx_PDB_model_num 
ATOM 1   O "O5'" . DG A 1 1  ? 33.996  -7.524  1.336   1.00 141.92 ? 7  DG B "O5'" 1 
ATOM 2   C "C5'" . DG A 1 1  ? 34.546  -8.632  2.044   1.00 128.45 ? 7  DG B "C5'" 1 
ATOM 3   C "C4'" . DG A 1 1  ? 35.026  -8.217  3.428   1.00 123.70 ? 7  DG B "C4'" 1 
ATOM 4   O "O4'" . DG A 1 1  ? 36.058  -7.211  3.323   1.00 122.63 ? 7  DG B "O4'" 1 
ATOM 5   C "C3'" . DG A 1 1  ? 33.944  -7.654  4.329   1.00 121.12 ? 7  DG B "C3'" 1 
ATOM 6   O "O3'" . DG A 1 1  ? 33.588  -8.653  5.251   1.00 125.94 ? 7  DG B "O3'" 1 
ATOM 7   C "C2'" . DG A 1 1  ? 34.593  -6.456  5.031   1.00 116.66 ? 7  DG B "C2'" 1 
ATOM 8   C "C1'" . DG A 1 1  ? 35.782  -6.109  4.152   1.00 112.67 ? 7  DG B "C1'" 1 
ATOM 9   N N9    . DG A 1 1  ? 35.577  -4.949  3.306   1.00 106.20 ? 7  DG B N9    1 
ATOM 10  C C8    . DG A 1 1  ? 35.428  -4.933  1.939   1.00 109.97 ? 7  DG B C8    1 
ATOM 11  N N7    . DG A 1 1  ? 35.280  -3.739  1.448   1.00 105.11 ? 7  DG B N7    1 
ATOM 12  C C5    . DG A 1 1  ? 35.344  -2.914  2.562   1.00 104.75 ? 7  DG B C5    1 
ATOM 13  C C6    . DG A 1 1  ? 35.245  -1.512  2.657   1.00 107.71 ? 7  DG B C6    1 
ATOM 14  O O6    . DG A 1 1  ? 35.073  -0.695  1.737   1.00 112.29 ? 7  DG B O6    1 
ATOM 15  N N1    . DG A 1 1  ? 35.361  -1.072  3.978   1.00 104.65 ? 7  DG B N1    1 
ATOM 16  C C2    . DG A 1 1  ? 35.542  -1.898  5.071   1.00 108.42 ? 7  DG B C2    1 
ATOM 17  N N2    . DG A 1 1  ? 35.621  -1.295  6.269   1.00 108.78 ? 7  DG B N2    1 
ATOM 18  N N3    . DG A 1 1  ? 35.637  -3.219  4.992   1.00 105.17 ? 7  DG B N3    1 
ATOM 19  C C4    . DG A 1 1  ? 35.529  -3.651  3.713   1.00 105.45 ? 7  DG B C4    1 
ATOM 20  P P     . DA A 1 2  ? 32.203  -8.556  6.038   1.00 129.65 ? 8  DA B P     1 
ATOM 21  O OP1   . DA A 1 2  ? 32.174  -9.610  7.081   1.00 127.91 ? 8  DA B OP1   1 
ATOM 22  O OP2   . DA A 1 2  ? 31.135  -8.471  5.015   1.00 131.00 ? 8  DA B OP2   1 
ATOM 23  O "O5'" . DA A 1 2  ? 32.295  -7.145  6.770   1.00 119.45 ? 8  DA B "O5'" 1 
ATOM 24  C "C5'" . DA A 1 2  ? 31.424  -6.881  7.819   1.00 123.79 ? 8  DA B "C5'" 1 
ATOM 25  C "C4'" . DA A 1 2  ? 31.869  -5.680  8.605   1.00 115.32 ? 8  DA B "C4'" 1 
ATOM 26  O "O4'" . DA A 1 2  ? 32.708  -4.857  7.785   1.00 109.00 ? 8  DA B "O4'" 1 
ATOM 27  C "C3'" . DA A 1 2  ? 30.724  -4.813  9.085   1.00 118.17 ? 8  DA B "C3'" 1 
ATOM 28  O "O3'" . DA A 1 2  ? 30.907  -4.470  10.396  1.00 127.73 ? 8  DA B "O3'" 1 
ATOM 29  C "C2'" . DA A 1 2  ? 30.738  -3.586  8.199   1.00 110.86 ? 8  DA B "C2'" 1 
ATOM 30  C "C1'" . DA A 1 2  ? 32.111  -3.604  7.556   1.00 113.18 ? 8  DA B "C1'" 1 
ATOM 31  N N9    . DA A 1 2  ? 32.028  -3.410  6.135   1.00 107.60 ? 8  DA B N9    1 
ATOM 32  C C8    . DA A 1 2  ? 31.875  -4.374  5.182   1.00 110.00 ? 8  DA B C8    1 
ATOM 33  N N7    . DA A 1 2  ? 31.816  -3.897  3.960   1.00 112.96 ? 8  DA B N7    1 
ATOM 34  C C5    . DA A 1 2  ? 31.925  -2.525  4.136   1.00 109.26 ? 8  DA B C5    1 
ATOM 35  C C6    . DA A 1 2  ? 31.931  -1.447  3.227   1.00 110.95 ? 8  DA B C6    1 
ATOM 36  N N6    . DA A 1 2  ? 31.815  -1.605  1.909   1.00 117.80 ? 8  DA B N6    1 
ATOM 37  N N1    . DA A 1 2  ? 32.062  -0.196  3.730   1.00 108.58 ? 8  DA B N1    1 
ATOM 38  C C2    . DA A 1 2  ? 32.178  -0.046  5.058   1.00 108.76 ? 8  DA B C2    1 
ATOM 39  N N3    . DA A 1 2  ? 32.182  -0.985  6.011   1.00 107.36 ? 8  DA B N3    1 
ATOM 40  C C4    . DA A 1 2  ? 32.052  -2.212  5.473   1.00 107.70 ? 8  DA B C4    1 
ATOM 41  P P     . DG A 1 3  ? 29.629  -4.025  11.239  1.00 138.79 ? 9  DG B P     1 
ATOM 42  O OP1   . DG A 1 3  ? 30.001  -4.025  12.678  1.00 153.22 ? 9  DG B OP1   1 
ATOM 43  O OP2   . DG A 1 3  ? 28.512  -4.879  10.787  1.00 148.63 ? 9  DG B OP2   1 
ATOM 44  O "O5'" . DG A 1 3  ? 29.377  -2.531  10.760  1.00 116.93 ? 9  DG B "O5'" 1 
ATOM 45  C "C5'" . DG A 1 3  ? 29.608  -1.504  11.682  1.00 126.34 ? 9  DG B "C5'" 1 
ATOM 46  C "C4'" . DG A 1 3  ? 29.133  -0.181  11.148  1.00 132.35 ? 9  DG B "C4'" 1 
ATOM 47  O "O4'" . DG A 1 3  ? 29.776  0.074   9.886   1.00 118.63 ? 9  DG B "O4'" 1 
ATOM 48  C "C3'" . DG A 1 3  ? 27.646  -0.102  10.850  1.00 132.70 ? 9  DG B "C3'" 1 
ATOM 49  O "O3'" . DG A 1 3  ? 26.900  0.225   12.053  1.00 132.57 ? 9  DG B "O3'" 1 
ATOM 50  C "C2'" . DG A 1 3  ? 27.589  1.004   9.804   1.00 124.70 ? 9  DG B "C2'" 1 
ATOM 51  C "C1'" . DG A 1 3  ? 28.909  0.822   9.061   1.00 123.12 ? 9  DG B "C1'" 1 
ATOM 52  N N9    . DG A 1 3  ? 28.790  0.109   7.812   1.00 119.58 ? 9  DG B N9    1 
ATOM 53  C C8    . DG A 1 3  ? 28.648  -1.244  7.637   1.00 119.82 ? 9  DG B C8    1 
ATOM 54  N N7    . DG A 1 3  ? 28.602  -1.597  6.376   1.00 119.23 ? 9  DG B N7    1 
ATOM 55  C C5    . DG A 1 3  ? 28.733  -0.394  5.685   1.00 117.16 ? 9  DG B C5    1 
ATOM 56  C C6    . DG A 1 3  ? 28.761  -0.125  4.286   1.00 118.48 ? 9  DG B C6    1 
ATOM 57  O O6    . DG A 1 3  ? 28.669  -0.931  3.337   1.00 116.83 ? 9  DG B O6    1 
ATOM 58  N N1    . DG A 1 3  ? 28.909  1.240   4.035   1.00 115.61 ? 9  DG B N1    1 
ATOM 59  C C2    . DG A 1 3  ? 29.015  2.213   5.010   1.00 112.60 ? 9  DG B C2    1 
ATOM 60  N N2    . DG A 1 3  ? 29.148  3.473   4.584   1.00 118.37 ? 9  DG B N2    1 
ATOM 61  N N3    . DG A 1 3  ? 28.992  1.972   6.306   1.00 113.72 ? 9  DG B N3    1 
ATOM 62  C C4    . DG A 1 3  ? 28.852  0.660   6.568   1.00 113.30 ? 9  DG B C4    1 
ATOM 63  P P     . DC A 1 4  ? 26.814  1.730   12.625  1.00 136.98 ? 10 DC B P     1 
ATOM 64  O OP1   . DC A 1 4  ? 28.133  2.394   12.593  1.00 150.72 ? 10 DC B OP1   1 
ATOM 65  O OP2   . DC A 1 4  ? 26.108  1.599   13.919  1.00 166.91 ? 10 DC B OP2   1 
ATOM 66  O "O5'" . DC A 1 4  ? 25.886  2.509   11.587  1.00 128.36 ? 10 DC B "O5'" 1 
ATOM 67  C "C5'" . DC A 1 4  ? 25.963  3.905   11.516  1.00 131.81 ? 10 DC B "C5'" 1 
ATOM 68  C "C4'" . DC A 1 4  ? 25.475  4.418   10.174  1.00 136.61 ? 10 DC B "C4'" 1 
ATOM 69  O "O4'" . DC A 1 4  ? 26.149  3.747   9.083   1.00 129.75 ? 10 DC B "O4'" 1 
ATOM 70  C "C3'" . DC A 1 4  ? 24.015  4.178   9.850   1.00 134.63 ? 10 DC B "C3'" 1 
ATOM 71  O "O3'" . DC A 1 4  ? 23.145  5.062   10.589  1.00 133.94 ? 10 DC B "O3'" 1 
ATOM 72  C "C2'" . DC A 1 4  ? 24.007  4.484   8.357   1.00 133.32 ? 10 DC B "C2'" 1 
ATOM 73  C "C1'" . DC A 1 4  ? 25.380  3.983   7.904   1.00 128.12 ? 10 DC B "C1'" 1 
ATOM 74  N N1    . DC A 1 4  ? 25.308  2.736   7.082   1.00 123.45 ? 10 DC B N1    1 
ATOM 75  C C2    . DC A 1 4  ? 25.558  2.804   5.696   1.00 120.30 ? 10 DC B C2    1 
ATOM 76  O O2    . DC A 1 4  ? 25.851  3.896   5.185   1.00 117.92 ? 10 DC B O2    1 
ATOM 77  N N3    . DC A 1 4  ? 25.483  1.665   4.956   1.00 114.90 ? 10 DC B N3    1 
ATOM 78  C C4    . DC A 1 4  ? 25.165  0.506   5.546   1.00 124.00 ? 10 DC B C4    1 
ATOM 79  N N4    . DC A 1 4  ? 25.108  -0.592  4.778   1.00 116.44 ? 10 DC B N4    1 
ATOM 80  C C5    . DC A 1 4  ? 24.894  0.421   6.953   1.00 122.71 ? 10 DC B C5    1 
ATOM 81  C C6    . DC A 1 4  ? 24.968  1.551   7.671   1.00 118.57 ? 10 DC B C6    1 
ATOM 82  P P     . DA A 1 5  ? 23.236  6.665   10.449  1.00 147.37 ? 11 DA B P     1 
ATOM 83  O OP1   . DA A 1 5  ? 24.365  7.131   9.616   1.00 160.98 ? 11 DA B OP1   1 
ATOM 84  O OP2   . DA A 1 5  ? 23.049  7.195   11.821  1.00 165.64 ? 11 DA B OP2   1 
ATOM 85  O "O5'" . DA A 1 5  ? 21.952  7.080   9.620   1.00 138.30 ? 11 DA B "O5'" 1 
ATOM 86  C "C5'" . DA A 1 5  ? 21.622  8.459   9.536   1.00 146.12 ? 11 DA B "C5'" 1 
ATOM 87  C "C4'" . DA A 1 5  ? 21.914  8.997   8.157   1.00 141.54 ? 11 DA B "C4'" 1 
ATOM 88  O "O4'" . DA A 1 5  ? 22.501  7.947   7.348   1.00 131.72 ? 11 DA B "O4'" 1 
ATOM 89  C "C3'" . DA A 1 5  ? 20.678  9.448   7.408   1.00 142.30 ? 11 DA B "C3'" 1 
ATOM 90  O "O3'" . DA A 1 5  ? 20.997  10.460  6.514   1.00 149.71 ? 11 DA B "O3'" 1 
ATOM 91  C "C2'" . DA A 1 5  ? 20.255  8.188   6.671   1.00 136.48 ? 11 DA B "C2'" 1 
ATOM 92  C "C1'" . DA A 1 5  ? 21.602  7.570   6.322   1.00 133.00 ? 11 DA B "C1'" 1 
ATOM 93  N N9    . DA A 1 5  ? 21.554  6.119   6.273   1.00 127.55 ? 11 DA B N9    1 
ATOM 94  C C8    . DA A 1 5  ? 21.192  5.279   7.288   1.00 125.13 ? 11 DA B C8    1 
ATOM 95  N N7    . DA A 1 5  ? 21.229  4.002   6.965   1.00 123.79 ? 11 DA B N7    1 
ATOM 96  C C5    . DA A 1 5  ? 21.629  4.007   5.640   1.00 118.82 ? 11 DA B C5    1 
ATOM 97  C C6    . DA A 1 5  ? 21.854  2.970   4.719   1.00 111.77 ? 11 DA B C6    1 
ATOM 98  N N6    . DA A 1 5  ? 21.706  1.678   5.016   1.00 110.12 ? 11 DA B N6    1 
ATOM 99  N N1    . DA A 1 5  ? 22.240  3.316   3.473   1.00 115.40 ? 11 DA B N1    1 
ATOM 100 C C2    . DA A 1 5  ? 22.391  4.620   3.176   1.00 120.30 ? 11 DA B C2    1 
ATOM 101 N N3    . DA A 1 5  ? 22.211  5.687   3.958   1.00 119.99 ? 11 DA B N3    1 
ATOM 102 C C4    . DA A 1 5  ? 21.828  5.307   5.192   1.00 124.00 ? 11 DA B C4    1 
ATOM 103 P P     . DG A 1 6  ? 19.802  11.246  5.801   1.00 155.51 ? 12 DG B P     1 
ATOM 104 O OP1   . DG A 1 6  ? 20.327  12.522  5.265   1.00 185.18 ? 12 DG B OP1   1 
ATOM 105 O OP2   . DG A 1 6  ? 18.705  11.228  6.792   1.00 153.37 ? 12 DG B OP2   1 
ATOM 106 O "O5'" . DG A 1 6  ? 19.408  10.309  4.575   1.00 136.36 ? 12 DG B "O5'" 1 
ATOM 107 C "C5'" . DG A 1 6  ? 20.359  10.046  3.568   1.00 136.27 ? 12 DG B "C5'" 1 
ATOM 108 C "C4'" . DG A 1 6  ? 19.739  9.207   2.482   1.00 139.59 ? 12 DG B "C4'" 1 
ATOM 109 O "O4'" . DG A 1 6  ? 19.807  7.806   2.860   1.00 133.72 ? 12 DG B "O4'" 1 
ATOM 110 C "C3'" . DG A 1 6  ? 18.253  9.496   2.227   1.00 139.08 ? 12 DG B "C3'" 1 
ATOM 111 O "O3'" . DG A 1 6  ? 17.978  9.407   0.838   1.00 144.26 ? 12 DG B "O3'" 1 
ATOM 112 C "C2'" . DG A 1 6  ? 17.563  8.372   2.982   1.00 128.81 ? 12 DG B "C2'" 1 
ATOM 113 C "C1'" . DG A 1 6  ? 18.530  7.239   2.707   1.00 126.81 ? 12 DG B "C1'" 1 
ATOM 114 N N9    . DG A 1 6  ? 18.382  6.131   3.630   1.00 119.38 ? 12 DG B N9    1 
ATOM 115 C C8    . DG A 1 6  ? 18.044  6.203   4.959   1.00 121.37 ? 12 DG B C8    1 
ATOM 116 N N7    . DG A 1 6  ? 17.967  5.034   5.538   1.00 114.51 ? 12 DG B N7    1 
ATOM 117 C C5    . DG A 1 6  ? 18.267  4.135   4.527   1.00 112.08 ? 12 DG B C5    1 
ATOM 118 C C6    . DG A 1 6  ? 18.344  2.725   4.559   1.00 112.28 ? 12 DG B C6    1 
ATOM 119 O O6    . DG A 1 6  ? 18.150  1.972   5.528   1.00 111.18 ? 12 DG B O6    1 
ATOM 120 N N1    . DG A 1 6  ? 18.683  2.199   3.310   1.00 110.48 ? 12 DG B N1    1 
ATOM 121 C C2    . DG A 1 6  ? 18.918  2.948   2.174   1.00 112.51 ? 12 DG B C2    1 
ATOM 122 N N2    . DG A 1 6  ? 19.228  2.262   1.061   1.00 112.42 ? 12 DG B N2    1 
ATOM 123 N N3    . DG A 1 6  ? 18.849  4.274   2.134   1.00 111.97 ? 12 DG B N3    1 
ATOM 124 C C4    . DG A 1 6  ? 18.522  4.795   3.339   1.00 113.68 ? 12 DG B C4    1 
ATOM 125 P P     . DA A 1 7  ? 16.686  10.134  0.221   1.00 150.10 ? 13 DA B P     1 
ATOM 126 O OP1   . DA A 1 7  ? 16.942  11.592  0.193   1.00 182.81 ? 13 DA B OP1   1 
ATOM 127 O OP2   . DA A 1 7  ? 15.515  9.606   0.950   1.00 146.40 ? 13 DA B OP2   1 
ATOM 128 O "O5'" . DA A 1 7  ? 16.629  9.607   -1.288  1.00 145.20 ? 13 DA B "O5'" 1 
ATOM 129 C "C5'" . DA A 1 7  ? 15.602  8.721   -1.696  1.00 140.89 ? 13 DA B "C5'" 1 
ATOM 130 C "C4'" . DA A 1 7  ? 16.150  7.327   -1.901  1.00 135.32 ? 13 DA B "C4'" 1 
ATOM 131 O "O4'" . DA A 1 7  ? 16.498  6.759   -0.631  1.00 125.77 ? 13 DA B "O4'" 1 
ATOM 132 C "C3'" . DA A 1 7  ? 15.165  6.354   -2.520  1.00 138.47 ? 13 DA B "C3'" 1 
ATOM 133 O "O3'" . DA A 1 7  ? 15.322  6.371   -3.927  1.00 151.13 ? 13 DA B "O3'" 1 
ATOM 134 C "C2'" . DA A 1 7  ? 15.556  4.992   -1.927  1.00 126.89 ? 13 DA B "C2'" 1 
ATOM 135 C "C1'" . DA A 1 7  ? 16.444  5.351   -0.731  1.00 126.63 ? 13 DA B "C1'" 1 
ATOM 136 N N9    . DA A 1 7  ? 15.981  4.811   0.546   1.00 121.52 ? 13 DA B N9    1 
ATOM 137 C C8    . DA A 1 7  ? 15.551  5.520   1.636   1.00 121.07 ? 13 DA B C8    1 
ATOM 138 N N7    . DA A 1 7  ? 15.216  4.765   2.662   1.00 109.65 ? 13 DA B N7    1 
ATOM 139 C C5    . DA A 1 7  ? 15.455  3.480   2.217   1.00 104.69 ? 13 DA B C5    1 
ATOM 140 C C6    . DA A 1 7  ? 15.307  2.229   2.833   1.00 100.95 ? 13 DA B C6    1 
ATOM 141 N N6    . DA A 1 7  ? 14.857  2.080   4.075   1.00 98.83  ? 13 DA B N6    1 
ATOM 142 N N1    . DA A 1 7  ? 15.633  1.134   2.117   1.00 101.67 ? 13 DA B N1    1 
ATOM 143 C C2    . DA A 1 7  ? 16.075  1.292   0.860   1.00 111.07 ? 13 DA B C2    1 
ATOM 144 N N3    . DA A 1 7  ? 16.258  2.420   0.170   1.00 113.72 ? 13 DA B N3    1 
ATOM 145 C C4    . DA A 1 7  ? 15.926  3.487   0.913   1.00 111.42 ? 13 DA B C4    1 
ATOM 146 P P     . DC A 1 8  ? 14.218  5.693   -4.872  1.00 168.99 ? 14 DC B P     1 
ATOM 147 O OP1   . DC A 1 8  ? 14.505  6.060   -6.278  1.00 180.73 ? 14 DC B OP1   1 
ATOM 148 O OP2   . DC A 1 8  ? 12.903  5.992   -4.270  1.00 188.88 ? 14 DC B OP2   1 
ATOM 149 O "O5'" . DC A 1 8  ? 14.462  4.132   -4.684  1.00 138.14 ? 14 DC B "O5'" 1 
ATOM 150 C "C5'" . DC A 1 8  ? 13.411  3.252   -4.909  1.00 129.65 ? 14 DC B "C5'" 1 
ATOM 151 C "C4'" . DC A 1 8  ? 13.523  2.040   -4.020  1.00 123.56 ? 14 DC B "C4'" 1 
ATOM 152 O "O4'" . DC A 1 8  ? 13.707  2.424   -2.651  1.00 120.75 ? 14 DC B "O4'" 1 
ATOM 153 C "C3'" . DC A 1 8  ? 12.281  1.195   -4.008  1.00 118.22 ? 14 DC B "C3'" 1 
ATOM 154 O "O3'" . DC A 1 8  ? 12.408  0.220   -4.961  1.00 126.35 ? 14 DC B "O3'" 1 
ATOM 155 C "C2'" . DC A 1 8  ? 12.233  0.590   -2.598  1.00 109.67 ? 14 DC B "C2'" 1 
ATOM 156 C "C1'" . DC A 1 8  ? 13.337  1.326   -1.848  1.00 109.29 ? 14 DC B "C1'" 1 
ATOM 157 N N1    . DC A 1 8  ? 12.911  1.828   -0.515  1.00 102.64 ? 14 DC B N1    1 
ATOM 158 C C2    . DC A 1 8  ? 12.636  0.916   0.530   1.00 103.71 ? 14 DC B C2    1 
ATOM 159 O O2    . DC A 1 8  ? 12.743  -0.302  0.327   1.00 104.12 ? 14 DC B O2    1 
ATOM 160 N N3    . DC A 1 8  ? 12.263  1.399   1.740   1.00 97.73  ? 14 DC B N3    1 
ATOM 161 C C4    . DC A 1 8  ? 12.161  2.719   1.925   1.00 106.51 ? 14 DC B C4    1 
ATOM 162 N N4    . DC A 1 8  ? 11.786  3.151   3.137   1.00 103.72 ? 14 DC B N4    1 
ATOM 163 C C5    . DC A 1 8  ? 12.436  3.656   0.877   1.00 102.85 ? 14 DC B C5    1 
ATOM 164 C C6    . DC A 1 8  ? 12.806  3.168   -0.310  1.00 107.00 ? 14 DC B C6    1 
ATOM 165 P P     . DG A 1 9  ? 11.092  -0.481  -5.518  1.00 142.85 ? 15 DG B P     1 
ATOM 166 O OP1   . DG A 1 9  ? 11.414  -1.290  -6.714  1.00 176.97 ? 15 DG B OP1   1 
ATOM 167 O OP2   . DG A 1 9  ? 10.102  0.615   -5.593  1.00 168.97 ? 15 DG B OP2   1 
ATOM 168 O "O5'" . DG A 1 9  ? 10.702  -1.494  -4.357  1.00 115.75 ? 15 DG B "O5'" 1 
ATOM 169 C "C5'" . DG A 1 9  ? 11.544  -2.570  -4.080  1.00 108.90 ? 15 DG B "C5'" 1 
ATOM 170 C "C4'" . DG A 1 9  ? 11.053  -3.319  -2.865  1.00 112.58 ? 15 DG B "C4'" 1 
ATOM 171 O "O4'" . DG A 1 9  ? 11.010  -2.434  -1.722  1.00 109.63 ? 15 DG B "O4'" 1 
ATOM 172 C "C3'" . DG A 1 9  ? 9.655   -3.903  -2.993  1.00 105.23 ? 15 DG B "C3'" 1 
ATOM 173 O "O3'" . DG A 1 9  ? 9.723   -5.249  -2.688  1.00 102.57 ? 15 DG B "O3'" 1 
ATOM 174 C "C2'" . DG A 1 9  ? 8.827   -3.133  -1.946  1.00 104.29 ? 15 DG B "C2'" 1 
ATOM 175 C "C1'" . DG A 1 9  ? 9.897   -2.777  -0.935  1.00 101.11 ? 15 DG B "C1'" 1 
ATOM 176 N N9    . DG A 1 9  ? 9.596   -1.634  -0.055  1.00 93.01  ? 15 DG B N9    1 
ATOM 177 C C8    . DG A 1 9  ? 9.572   -0.295  -0.396  1.00 98.50  ? 15 DG B C8    1 
ATOM 178 N N7    . DG A 1 9  ? 9.317   0.499   0.611   1.00 87.10  ? 15 DG B N7    1 
ATOM 179 C C5    . DG A 1 9  ? 9.189   -0.362  1.685   1.00 83.37  ? 15 DG B C5    1 
ATOM 180 C C6    . DG A 1 9  ? 8.929   -0.079  3.031   1.00 80.60  ? 15 DG B C6    1 
ATOM 181 O O6    . DG A 1 9  ? 8.751   1.030   3.548   1.00 83.01  ? 15 DG B O6    1 
ATOM 182 N N1    . DG A 1 9  ? 8.876   -1.240  3.808   1.00 79.70  ? 15 DG B N1    1 
ATOM 183 C C2    . DG A 1 9  ? 9.064   -2.518  3.325   1.00 84.69  ? 15 DG B C2    1 
ATOM 184 N N2    . DG A 1 9  ? 8.989   -3.520  4.219   1.00 85.40  ? 15 DG B N2    1 
ATOM 185 N N3    . DG A 1 9  ? 9.319   -2.794  2.054   1.00 90.07  ? 15 DG B N3    1 
ATOM 186 C C4    . DG A 1 9  ? 9.364   -1.675  1.296   1.00 87.79  ? 15 DG B C4    1 
ATOM 187 P P     . DT A 1 10 ? 8.386   -6.117  -2.696  1.00 117.07 ? 16 DT B P     1 
ATOM 188 O OP1   . DT A 1 10 ? 8.731   -7.535  -2.934  1.00 134.96 ? 16 DT B OP1   1 
ATOM 189 O OP2   . DT A 1 10 ? 7.441   -5.411  -3.596  1.00 113.07 ? 16 DT B OP2   1 
ATOM 190 O "O5'" . DT A 1 10 ? 7.900   -6.038  -1.196  1.00 106.95 ? 16 DT B "O5'" 1 
ATOM 191 C "C5'" . DT A 1 10 ? 8.610   -6.733  -0.208  1.00 109.73 ? 16 DT B "C5'" 1 
ATOM 192 C "C4'" . DT A 1 10 ? 7.660   -7.195  0.865   1.00 108.56 ? 16 DT B "C4'" 1 
ATOM 193 O "O4'" . DT A 1 10 ? 7.429   -6.105  1.803   1.00 110.79 ? 16 DT B "O4'" 1 
ATOM 194 C "C3'" . DT A 1 10 ? 6.296   -7.592  0.337   1.00 102.31 ? 16 DT B "C3'" 1 
ATOM 195 O "O3'" . DT A 1 10 ? 5.761   -8.621  1.122   1.00 107.62 ? 16 DT B "O3'" 1 
ATOM 196 C "C2'" . DT A 1 10 ? 5.497   -6.302  0.485   1.00 104.14 ? 16 DT B "C2'" 1 
ATOM 197 C "C1'" . DT A 1 10 ? 6.068   -5.743  1.785   1.00 101.57 ? 16 DT B "C1'" 1 
ATOM 198 N N1    . DT A 1 10 ? 5.942   -4.235  1.917   1.00 87.26  ? 16 DT B N1    1 
ATOM 199 C C2    . DT A 1 10 ? 5.667   -3.684  3.158   1.00 85.17  ? 16 DT B C2    1 
ATOM 200 O O2    . DT A 1 10 ? 5.537   -4.350  4.176   1.00 85.31  ? 16 DT B O2    1 
ATOM 201 N N3    . DT A 1 10 ? 5.548   -2.316  3.165   1.00 79.45  ? 16 DT B N3    1 
ATOM 202 C C4    . DT A 1 10 ? 5.671   -1.460  2.079   1.00 83.50  ? 16 DT B C4    1 
ATOM 203 O O4    . DT A 1 10 ? 5.549   -0.240  2.181   1.00 78.74  ? 16 DT B O4    1 
ATOM 204 C C5    . DT A 1 10 ? 5.953   -2.099  0.819   1.00 81.68  ? 16 DT B C5    1 
ATOM 205 C C7    . DT A 1 10 ? 6.106   -1.268  -0.412  1.00 80.99  ? 16 DT B C7    1 
ATOM 206 C C6    . DT A 1 10 ? 6.066   -3.438  0.793   1.00 87.79  ? 16 DT B C6    1 
ATOM 207 P P     . DG A 1 11 ? 4.435   -9.386  0.629   1.00 123.46 ? 17 DG B P     1 
ATOM 208 O OP1   . DG A 1 11 ? 4.904   -10.531 -0.190  1.00 119.54 ? 17 DG B OP1   1 
ATOM 209 O OP2   . DG A 1 11 ? 3.466   -8.390  0.081   1.00 101.10 ? 17 DG B OP2   1 
ATOM 210 O "O5'" . DG A 1 11 ? 3.814   -9.973  1.981   1.00 114.35 ? 17 DG B "O5'" 1 
ATOM 211 C "C5'" . DG A 1 11 ? 4.058   -9.314  3.202   1.00 108.00 ? 17 DG B "C5'" 1 
ATOM 212 C "C4'" . DG A 1 11 ? 2.794   -9.192  4.040   1.00 97.38  ? 17 DG B "C4'" 1 
ATOM 213 O "O4'" . DG A 1 11 ? 2.550   -7.802  4.347   1.00 96.81  ? 17 DG B "O4'" 1 
ATOM 214 C "C3'" . DG A 1 11 ? 1.505   -9.711  3.426   1.00 93.48  ? 17 DG B "C3'" 1 
ATOM 215 O "O3'" . DG A 1 11 ? 0.698   -10.218 4.489   1.00 89.32  ? 17 DG B "O3'" 1 
ATOM 216 C "C2'" . DG A 1 11 ? 0.920   -8.461  2.775   1.00 81.83  ? 17 DG B "C2'" 1 
ATOM 217 C "C1'" . DG A 1 11 ? 1.372   -7.361  3.727   1.00 85.23  ? 17 DG B "C1'" 1 
ATOM 218 N N9    . DG A 1 11 ? 1.672   -6.100  3.062   1.00 79.57  ? 17 DG B N9    1 
ATOM 219 C C8    . DG A 1 11 ? 1.963   -5.925  1.744   1.00 78.98  ? 17 DG B C8    1 
ATOM 220 N N7    . DG A 1 11 ? 2.170   -4.677  1.422   1.00 73.30  ? 17 DG B N7    1 
ATOM 221 C C5    . DG A 1 11 ? 2.009   -3.987  2.601   1.00 74.08  ? 17 DG B C5    1 
ATOM 222 C C6    . DG A 1 11 ? 2.129   -2.608  2.863   1.00 72.93  ? 17 DG B C6    1 
ATOM 223 O O6    . DG A 1 11 ? 2.405   -1.707  2.071   1.00 75.34  ? 17 DG B O6    1 
ATOM 224 N N1    . DG A 1 11 ? 1.902   -2.310  4.189   1.00 68.19  ? 17 DG B N1    1 
ATOM 225 C C2    . DG A 1 11 ? 1.594   -3.231  5.148   1.00 71.46  ? 17 DG B C2    1 
ATOM 226 N N2    . DG A 1 11 ? 1.407   -2.745  6.377   1.00 73.88  ? 17 DG B N2    1 
ATOM 227 N N3    . DG A 1 11 ? 1.478   -4.537  4.926   1.00 75.60  ? 17 DG B N3    1 
ATOM 228 C C4    . DG A 1 11 ? 1.704   -4.839  3.630   1.00 76.59  ? 17 DG B C4    1 
ATOM 229 P P     . DA A 1 12 ? -0.875  -10.516 4.337   1.00 96.30  ? 18 DA B P     1 
ATOM 230 O OP1   . DA A 1 12 ? -1.120  -11.717 5.182   1.00 83.47  ? 18 DA B OP1   1 
ATOM 231 O OP2   . DA A 1 12 ? -1.335  -10.439 2.932   1.00 97.73  ? 18 DA B OP2   1 
ATOM 232 O "O5'" . DA A 1 12 ? -1.537  -9.286  5.087   1.00 93.68  ? 18 DA B "O5'" 1 
ATOM 233 C "C5'" . DA A 1 12 ? -1.150  -9.046  6.429   1.00 91.50  ? 18 DA B "C5'" 1 
ATOM 234 C "C4'" . DA A 1 12 ? -1.958  -7.925  7.017   1.00 88.01  ? 18 DA B "C4'" 1 
ATOM 235 O "O4'" . DA A 1 12 ? -1.592  -6.672  6.389   1.00 74.24  ? 18 DA B "O4'" 1 
ATOM 236 C "C3'" . DA A 1 12 ? -3.447  -8.083  6.834   1.00 91.24  ? 18 DA B "C3'" 1 
ATOM 237 O "O3'" . DA A 1 12 ? -4.087  -7.807  8.078   1.00 93.00  ? 18 DA B "O3'" 1 
ATOM 238 C "C2'" . DA A 1 12 ? -3.773  -7.068  5.722   1.00 83.47  ? 18 DA B "C2'" 1 
ATOM 239 C "C1'" . DA A 1 12 ? -2.716  -6.004  5.919   1.00 66.82  ? 18 DA B "C1'" 1 
ATOM 240 N N9    . DA A 1 12 ? -2.297  -5.358  4.699   1.00 70.94  ? 18 DA B N9    1 
ATOM 241 C C8    . DA A 1 12 ? -1.982  -5.964  3.529   1.00 76.02  ? 18 DA B C8    1 
ATOM 242 N N7    . DA A 1 12 ? -1.588  -5.126  2.590   1.00 72.63  ? 18 DA B N7    1 
ATOM 243 C C5    . DA A 1 12 ? -1.615  -3.891  3.204   1.00 70.53  ? 18 DA B C5    1 
ATOM 244 C C6    . DA A 1 12 ? -1.301  -2.587  2.748   1.00 65.39  ? 18 DA B C6    1 
ATOM 245 N N6    . DA A 1 12 ? -0.883  -2.305  1.511   1.00 64.55  ? 18 DA B N6    1 
ATOM 246 N N1    . DA A 1 12 ? -1.452  -1.580  3.617   1.00 67.93  ? 18 DA B N1    1 
ATOM 247 C C2    . DA A 1 12 ? -1.881  -1.862  4.855   1.00 69.59  ? 18 DA B C2    1 
ATOM 248 N N3    . DA A 1 12 ? -2.200  -3.040  5.397   1.00 70.11  ? 18 DA B N3    1 
ATOM 249 C C4    . DA A 1 12 ? -2.046  -4.019  4.510   1.00 69.19  ? 18 DA B C4    1 
ATOM 250 P P     . DC A 1 13 ? -5.672  -7.597  8.170   1.00 98.68  ? 19 DC B P     1 
ATOM 251 O OP1   . DC A 1 13 ? -5.915  -7.530  9.639   1.00 87.53  ? 19 DC B OP1   1 
ATOM 252 O OP2   . DC A 1 13 ? -6.340  -8.592  7.300   1.00 87.06  ? 19 DC B OP2   1 
ATOM 253 O "O5'" . DC A 1 13 ? -5.889  -6.158  7.525   1.00 72.74  ? 19 DC B "O5'" 1 
ATOM 254 C "C5'" . DC A 1 13 ? -5.178  -5.117  8.063   1.00 76.07  ? 19 DC B "C5'" 1 
ATOM 255 C "C4'" . DC A 1 13 ? -5.926  -3.853  7.867   1.00 80.83  ? 19 DC B "C4'" 1 
ATOM 256 O "O4'" . DC A 1 13 ? -5.331  -3.102  6.775   1.00 80.35  ? 19 DC B "O4'" 1 
ATOM 257 C "C3'" . DC A 1 13 ? -7.360  -4.062  7.467   1.00 84.47  ? 19 DC B "C3'" 1 
ATOM 258 O "O3'" . DC A 1 13 ? -8.110  -2.925  7.884   1.00 91.91  ? 19 DC B "O3'" 1 
ATOM 259 C "C2'" . DC A 1 13 ? -7.227  -4.119  5.959   1.00 77.01  ? 19 DC B "C2'" 1 
ATOM 260 C "C1'" . DC A 1 13 ? -6.269  -2.960  5.767   1.00 68.33  ? 19 DC B "C1'" 1 
ATOM 261 N N1    . DC A 1 13 ? -5.593  -2.946  4.460   1.00 68.21  ? 19 DC B N1    1 
ATOM 262 C C2    . DC A 1 13 ? -5.196  -1.727  3.920   1.00 66.30  ? 19 DC B C2    1 
ATOM 263 O O2    . DC A 1 13 ? -5.376  -0.700  4.577   1.00 67.00  ? 19 DC B O2    1 
ATOM 264 N N3    . DC A 1 13 ? -4.614  -1.707  2.702   1.00 65.79  ? 19 DC B N3    1 
ATOM 265 C C4    . DC A 1 13 ? -4.432  -2.851  2.038   1.00 65.36  ? 19 DC B C4    1 
ATOM 266 N N4    . DC A 1 13 ? -3.858  -2.785  0.845   1.00 70.39  ? 19 DC B N4    1 
ATOM 267 C C5    . DC A 1 13 ? -4.835  -4.106  2.567   1.00 69.38  ? 19 DC B C5    1 
ATOM 268 C C6    . DC A 1 13 ? -5.413  -4.109  3.768   1.00 69.53  ? 19 DC B C6    1 
ATOM 269 P P     . DG A 1 14 ? -9.689  -3.043  8.105   1.00 87.91  ? 20 DG B P     1 
ATOM 270 O OP1   . DG A 1 14 ? -9.906  -3.217  9.560   1.00 87.22  ? 20 DG B OP1   1 
ATOM 271 O OP2   . DG A 1 14 ? -10.169 -4.096  7.160   1.00 85.06  ? 20 DG B OP2   1 
ATOM 272 O "O5'" . DG A 1 14 ? -10.189 -1.608  7.681   1.00 78.45  ? 20 DG B "O5'" 1 
ATOM 273 C "C5'" . DG A 1 14 ? -9.593  -0.536  8.279   1.00 77.14  ? 20 DG B "C5'" 1 
ATOM 274 C "C4'" . DG A 1 14 ? -9.366  0.525   7.260   1.00 81.76  ? 20 DG B "C4'" 1 
ATOM 275 O "O4'" . DG A 1 14 ? -8.645  -0.043  6.152   1.00 80.19  ? 20 DG B "O4'" 1 
ATOM 276 C "C3'" . DG A 1 14 ? -10.652 1.090   6.661   1.00 92.68  ? 20 DG B "C3'" 1 
ATOM 277 O "O3'" . DG A 1 14 ? -10.622 2.504   6.691   1.00 99.74  ? 20 DG B "O3'" 1 
ATOM 278 C "C2'" . DG A 1 14 ? -10.632 0.575   5.231   1.00 86.69  ? 20 DG B "C2'" 1 
ATOM 279 C "C1'" . DG A 1 14 ? -9.145  0.533   4.981   1.00 77.08  ? 20 DG B "C1'" 1 
ATOM 280 N N9    . DG A 1 14 ? -8.778  -0.302  3.844   1.00 71.78  ? 20 DG B N9    1 
ATOM 281 C C8    . DG A 1 14 ? -8.929  -1.666  3.739   1.00 71.28  ? 20 DG B C8    1 
ATOM 282 N N7    . DG A 1 14 ? -8.514  -2.146  2.601   1.00 65.41  ? 20 DG B N7    1 
ATOM 283 C C5    . DG A 1 14 ? -8.061  -1.028  1.919   1.00 68.31  ? 20 DG B C5    1 
ATOM 284 C C6    . DG A 1 14 ? -7.509  -0.932  0.627   1.00 72.17  ? 20 DG B C6    1 
ATOM 285 O O6    . DG A 1 14 ? -7.312  -1.871  -0.181  1.00 73.40  ? 20 DG B O6    1 
ATOM 286 N N1    . DG A 1 14 ? -7.179  0.398   0.297   1.00 65.61  ? 20 DG B N1    1 
ATOM 287 C C2    . DG A 1 14 ? -7.370  1.482   1.131   1.00 71.33  ? 20 DG B C2    1 
ATOM 288 N N2    . DG A 1 14 ? -6.994  2.693   0.655   1.00 68.78  ? 20 DG B N2    1 
ATOM 289 N N3    . DG A 1 14 ? -7.902  1.391   2.348   1.00 68.89  ? 20 DG B N3    1 
ATOM 290 C C4    . DG A 1 14 ? -8.218  0.117   2.667   1.00 67.44  ? 20 DG B C4    1 
ATOM 291 P P     . DA A 1 15 ? -11.949 3.302   6.295   1.00 104.32 ? 21 DA B P     1 
ATOM 292 O OP1   . DA A 1 15 ? -11.847 4.719   6.753   1.00 88.09  ? 21 DA B OP1   1 
ATOM 293 O OP2   . DA A 1 15 ? -13.072 2.398   6.659   1.00 92.39  ? 21 DA B OP2   1 
ATOM 294 O "O5'" . DA A 1 15 ? -11.920 3.247   4.720   1.00 89.00  ? 21 DA B "O5'" 1 
ATOM 295 C "C5'" . DA A 1 15 ? -12.605 4.181   4.021   1.00 89.19  ? 21 DA B "C5'" 1 
ATOM 296 C "C4'" . DA A 1 15 ? -11.681 5.270   3.543   1.00 89.31  ? 21 DA B "C4'" 1 
ATOM 297 O "O4'" . DA A 1 15 ? -10.459 4.681   3.042   1.00 87.13  ? 21 DA B "O4'" 1 
ATOM 298 C "C3'" . DA A 1 15 ? -12.271 6.017   2.378   1.00 89.53  ? 21 DA B "C3'" 1 
ATOM 299 O "O3'" . DA A 1 15 ? -11.852 7.317   2.334   1.00 92.09  ? 21 DA B "O3'" 1 
ATOM 300 C "C2'" . DA A 1 15 ? -11.807 5.240   1.155   1.00 87.87  ? 21 DA B "C2'" 1 
ATOM 301 C "C1'" . DA A 1 15 ? -10.566 4.501   1.628   1.00 87.74  ? 21 DA B "C1'" 1 
ATOM 302 N N9    . DA A 1 15 ? -10.619 3.068   1.309   1.00 75.97  ? 21 DA B N9    1 
ATOM 303 C C8    . DA A 1 15 ? -10.985 2.050   2.131   1.00 79.21  ? 21 DA B C8    1 
ATOM 304 N N7    . DA A 1 15 ? -10.932 0.867   1.574   1.00 71.70  ? 21 DA B N7    1 
ATOM 305 C C5    . DA A 1 15 ? -10.513 1.125   0.301   1.00 67.21  ? 21 DA B C5    1 
ATOM 306 C C6    . DA A 1 15 ? -10.255 0.278   -0.781  1.00 63.86  ? 21 DA B C6    1 
ATOM 307 N N6    . DA A 1 15 ? -10.408 -1.050  -0.733  1.00 62.11  ? 21 DA B N6    1 
ATOM 308 N N1    . DA A 1 15 ? -9.840  0.844   -1.914  1.00 61.58  ? 21 DA B N1    1 
ATOM 309 C C2    . DA A 1 15 ? -9.710  2.186   -1.958  1.00 72.46  ? 21 DA B C2    1 
ATOM 310 N N3    . DA A 1 15 ? -9.919  3.090   -1.000  1.00 71.17  ? 21 DA B N3    1 
ATOM 311 C C4    . DA A 1 15 ? -10.321 2.483   0.114   1.00 69.17  ? 21 DA B C4    1 
ATOM 312 P P     . DC A 1 16 ? -12.843 8.356   1.635   1.00 113.73 ? 22 DC B P     1 
ATOM 313 O OP1   . DC A 1 16 ? -12.221 9.705   1.645   1.00 110.12 ? 22 DC B OP1   1 
ATOM 314 O OP2   . DC A 1 16 ? -14.193 8.058   2.202   1.00 103.00 ? 22 DC B OP2   1 
ATOM 315 O "O5'" . DC A 1 16 ? -12.871 7.869   0.118   1.00 102.44 ? 22 DC B "O5'" 1 
ATOM 316 C "C5'" . DC A 1 16 ? -11.749 8.098   -0.710  1.00 95.31  ? 22 DC B "C5'" 1 
ATOM 317 C "C4'" . DC A 1 16 ? -11.968 7.430   -2.037  1.00 90.41  ? 22 DC B "C4'" 1 
ATOM 318 O "O4'" . DC A 1 16 ? -11.894 6.004   -1.891  1.00 83.36  ? 22 DC B "O4'" 1 
ATOM 319 C "C3'" . DC A 1 16 ? -13.335 7.691   -2.631  1.00 89.64  ? 22 DC B "C3'" 1 
ATOM 320 O "O3'" . DC A 1 16 ? -13.190 8.680   -3.626  1.00 99.64  ? 22 DC B "O3'" 1 
ATOM 321 C "C2'" . DC A 1 16 ? -13.777 6.314   -3.200  1.00 86.29  ? 22 DC B "C2'" 1 
ATOM 322 C "C1'" . DC A 1 16 ? -12.545 5.443   -2.982  1.00 74.91  ? 22 DC B "C1'" 1 
ATOM 323 N N1    . DC A 1 16 ? -12.810 4.032   -2.663  1.00 64.42  ? 22 DC B N1    1 
ATOM 324 C C2    . DC A 1 16 ? -12.549 3.051   -3.613  1.00 70.24  ? 22 DC B C2    1 
ATOM 325 O O2    . DC A 1 16 ? -12.148 3.404   -4.722  1.00 72.52  ? 22 DC B O2    1 
ATOM 326 N N3    . DC A 1 16 ? -12.759 1.730   -3.299  1.00 66.12  ? 22 DC B N3    1 
ATOM 327 C C4    . DC A 1 16 ? -13.197 1.410   -2.076  1.00 63.56  ? 22 DC B C4    1 
ATOM 328 N N4    . DC A 1 16 ? -13.413 0.122   -1.786  1.00 60.27  ? 22 DC B N4    1 
ATOM 329 C C5    . DC A 1 16 ? -13.447 2.407   -1.094  1.00 72.37  ? 22 DC B C5    1 
ATOM 330 C C6    . DC A 1 16 ? -13.233 3.693   -1.430  1.00 72.74  ? 22 DC B C6    1 
ATOM 331 P P     . DA A 1 17 ? -14.466 9.269   -4.386  1.00 117.44 ? 23 DA B P     1 
ATOM 332 O OP1   . DA A 1 17 ? -14.110 10.614  -4.915  1.00 116.97 ? 23 DA B OP1   1 
ATOM 333 O OP2   . DA A 1 17 ? -15.651 9.028   -3.520  1.00 114.28 ? 23 DA B OP2   1 
ATOM 334 O "O5'" . DA A 1 17 ? -14.580 8.308   -5.630  1.00 99.52  ? 23 DA B "O5'" 1 
ATOM 335 C "C5'" . DA A 1 17 ? -13.476 8.152   -6.459  1.00 93.14  ? 23 DA B "C5'" 1 
ATOM 336 C "C4'" . DA A 1 17 ? -13.883 7.428   -7.713  1.00 93.54  ? 23 DA B "C4'" 1 
ATOM 337 O "O4'" . DA A 1 17 ? -13.980 6.003   -7.457  1.00 91.78  ? 23 DA B "O4'" 1 
ATOM 338 C "C3'" . DA A 1 17 ? -15.235 7.818   -8.265  1.00 92.59  ? 23 DA B "C3'" 1 
ATOM 339 O "O3'" . DA A 1 17 ? -15.212 7.577   -9.634  1.00 94.58  ? 23 DA B "O3'" 1 
ATOM 340 C "C2'" . DA A 1 17 ? -16.167 6.847   -7.544  1.00 88.35  ? 23 DA B "C2'" 1 
ATOM 341 C "C1'" . DA A 1 17 ? -15.324 5.582   -7.569  1.00 86.37  ? 23 DA B "C1'" 1 
ATOM 342 N N9    . DA A 1 17 ? -15.584 4.678   -6.470  1.00 81.07  ? 23 DA B N9    1 
ATOM 343 C C8    . DA A 1 17 ? -15.979 5.011   -5.212  1.00 82.84  ? 23 DA B C8    1 
ATOM 344 N N7    . DA A 1 17 ? -16.118 3.971   -4.414  1.00 79.24  ? 23 DA B N7    1 
ATOM 345 C C5    . DA A 1 17 ? -15.779 2.892   -5.212  1.00 73.60  ? 23 DA B C5    1 
ATOM 346 C C6    . DA A 1 17 ? -15.714 1.500   -4.957  1.00 71.22  ? 23 DA B C6    1 
ATOM 347 N N6    . DA A 1 17 ? -16.014 0.957   -3.776  1.00 74.54  ? 23 DA B N6    1 
ATOM 348 N N1    . DA A 1 17 ? -15.325 0.695   -5.965  1.00 66.01  ? 23 DA B N1    1 
ATOM 349 C C2    . DA A 1 17 ? -15.031 1.260   -7.145  1.00 75.41  ? 23 DA B C2    1 
ATOM 350 N N3    . DA A 1 17 ? -15.061 2.556   -7.501  1.00 75.03  ? 23 DA B N3    1 
ATOM 351 C C4    . DA A 1 17 ? -15.443 3.317   -6.479  1.00 74.46  ? 23 DA B C4    1 
ATOM 352 P P     . DC A 1 18 ? -16.357 8.162   -10.581 1.00 109.28 ? 24 DC B P     1 
ATOM 353 O OP1   . DC A 1 18 ? -15.681 8.975   -11.625 1.00 104.36 ? 24 DC B OP1   1 
ATOM 354 O OP2   . DC A 1 18 ? -17.437 8.711   -9.706  1.00 95.52  ? 24 DC B OP2   1 
ATOM 355 O "O5'" . DC A 1 18 ? -16.912 6.849   -11.266 1.00 100.99 ? 24 DC B "O5'" 1 
ATOM 356 C "C5'" . DC A 1 18 ? -16.943 5.690   -10.505 1.00 93.22  ? 24 DC B "C5'" 1 
ATOM 357 C "C4'" . DC A 1 18 ? -17.142 4.491   -11.361 1.00 99.34  ? 24 DC B "C4'" 1 
ATOM 358 O "O4'" . DC A 1 18 ? -16.963 3.329   -10.531 1.00 94.23  ? 24 DC B "O4'" 1 
ATOM 359 C "C3'" . DC A 1 18 ? -18.541 4.391   -11.950 1.00 109.58 ? 24 DC B "C3'" 1 
ATOM 360 O "O3'" . DC A 1 18 ? -18.511 3.750   -13.226 1.00 115.84 ? 24 DC B "O3'" 1 
ATOM 361 C "C2'" . DC A 1 18 ? -19.301 3.576   -10.911 1.00 93.44  ? 24 DC B "C2'" 1 
ATOM 362 C "C1'" . DC A 1 18 ? -18.205 2.725   -10.264 1.00 89.09  ? 24 DC B "C1'" 1 
ATOM 363 N N1    . DC A 1 18 ? -18.374 2.602   -8.798  1.00 83.46  ? 24 DC B N1    1 
ATOM 364 C C2    . DC A 1 18 ? -18.322 1.333   -8.201  1.00 81.81  ? 24 DC B C2    1 
ATOM 365 O O2    . DC A 1 18 ? -18.087 0.343   -8.908  1.00 81.26  ? 24 DC B O2    1 
ATOM 366 N N3    . DC A 1 18 ? -18.522 1.222   -6.870  1.00 78.59  ? 24 DC B N3    1 
ATOM 367 C C4    . DC A 1 18 ? -18.775 2.302   -6.159  1.00 75.05  ? 24 DC B C4    1 
ATOM 368 N N4    . DC A 1 18 ? -18.962 2.143   -4.855  1.00 79.12  ? 24 DC B N4    1 
ATOM 369 C C5    . DC A 1 18 ? -18.841 3.600   -6.744  1.00 75.82  ? 24 DC B C5    1 
ATOM 370 C C6    . DC A 1 18 ? -18.639 3.703   -8.057  1.00 76.91  ? 24 DC B C6    1 
ATOM 371 P P     . DT A 1 19 ? -19.834 3.719   -14.133 1.00 124.69 ? 25 DT B P     1 
ATOM 372 O OP1   . DT A 1 19 ? -19.379 3.803   -15.541 1.00 121.16 ? 25 DT B OP1   1 
ATOM 373 O OP2   . DT A 1 19 ? -20.811 4.678   -13.573 1.00 149.70 ? 25 DT B OP2   1 
ATOM 374 O "O5'" . DT A 1 19 ? -20.422 2.275   -13.859 1.00 101.21 ? 25 DT B "O5'" 1 
ATOM 375 C "C5'" . DT A 1 19 ? -19.561 1.195   -13.955 1.00 100.91 ? 25 DT B "C5'" 1 
ATOM 376 C "C4'" . DT A 1 19 ? -20.175 0.006   -13.295 1.00 102.38 ? 25 DT B "C4'" 1 
ATOM 377 O "O4'" . DT A 1 19 ? -20.246 0.228   -11.880 1.00 88.65  ? 25 DT B "O4'" 1 
ATOM 378 C "C3'" . DT A 1 19 ? -21.611 -0.285  -13.734 1.00 104.80 ? 25 DT B "C3'" 1 
ATOM 379 O "O3'" . DT A 1 19 ? -21.673 -1.591  -14.246 1.00 111.71 ? 25 DT B "O3'" 1 
ATOM 380 C "C2'" . DT A 1 19 ? -22.420 -0.154  -12.437 1.00 106.30 ? 25 DT B "C2'" 1 
ATOM 381 C "C1'" . DT A 1 19 ? -21.355 -0.477  -11.427 1.00 88.41  ? 25 DT B "C1'" 1 
ATOM 382 N N1    . DT A 1 19 ? -21.621 -0.063  -10.045 1.00 84.06  ? 25 DT B N1    1 
ATOM 383 C C2    . DT A 1 19 ? -21.686 -1.037  -9.079  1.00 83.71  ? 25 DT B C2    1 
ATOM 384 O O2    . DT A 1 19 ? -21.581 -2.232  -9.326  1.00 86.87  ? 25 DT B O2    1 
ATOM 385 N N3    . DT A 1 19 ? -21.891 -0.573  -7.811  1.00 78.84  ? 25 DT B N3    1 
ATOM 386 C C4    . DT A 1 19 ? -22.010 0.739   -7.420  1.00 78.18  ? 25 DT B C4    1 
ATOM 387 O O4    . DT A 1 19 ? -22.179 1.058   -6.262  1.00 79.29  ? 25 DT B O4    1 
ATOM 388 C C5    . DT A 1 19 ? -21.919 1.709   -8.469  1.00 81.01  ? 25 DT B C5    1 
ATOM 389 C C7    . DT A 1 19 ? -22.050 3.163   -8.133  1.00 81.05  ? 25 DT B C7    1 
ATOM 390 C C6    . DT A 1 19 ? -21.719 1.273   -9.728  1.00 87.00  ? 25 DT B C6    1 
ATOM 391 P P     . DC A 1 20 ? -22.886 -2.028  -15.198 1.00 118.75 ? 26 DC B P     1 
ATOM 392 O OP1   . DC A 1 20 ? -22.350 -2.764  -16.367 1.00 117.03 ? 26 DC B OP1   1 
ATOM 393 O OP2   . DC A 1 20 ? -23.729 -0.827  -15.413 1.00 106.76 ? 26 DC B OP2   1 
ATOM 394 O "O5'" . DC A 1 20 ? -23.641 -3.072  -14.288 1.00 107.81 ? 26 DC B "O5'" 1 
ATOM 395 C "C5'" . DC A 1 20 ? -22.914 -3.762  -13.310 1.00 109.28 ? 26 DC B "C5'" 1 
ATOM 396 C "C4'" . DC A 1 20 ? -23.869 -4.472  -12.393 1.00 120.05 ? 26 DC B "C4'" 1 
ATOM 397 O "O4'" . DC A 1 20 ? -23.996 -3.743  -11.139 1.00 118.69 ? 26 DC B "O4'" 1 
ATOM 398 C "C3'" . DC A 1 20 ? -25.288 -4.585  -12.941 1.00 130.17 ? 26 DC B "C3'" 1 
ATOM 399 O "O3'" . DC A 1 20 ? -25.844 -5.790  -12.473 1.00 146.71 ? 26 DC B "O3'" 1 
ATOM 400 C "C2'" . DC A 1 20 ? -25.974 -3.370  -12.316 1.00 114.84 ? 26 DC B "C2'" 1 
ATOM 401 C "C1'" . DC A 1 20 ? -25.358 -3.413  -10.931 1.00 112.55 ? 26 DC B "C1'" 1 
ATOM 402 N N1    . DC A 1 20 ? -25.430 -2.130  -10.190 1.00 101.58 ? 26 DC B N1    1 
ATOM 403 C C2    . DC A 1 20 ? -25.321 -2.142  -8.786  1.00 102.47 ? 26 DC B C2    1 
ATOM 404 O O2    . DC A 1 20 ? -25.166 -3.229  -8.193  1.00 97.32  ? 26 DC B O2    1 
ATOM 405 N N3    . DC A 1 20 ? -25.380 -0.961  -8.115  1.00 95.71  ? 26 DC B N3    1 
ATOM 406 C C4    . DC A 1 20 ? -25.541 0.185   -8.792  1.00 95.76  ? 26 DC B C4    1 
ATOM 407 N N4    . DC A 1 20 ? -25.596 1.323   -8.086  1.00 94.42  ? 26 DC B N4    1 
ATOM 408 C C5    . DC A 1 20 ? -25.656 0.212   -10.223 1.00 92.94  ? 26 DC B C5    1 
ATOM 409 C C6    . DC A 1 20 ? -25.597 -0.958  -10.874 1.00 97.64  ? 26 DC B C6    1 
ATOM 410 P P     . DA A 1 21 ? -27.244 -6.333  -13.030 1.00 124.51 ? 27 DA B P     1 
ATOM 411 O OP1   . DA A 1 21 ? -26.910 -7.429  -13.968 1.00 126.36 ? 27 DA B OP1   1 
ATOM 412 O OP2   . DA A 1 21 ? -28.074 -5.184  -13.471 1.00 121.18 ? 27 DA B OP2   1 
ATOM 413 O "O5'" . DA A 1 21 ? -27.898 -6.987  -11.733 1.00 122.22 ? 27 DA B "O5'" 1 
ATOM 414 C "C5'" . DA A 1 21 ? -27.125 -7.877  -10.933 1.00 122.38 ? 27 DA B "C5'" 1 
ATOM 415 C "C4'" . DA A 1 21 ? -27.863 -8.187  -9.656  1.00 123.63 ? 27 DA B "C4'" 1 
ATOM 416 O "O4'" . DA A 1 21 ? -27.536 -7.182  -8.669  1.00 125.44 ? 27 DA B "O4'" 1 
ATOM 417 C "C3'" . DA A 1 21 ? -29.379 -8.160  -9.806  1.00 123.71 ? 27 DA B "C3'" 1 
ATOM 418 O "O3'" . DA A 1 21 ? -29.876 -9.480  -9.988  1.00 135.03 ? 27 DA B "O3'" 1 
ATOM 419 C "C2'" . DA A 1 21 ? -29.854 -7.568  -8.490  1.00 120.78 ? 27 DA B "C2'" 1 
ATOM 420 C "C1'" . DA A 1 21 ? -28.718 -6.634  -8.112  1.00 120.26 ? 27 DA B "C1'" 1 
ATOM 421 N N9    . DA A 1 21 ? -28.884 -5.252  -8.588  1.00 112.94 ? 27 DA B N9    1 
ATOM 422 C C8    . DA A 1 21 ? -29.109 -4.834  -9.875  1.00 112.08 ? 27 DA B C8    1 
ATOM 423 N N7    . DA A 1 21 ? -29.203 -3.525  -10.004 1.00 112.05 ? 27 DA B N7    1 
ATOM 424 C C5    . DA A 1 21 ? -29.027 -3.048  -8.714  1.00 107.30 ? 27 DA B C5    1 
ATOM 425 C C6    . DA A 1 21 ? -29.011 -1.741  -8.180  1.00 104.94 ? 27 DA B C6    1 
ATOM 426 N N6    . DA A 1 21 ? -29.190 -0.639  -8.928  1.00 98.93  ? 27 DA B N6    1 
ATOM 427 N N1    . DA A 1 21 ? -28.802 -1.613  -6.845  1.00 103.78 ? 27 DA B N1    1 
ATOM 428 C C2    . DA A 1 21 ? -28.624 -2.723  -6.104  1.00 107.32 ? 27 DA B C2    1 
ATOM 429 N N3    . DA A 1 21 ? -28.617 -4.004  -6.492  1.00 105.84 ? 27 DA B N3    1 
ATOM 430 C C4    . DA A 1 21 ? -28.826 -4.098  -7.823  1.00 110.44 ? 27 DA B C4    1 
ATOM 431 O "O5'" . DT B 2 1  ? -33.943 8.912   -8.909  1.00 130.62 ? 28 DT C "O5'" 1 
ATOM 432 C "C5'" . DT B 2 1  ? -34.470 9.881   -7.994  1.00 131.74 ? 28 DT C "C5'" 1 
ATOM 433 C "C4'" . DT B 2 1  ? -34.896 9.227   -6.687  1.00 128.70 ? 28 DT C "C4'" 1 
ATOM 434 O "O4'" . DT B 2 1  ? -35.653 8.040   -6.974  1.00 124.70 ? 28 DT C "O4'" 1 
ATOM 435 C "C3'" . DT B 2 1  ? -33.755 8.744   -5.810  1.00 125.90 ? 28 DT C "C3'" 1 
ATOM 436 O "O3'" . DT B 2 1  ? -33.359 9.761   -4.956  1.00 130.00 ? 28 DT C "O3'" 1 
ATOM 437 C "C2'" . DT B 2 1  ? -34.365 7.601   -5.015  1.00 115.47 ? 28 DT C "C2'" 1 
ATOM 438 C "C1'" . DT B 2 1  ? -35.492 7.117   -5.913  1.00 121.21 ? 28 DT C "C1'" 1 
ATOM 439 N N1    . DT B 2 1  ? -35.274 5.775   -6.484  1.00 120.33 ? 28 DT C N1    1 
ATOM 440 C C2    . DT B 2 1  ? -35.293 4.690   -5.646  1.00 121.91 ? 28 DT C C2    1 
ATOM 441 O O2    . DT B 2 1  ? -35.445 4.785   -4.435  1.00 123.90 ? 28 DT C O2    1 
ATOM 442 N N3    . DT B 2 1  ? -35.120 3.480   -6.273  1.00 120.84 ? 28 DT C N3    1 
ATOM 443 C C4    . DT B 2 1  ? -34.937 3.261   -7.630  1.00 117.76 ? 28 DT C C4    1 
ATOM 444 O O4    . DT B 2 1  ? -34.793 2.135   -8.101  1.00 118.31 ? 28 DT C O4    1 
ATOM 445 C C5    . DT B 2 1  ? -34.930 4.448   -8.452  1.00 112.53 ? 28 DT C C5    1 
ATOM 446 C C7    . DT B 2 1  ? -34.732 4.335   -9.928  1.00 109.46 ? 28 DT C C7    1 
ATOM 447 C C6    . DT B 2 1  ? -35.098 5.633   -7.849  1.00 117.68 ? 28 DT C C6    1 
ATOM 448 P P     . DC B 2 2  ? -31.883 9.713   -4.348  1.00 145.46 ? 29 DC C P     1 
ATOM 449 O OP1   . DC B 2 2  ? -31.690 10.951  -3.560  1.00 147.63 ? 29 DC C OP1   1 
ATOM 450 O OP2   . DC B 2 2  ? -30.997 9.389   -5.491  1.00 163.24 ? 29 DC C OP2   1 
ATOM 451 O "O5'" . DC B 2 2  ? -31.909 8.460   -3.353  1.00 121.34 ? 29 DC C "O5'" 1 
ATOM 452 C "C5'" . DC B 2 2  ? -32.591 8.562   -2.142  1.00 113.14 ? 29 DC C "C5'" 1 
ATOM 453 C "C4'" . DC B 2 2  ? -32.688 7.211   -1.491  1.00 120.12 ? 29 DC C "C4'" 1 
ATOM 454 O "O4'" . DC B 2 2  ? -33.089 6.217   -2.477  1.00 118.28 ? 29 DC C "O4'" 1 
ATOM 455 C "C3'" . DC B 2 2  ? -31.375 6.706   -0.907  1.00 117.30 ? 29 DC C "C3'" 1 
ATOM 456 O "O3'" . DC B 2 2  ? -31.621 6.034   0.300   1.00 125.37 ? 29 DC C "O3'" 1 
ATOM 457 C "C2'" . DC B 2 2  ? -30.892 5.738   -1.961  1.00 113.89 ? 29 DC C "C2'" 1 
ATOM 458 C "C1'" . DC B 2 2  ? -32.204 5.127   -2.390  1.00 114.72 ? 29 DC C "C1'" 1 
ATOM 459 N N1    . DC B 2 2  ? -32.101 4.506   -3.694  1.00 117.13 ? 29 DC C N1    1 
ATOM 460 C C2    . DC B 2 2  ? -32.186 3.108   -3.814  1.00 110.93 ? 29 DC C C2    1 
ATOM 461 O O2    . DC B 2 2  ? -32.390 2.420   -2.804  1.00 105.58 ? 29 DC C O2    1 
ATOM 462 N N3    . DC B 2 2  ? -32.058 2.554   -5.043  1.00 103.82 ? 29 DC C N3    1 
ATOM 463 C C4    . DC B 2 2  ? -31.840 3.341   -6.110  1.00 112.44 ? 29 DC C C4    1 
ATOM 464 N N4    . DC B 2 2  ? -31.720 2.755   -7.305  1.00 113.33 ? 29 DC C N4    1 
ATOM 465 C C5    . DC B 2 2  ? -31.736 4.763   -5.998  1.00 114.54 ? 29 DC C C5    1 
ATOM 466 C C6    . DC B 2 2  ? -31.864 5.295   -4.782  1.00 114.45 ? 29 DC C C6    1 
ATOM 467 P P     . DT B 2 3  ? -30.417 5.778   1.331   1.00 139.71 ? 30 DT C P     1 
ATOM 468 O OP1   . DT B 2 3  ? -30.773 6.413   2.619   1.00 151.52 ? 30 DT C OP1   1 
ATOM 469 O OP2   . DT B 2 3  ? -29.147 6.134   0.655   1.00 131.56 ? 30 DT C OP2   1 
ATOM 470 O "O5'" . DT B 2 3  ? -30.449 4.207   1.567   1.00 127.03 ? 30 DT C "O5'" 1 
ATOM 471 C "C5'" . DT B 2 3  ? -30.646 3.336   0.484   1.00 122.01 ? 30 DT C "C5'" 1 
ATOM 472 C "C4'" . DT B 2 3  ? -30.347 1.936   0.928   1.00 119.00 ? 30 DT C "C4'" 1 
ATOM 473 O "O4'" . DT B 2 3  ? -30.358 1.047   -0.210  1.00 115.07 ? 30 DT C "O4'" 1 
ATOM 474 C "C3'" . DT B 2 3  ? -28.990 1.787   1.559   1.00 114.17 ? 30 DT C "C3'" 1 
ATOM 475 O "O3'" . DT B 2 3  ? -29.031 0.753   2.501   1.00 120.97 ? 30 DT C "O3'" 1 
ATOM 476 C "C2'" . DT B 2 3  ? -28.097 1.464   0.360   1.00 115.91 ? 30 DT C "C2'" 1 
ATOM 477 C "C1'" . DT B 2 3  ? -29.043 0.702   -0.572  1.00 112.48 ? 30 DT C "C1'" 1 
ATOM 478 N N1    . DT B 2 3  ? -28.862 1.003   -2.051  1.00 107.19 ? 30 DT C N1    1 
ATOM 479 C C2    . DT B 2 3  ? -28.844 -0.047  -2.946  1.00 109.64 ? 30 DT C C2    1 
ATOM 480 O O2    . DT B 2 3  ? -28.961 -1.221  -2.605  1.00 118.15 ? 30 DT C O2    1 
ATOM 481 N N3    . DT B 2 3  ? -28.685 0.318   -4.267  1.00 103.56 ? 30 DT C N3    1 
ATOM 482 C C4    . DT B 2 3  ? -28.551 1.602   -4.773  1.00 104.70 ? 30 DT C C4    1 
ATOM 483 O O4    . DT B 2 3  ? -28.410 1.831   -5.980  1.00 97.12  ? 30 DT C O4    1 
ATOM 484 C C5    . DT B 2 3  ? -28.582 2.656   -3.788  1.00 103.21 ? 30 DT C C5    1 
ATOM 485 C C7    . DT B 2 3  ? -28.439 4.080   -4.223  1.00 96.26  ? 30 DT C C7    1 
ATOM 486 C C6    . DT B 2 3  ? -28.741 2.314   -2.488  1.00 107.81 ? 30 DT C C6    1 
ATOM 487 P P     . DG B 2 4  ? -27.763 0.473   3.437   1.00 136.79 ? 31 DG C P     1 
ATOM 488 O OP1   . DG B 2 4  ? -28.241 0.044   4.776   1.00 150.17 ? 31 DG C OP1   1 
ATOM 489 O OP2   . DG B 2 4  ? -26.860 1.642   3.308   1.00 136.11 ? 31 DG C OP2   1 
ATOM 490 O "O5'" . DG B 2 4  ? -27.100 -0.786  2.735   1.00 126.36 ? 31 DG C "O5'" 1 
ATOM 491 C "C5'" . DG B 2 4  ? -27.936 -1.827  2.284   1.00 129.52 ? 31 DG C "C5'" 1 
ATOM 492 C "C4'" . DG B 2 4  ? -27.120 -2.878  1.585   1.00 119.52 ? 31 DG C "C4'" 1 
ATOM 493 O "O4'" . DG B 2 4  ? -27.022 -2.554  0.178   1.00 111.29 ? 31 DG C "O4'" 1 
ATOM 494 C "C3'" . DG B 2 4  ? -25.707 -3.013  2.117   1.00 116.94 ? 31 DG C "C3'" 1 
ATOM 495 O "O3'" . DG B 2 4  ? -25.423 -4.385  2.355   1.00 120.29 ? 31 DG C "O3'" 1 
ATOM 496 C "C2'" . DG B 2 4  ? -24.831 -2.387  1.025   1.00 109.22 ? 31 DG C "C2'" 1 
ATOM 497 C "C1'" . DG B 2 4  ? -25.684 -2.498  -0.231  1.00 102.49 ? 31 DG C "C1'" 1 
ATOM 498 N N9    . DG B 2 4  ? -25.547 -1.348  -1.117  1.00 101.18 ? 31 DG C N9    1 
ATOM 499 C C8    . DG B 2 4  ? -25.464 -0.029  -0.753  1.00 98.78  ? 31 DG C C8    1 
ATOM 500 N N7    . DG B 2 4  ? -25.353 0.785   -1.764  1.00 92.55  ? 31 DG C N7    1 
ATOM 501 C C5    . DG B 2 4  ? -25.356 -0.051  -2.870  1.00 93.93  ? 31 DG C C5    1 
ATOM 502 C C6    . DG B 2 4  ? -25.257 0.258   -4.247  1.00 96.04  ? 31 DG C C6    1 
ATOM 503 O O6    . DG B 2 4  ? -25.145 1.376   -4.776  1.00 98.56  ? 31 DG C O6    1 
ATOM 504 N N1    . DG B 2 4  ? -25.301 -0.883  -5.043  1.00 89.64  ? 31 DG C N1    1 
ATOM 505 C C2    . DG B 2 4  ? -25.425 -2.163  -4.570  1.00 92.87  ? 31 DG C C2    1 
ATOM 506 N N2    . DG B 2 4  ? -25.450 -3.134  -5.495  1.00 99.43  ? 31 DG C N2    1 
ATOM 507 N N3    . DG B 2 4  ? -25.516 -2.473  -3.281  1.00 91.78  ? 31 DG C N3    1 
ATOM 508 C C4    . DG B 2 4  ? -25.476 -1.369  -2.492  1.00 96.44  ? 31 DG C C4    1 
ATOM 509 P P     . DA B 2 5  ? -23.912 -4.906  2.512   1.00 134.12 ? 32 DA C P     1 
ATOM 510 O OP1   . DA B 2 5  ? -23.960 -6.155  3.309   1.00 148.14 ? 32 DA C OP1   1 
ATOM 511 O OP2   . DA B 2 5  ? -23.062 -3.785  2.979   1.00 123.32 ? 32 DA C OP2   1 
ATOM 512 O "O5'" . DA B 2 5  ? -23.531 -5.309  1.014   1.00 118.15 ? 32 DA C "O5'" 1 
ATOM 513 C "C5'" . DA B 2 5  ? -24.441 -6.131  0.276   1.00 116.96 ? 32 DA C "C5'" 1 
ATOM 514 C "C4'" . DA B 2 5  ? -23.753 -6.894  -0.847  1.00 109.00 ? 32 DA C "C4'" 1 
ATOM 515 O "O4'" . DA B 2 5  ? -23.572 -6.033  -1.990  1.00 109.27 ? 32 DA C "O4'" 1 
ATOM 516 C "C3'" . DA B 2 5  ? -22.372 -7.414  -0.540  1.00 108.30 ? 32 DA C "C3'" 1 
ATOM 517 O "O3'" . DA B 2 5  ? -22.086 -8.483  -1.416  1.00 110.25 ? 32 DA C "O3'" 1 
ATOM 518 C "C2'" . DA B 2 5  ? -21.508 -6.202  -0.851  1.00 101.13 ? 32 DA C "C2'" 1 
ATOM 519 C "C1'" . DA B 2 5  ? -22.230 -5.616  -2.058  1.00 95.95  ? 32 DA C "C1'" 1 
ATOM 520 N N9    . DA B 2 5  ? -22.195 -4.171  -2.096  1.00 88.05  ? 32 DA C N9    1 
ATOM 521 C C8    . DA B 2 5  ? -22.247 -3.313  -1.041  1.00 91.45  ? 32 DA C C8    1 
ATOM 522 N N7    . DA B 2 5  ? -22.176 -2.051  -1.393  1.00 87.70  ? 32 DA C N7    1 
ATOM 523 C C5    . DA B 2 5  ? -22.061 -2.105  -2.763  1.00 83.41  ? 32 DA C C5    1 
ATOM 524 C C6    . DA B 2 5  ? -21.946 -1.107  -3.733  1.00 82.53  ? 32 DA C C6    1 
ATOM 525 N N6    . DA B 2 5  ? -21.917 0.184   -3.437  1.00 94.75  ? 32 DA C N6    1 
ATOM 526 N N1    . DA B 2 5  ? -21.860 -1.486  -5.023  1.00 80.24  ? 32 DA C N1    1 
ATOM 527 C C2    . DA B 2 5  ? -21.882 -2.790  -5.304  1.00 86.18  ? 32 DA C C2    1 
ATOM 528 N N3    . DA B 2 5  ? -21.982 -3.825  -4.467  1.00 86.72  ? 32 DA C N3    1 
ATOM 529 C C4    . DA B 2 5  ? -22.073 -3.401  -3.205  1.00 84.71  ? 32 DA C C4    1 
ATOM 530 P P     . DG B 2 6  ? -20.760 -9.361  -1.212  1.00 118.66 ? 33 DG C P     1 
ATOM 531 O OP1   . DG B 2 6  ? -21.164 -10.773 -1.063  1.00 129.15 ? 33 DG C OP1   1 
ATOM 532 O OP2   . DG B 2 6  ? -19.932 -8.716  -0.162  1.00 111.17 ? 33 DG C OP2   1 
ATOM 533 O "O5'" . DG B 2 6  ? -20.038 -9.223  -2.610  1.00 96.41  ? 33 DG C "O5'" 1 
ATOM 534 C "C5'" . DG B 2 6  ? -20.168 -8.051  -3.300  1.00 87.08  ? 33 DG C "C5'" 1 
ATOM 535 C "C4'" . DG B 2 6  ? -19.876 -8.283  -4.732  1.00 88.87  ? 33 DG C "C4'" 1 
ATOM 536 O "O4'" . DG B 2 6  ? -20.043 -7.027  -5.407  1.00 89.47  ? 33 DG C "O4'" 1 
ATOM 537 C "C3'" . DG B 2 6  ? -18.440 -8.695  -4.979  1.00 90.64  ? 33 DG C "C3'" 1 
ATOM 538 O "O3'" . DG B 2 6  ? -18.298 -9.388  -6.227  1.00 93.62  ? 33 DG C "O3'" 1 
ATOM 539 C "C2'" . DG B 2 6  ? -17.719 -7.354  -4.981  1.00 82.79  ? 33 DG C "C2'" 1 
ATOM 540 C "C1'" . DG B 2 6  ? -18.790 -6.409  -5.558  1.00 86.55  ? 33 DG C "C1'" 1 
ATOM 541 N N9    . DG B 2 6  ? -18.809 -5.126  -4.893  1.00 76.26  ? 33 DG C N9    1 
ATOM 542 C C8    . DG B 2 6  ? -18.927 -4.884  -3.551  1.00 77.50  ? 33 DG C C8    1 
ATOM 543 N N7    . DG B 2 6  ? -18.855 -3.617  -3.254  1.00 75.74  ? 33 DG C N7    1 
ATOM 544 C C5    . DG B 2 6  ? -18.666 -3.000  -4.479  1.00 72.26  ? 33 DG C C5    1 
ATOM 545 C C6    . DG B 2 6  ? -18.523 -1.645  -4.787  1.00 69.00  ? 33 DG C C6    1 
ATOM 546 O O6    . DG B 2 6  ? -18.540 -0.695  -4.012  1.00 75.34  ? 33 DG C O6    1 
ATOM 547 N N1    . DG B 2 6  ? -18.344 -1.437  -6.151  1.00 67.95  ? 33 DG C N1    1 
ATOM 548 C C2    . DG B 2 6  ? -18.318 -2.444  -7.093  1.00 70.61  ? 33 DG C C2    1 
ATOM 549 N N2    . DG B 2 6  ? -18.142 -2.073  -8.372  1.00 68.40  ? 33 DG C N2    1 
ATOM 550 N N3    . DG B 2 6  ? -18.464 -3.726  -6.806  1.00 70.19  ? 33 DG C N3    1 
ATOM 551 C C4    . DG B 2 6  ? -18.632 -3.923  -5.489  1.00 71.86  ? 33 DG C C4    1 
ATOM 552 P P     . DT B 2 7  ? -16.857 -9.971  -6.638  1.00 86.85  ? 34 DT C P     1 
ATOM 553 O OP1   . DT B 2 7  ? -17.042 -11.012 -7.684  1.00 90.82  ? 34 DT C OP1   1 
ATOM 554 O OP2   . DT B 2 7  ? -16.154 -10.273 -5.369  1.00 81.06  ? 34 DT C OP2   1 
ATOM 555 O "O5'" . DT B 2 7  ? -16.142 -8.731  -7.325  1.00 72.55  ? 34 DT C "O5'" 1 
ATOM 556 C "C5'" . DT B 2 7  ? -16.549 -8.323  -8.578  1.00 68.00  ? 34 DT C "C5'" 1 
ATOM 557 C "C4'" . DT B 2 7  ? -15.840 -7.047  -8.936  1.00 71.65  ? 34 DT C "C4'" 1 
ATOM 558 O "O4'" . DT B 2 7  ? -15.988 -6.091  -7.881  1.00 66.34  ? 34 DT C "O4'" 1 
ATOM 559 C "C3'" . DT B 2 7  ? -14.325 -7.173  -9.120  1.00 69.88  ? 34 DT C "C3'" 1 
ATOM 560 O "O3'" . DT B 2 7  ? -14.024 -7.055  -10.469 1.00 73.09  ? 34 DT C "O3'" 1 
ATOM 561 C "C2'" . DT B 2 7  ? -13.729 -5.988  -8.321  1.00 69.29  ? 34 DT C "C2'" 1 
ATOM 562 C "C1'" . DT B 2 7  ? -14.961 -5.157  -8.062  1.00 65.75  ? 34 DT C "C1'" 1 
ATOM 563 N N1    . DT B 2 7  ? -14.926 -4.256  -6.885  1.00 63.14  ? 34 DT C N1    1 
ATOM 564 C C2    . DT B 2 7  ? -14.768 -2.908  -7.105  1.00 62.95  ? 34 DT C C2    1 
ATOM 565 O O2    . DT B 2 7  ? -14.583 -2.437  -8.213  1.00 66.50  ? 34 DT C O2    1 
ATOM 566 N N3    . DT B 2 7  ? -14.823 -2.122  -5.986  1.00 62.03  ? 34 DT C N3    1 
ATOM 567 C C4    . DT B 2 7  ? -15.018 -2.548  -4.688  1.00 68.49  ? 34 DT C C4    1 
ATOM 568 O O4    . DT B 2 7  ? -15.052 -1.764  -3.730  1.00 66.52  ? 34 DT C O4    1 
ATOM 569 C C5    . DT B 2 7  ? -15.192 -3.981  -4.528  1.00 66.46  ? 34 DT C C5    1 
ATOM 570 C C7    . DT B 2 7  ? -15.421 -4.552  -3.161  1.00 69.83  ? 34 DT C C7    1 
ATOM 571 C C6    . DT B 2 7  ? -15.150 -4.757  -5.626  1.00 64.19  ? 34 DT C C6    1 
ATOM 572 P P     . DG B 2 8  ? -12.601 -7.559  -10.982 1.00 73.35  ? 35 DG C P     1 
ATOM 573 O OP1   . DG B 2 8  ? -12.700 -7.749  -12.458 1.00 70.81  ? 35 DG C OP1   1 
ATOM 574 O OP2   . DG B 2 8  ? -12.289 -8.738  -10.104 1.00 61.54  ? 35 DG C OP2   1 
ATOM 575 O "O5'" . DG B 2 8  ? -11.680 -6.279  -10.742 1.00 57.30  ? 35 DG C "O5'" 1 
ATOM 576 C "C5'" . DG B 2 8  ? -11.823 -5.207  -11.574 1.00 53.67  ? 35 DG C "C5'" 1 
ATOM 577 C "C4'" . DG B 2 8  ? -11.079 -4.037  -11.008 1.00 59.33  ? 35 DG C "C4'" 1 
ATOM 578 O "O4'" . DG B 2 8  ? -11.655 -3.618  -9.734  1.00 68.55  ? 35 DG C "O4'" 1 
ATOM 579 C "C3'" . DG B 2 8  ? -9.620  -4.309  -10.692 1.00 58.26  ? 35 DG C "C3'" 1 
ATOM 580 O "O3'" . DG B 2 8  ? -8.908  -3.198  -11.068 1.00 55.20  ? 35 DG C "O3'" 1 
ATOM 581 C "C2'" . DG B 2 8  ? -9.632  -4.423  -9.170  1.00 62.29  ? 35 DG C "C2'" 1 
ATOM 582 C "C1'" . DG B 2 8  ? -10.572 -3.298  -8.893  1.00 56.98  ? 35 DG C "C1'" 1 
ATOM 583 N N9    . DG B 2 8  ? -10.988 -3.186  -7.502  1.00 54.09  ? 35 DG C N9    1 
ATOM 584 C C8    . DG B 2 8  ? -11.209 -4.199  -6.604  1.00 57.40  ? 35 DG C C8    1 
ATOM 585 N N7    . DG B 2 8  ? -11.560 -3.774  -5.425  1.00 52.41  ? 35 DG C N7    1 
ATOM 586 C C5    . DG B 2 8  ? -11.546 -2.417  -5.560  1.00 60.02  ? 35 DG C C5    1 
ATOM 587 C C6    . DG B 2 8  ? -11.837 -1.459  -4.621  1.00 59.16  ? 35 DG C C6    1 
ATOM 588 O O6    . DG B 2 8  ? -12.163 -1.640  -3.459  1.00 72.13  ? 35 DG C O6    1 
ATOM 589 N N1    . DG B 2 8  ? -11.724 -0.175  -5.124  1.00 53.39  ? 35 DG C N1    1 
ATOM 590 C C2    . DG B 2 8  ? -11.356 0.114   -6.399  1.00 57.76  ? 35 DG C C2    1 
ATOM 591 N N2    . DG B 2 8  ? -11.284 1.411   -6.716  1.00 67.95  ? 35 DG C N2    1 
ATOM 592 N N3    . DG B 2 8  ? -11.073 -0.801  -7.316  1.00 56.42  ? 35 DG C N3    1 
ATOM 593 C C4    . DG B 2 8  ? -11.192 -2.039  -6.812  1.00 61.25  ? 35 DG C C4    1 
ATOM 594 P P     . DC C 3 1  ? 10.299  0.388   13.546  1.00 77.51  ? 36 DC D P     1 
ATOM 595 O OP1   . DC C 3 1  ? 10.451  1.799   13.115  1.00 56.92  ? 36 DC D OP1   1 
ATOM 596 O OP2   . DC C 3 1  ? 10.189  -0.013  14.999  1.00 58.10  ? 36 DC D OP2   1 
ATOM 597 O "O5'" . DC C 3 1  ? 9.046   -0.224  12.733  1.00 59.75  ? 36 DC D "O5'" 1 
ATOM 598 C "C5'" . DC C 3 1  ? 8.523   -1.528  13.106  1.00 67.19  ? 36 DC D "C5'" 1 
ATOM 599 C "C4'" . DC C 3 1  ? 8.323   -2.426  11.886  1.00 69.57  ? 36 DC D "C4'" 1 
ATOM 600 O "O4'" . DC C 3 1  ? 7.680   -1.691  10.829  1.00 65.85  ? 36 DC D "O4'" 1 
ATOM 601 C "C3'" . DC C 3 1  ? 9.589   -2.915  11.245  1.00 79.40  ? 36 DC D "C3'" 1 
ATOM 602 O "O3'" . DC C 3 1  ? 10.078  -4.066  11.943  1.00 87.88  ? 36 DC D "O3'" 1 
ATOM 603 C "C2'" . DC C 3 1  ? 9.143   -3.240  9.809   1.00 68.43  ? 36 DC D "C2'" 1 
ATOM 604 C "C1'" . DC C 3 1  ? 7.949   -2.309  9.599   1.00 60.01  ? 36 DC D "C1'" 1 
ATOM 605 N N1    . DC C 3 1  ? 8.180   -1.249  8.670   1.00 58.51  ? 36 DC D N1    1 
ATOM 606 C C2    . DC C 3 1  ? 8.243   -1.506  7.318   1.00 67.01  ? 36 DC D C2    1 
ATOM 607 O O2    . DC C 3 1  ? 8.125   -2.660  6.927   1.00 68.90  ? 36 DC D O2    1 
ATOM 608 N N3    . DC C 3 1  ? 8.449   -0.476  6.466   1.00 73.34  ? 36 DC D N3    1 
ATOM 609 C C4    . DC C 3 1  ? 8.585   0.768   6.945   1.00 69.28  ? 36 DC D C4    1 
ATOM 610 N N4    . DC C 3 1  ? 8.789   1.765   6.079   1.00 69.31  ? 36 DC D N4    1 
ATOM 611 C C5    . DC C 3 1  ? 8.508   1.037   8.319   1.00 64.24  ? 36 DC D C5    1 
ATOM 612 C C6    . DC C 3 1  ? 8.306   0.006   9.138   1.00 64.56  ? 36 DC D C6    1 
ATOM 613 P P     . DG C 3 2  ? 11.628  -4.474  11.790  1.00 84.96  ? 37 DG D P     1 
ATOM 614 O OP1   . DG C 3 2  ? 11.818  -5.661  12.683  1.00 72.33  ? 37 DG D OP1   1 
ATOM 615 O OP2   . DG C 3 2  ? 12.460  -3.233  11.844  1.00 73.57  ? 37 DG D OP2   1 
ATOM 616 O "O5'" . DG C 3 2  ? 11.719  -4.913  10.271  1.00 73.27  ? 37 DG D "O5'" 1 
ATOM 617 C "C5'" . DG C 3 2  ? 11.055  -6.065  9.886   1.00 83.53  ? 37 DG D "C5'" 1 
ATOM 618 C "C4'" . DG C 3 2  ? 11.319  -6.283  8.443   1.00 90.14  ? 37 DG D "C4'" 1 
ATOM 619 O "O4'" . DG C 3 2  ? 10.929  -5.084  7.750   1.00 82.49  ? 37 DG D "O4'" 1 
ATOM 620 C "C3'" . DG C 3 2  ? 12.793  -6.470  8.161   1.00 103.10 ? 37 DG D "C3'" 1 
ATOM 621 O "O3'" . DG C 3 2  ? 13.009  -7.625  7.417   1.00 129.78 ? 37 DG D "O3'" 1 
ATOM 622 C "C2'" . DG C 3 2  ? 13.202  -5.217  7.401   1.00 97.02  ? 37 DG D "C2'" 1 
ATOM 623 C "C1'" . DG C 3 2  ? 11.903  -4.705  6.847   1.00 78.21  ? 37 DG D "C1'" 1 
ATOM 624 N N9    . DG C 3 2  ? 11.913  -3.292  6.848   1.00 75.57  ? 37 DG D N9    1 
ATOM 625 C C8    . DG C 3 2  ? 11.901  -2.489  7.952   1.00 75.09  ? 37 DG D C8    1 
ATOM 626 N N7    . DG C 3 2  ? 11.958  -1.222  7.652   1.00 76.94  ? 37 DG D N7    1 
ATOM 627 C C5    . DG C 3 2  ? 12.029  -1.207  6.265   1.00 75.62  ? 37 DG D C5    1 
ATOM 628 C C6    . DG C 3 2  ? 12.111  -0.116  5.364   1.00 84.11  ? 37 DG D C6    1 
ATOM 629 O O6    . DG C 3 2  ? 12.139  1.096   5.625   1.00 95.74  ? 37 DG D O6    1 
ATOM 630 N N1    . DG C 3 2  ? 12.176  -0.536  4.043   1.00 83.87  ? 37 DG D N1    1 
ATOM 631 C C2    . DG C 3 2  ? 12.157  -1.846  3.642   1.00 90.01  ? 37 DG D C2    1 
ATOM 632 N N2    . DG C 3 2  ? 12.223  -2.052  2.317   1.00 88.55  ? 37 DG D N2    1 
ATOM 633 N N3    . DG C 3 2  ? 12.069  -2.883  4.480   1.00 81.26  ? 37 DG D N3    1 
ATOM 634 C C4    . DG C 3 2  ? 12.013  -2.481  5.764   1.00 76.43  ? 37 DG D C4    1 
ATOM 635 P P     . DT C 3 3  ? 14.491  -8.213  7.307   1.00 117.13 ? 38 DT D P     1 
ATOM 636 O OP1   . DT C 3 3  ? 14.428  -9.632  7.738   1.00 114.57 ? 38 DT D OP1   1 
ATOM 637 O OP2   . DT C 3 3  ? 15.417  -7.250  7.962   1.00 104.65 ? 38 DT D OP2   1 
ATOM 638 O "O5'" . DT C 3 3  ? 14.782  -8.108  5.763   1.00 92.53  ? 38 DT D "O5'" 1 
ATOM 639 C "C5'" . DT C 3 3  ? 14.842  -6.879  5.208   1.00 91.42  ? 38 DT D "C5'" 1 
ATOM 640 C "C4'" . DT C 3 3  ? 14.899  -7.003  3.740   1.00 97.61  ? 38 DT D "C4'" 1 
ATOM 641 O "O4'" . DT C 3 3  ? 14.562  -5.722  3.181   1.00 97.11  ? 38 DT D "O4'" 1 
ATOM 642 C "C3'" . DT C 3 3  ? 16.292  -7.294  3.230   1.00 115.89 ? 38 DT D "C3'" 1 
ATOM 643 O "O3'" . DT C 3 3  ? 16.241  -7.752  1.868   1.00 137.01 ? 38 DT D "O3'" 1 
ATOM 644 C "C2'" . DT C 3 3  ? 16.906  -5.912  3.339   1.00 113.59 ? 38 DT D "C2'" 1 
ATOM 645 C "C1'" . DT C 3 3  ? 15.750  -5.034  2.859   1.00 103.31 ? 38 DT D "C1'" 1 
ATOM 646 N N1    . DT C 3 3  ? 15.725  -3.750  3.523   1.00 94.56  ? 38 DT D N1    1 
ATOM 647 C C2    . DT C 3 3  ? 15.571  -2.609  2.775   1.00 95.94  ? 38 DT D C2    1 
ATOM 648 O O2    . DT C 3 3  ? 15.428  -2.615  1.564   1.00 99.90  ? 38 DT D O2    1 
ATOM 649 N N3    . DT C 3 3  ? 15.576  -1.450  3.499   1.00 96.41  ? 38 DT D N3    1 
ATOM 650 C C4    . DT C 3 3  ? 15.725  -1.328  4.868   1.00 94.09  ? 38 DT D C4    1 
ATOM 651 O O4    . DT C 3 3  ? 15.724  -0.236  5.431   1.00 93.94  ? 38 DT D O4    1 
ATOM 652 C C5    . DT C 3 3  ? 15.888  -2.577  5.590   1.00 91.45  ? 38 DT D C5    1 
ATOM 653 C C7    . DT C 3 3  ? 16.059  -2.581  7.077   1.00 86.84  ? 38 DT D C7    1 
ATOM 654 C C6    . DT C 3 3  ? 15.888  -3.709  4.888   1.00 92.13  ? 38 DT D C6    1 
ATOM 655 P P     . DC C 3 4  ? 17.512  -8.460  1.182   1.00 119.75 ? 39 DC D P     1 
ATOM 656 O OP1   . DC C 3 4  ? 17.063  -9.761  0.615   1.00 117.10 ? 39 DC D OP1   1 
ATOM 657 O OP2   . DC C 3 4  ? 18.606  -8.412  2.178   1.00 105.63 ? 39 DC D OP2   1 
ATOM 658 O "O5'" . DC C 3 4  ? 17.877  -7.475  -0.009  1.00 104.02 ? 39 DC D "O5'" 1 
ATOM 659 C "C5'" . DC C 3 4  ? 18.137  -6.177  0.286   1.00 104.82 ? 39 DC D "C5'" 1 
ATOM 660 C "C4'" . DC C 3 4  ? 18.062  -5.346  -0.934  1.00 111.37 ? 39 DC D "C4'" 1 
ATOM 661 O "O4'" . DC C 3 4  ? 17.712  -4.010  -0.529  1.00 111.49 ? 39 DC D "O4'" 1 
ATOM 662 C "C3'" . DC C 3 4  ? 19.391  -5.206  -1.632  1.00 132.96 ? 39 DC D "C3'" 1 
ATOM 663 O "O3'" . DC C 3 4  ? 19.208  -4.768  -2.967  1.00 147.55 ? 39 DC D "O3'" 1 
ATOM 664 C "C2'" . DC C 3 4  ? 20.050  -4.133  -0.785  1.00 133.80 ? 39 DC D "C2'" 1 
ATOM 665 C "C1'" . DC C 3 4  ? 18.871  -3.204  -0.508  1.00 119.12 ? 39 DC D "C1'" 1 
ATOM 666 N N1    . DC C 3 4  ? 18.965  -2.517  0.817   1.00 115.56 ? 39 DC D N1    1 
ATOM 667 C C2    . DC C 3 4  ? 18.888  -1.112  0.879   1.00 115.56 ? 39 DC D C2    1 
ATOM 668 O O2    . DC C 3 4  ? 18.718  -0.463  -0.167  1.00 113.17 ? 39 DC D O2    1 
ATOM 669 N N3    . DC C 3 4  ? 18.991  -0.500  2.090   1.00 112.79 ? 39 DC D N3    1 
ATOM 670 C C4    . DC C 3 4  ? 19.175  -1.228  3.193   1.00 103.49 ? 39 DC D C4    1 
ATOM 671 N N4    . DC C 3 4  ? 19.267  -0.579  4.361   1.00 99.60  ? 39 DC D N4    1 
ATOM 672 C C5    . DC C 3 4  ? 19.266  -2.657  3.146   1.00 106.98 ? 39 DC D C5    1 
ATOM 673 C C6    . DC C 3 4  ? 19.162  -3.252  1.949   1.00 106.81 ? 39 DC D C6    1 
ATOM 674 P P     . DT C 3 5  ? 20.485  -4.560  -3.922  1.00 157.51 ? 40 DT D P     1 
ATOM 675 O OP1   . DT C 3 5  ? 20.018  -4.533  -5.325  1.00 182.22 ? 40 DT D OP1   1 
ATOM 676 O OP2   . DT C 3 5  ? 21.499  -5.556  -3.504  1.00 150.90 ? 40 DT D OP2   1 
ATOM 677 O "O5'" . DT C 3 5  ? 21.015  -3.102  -3.550  1.00 141.56 ? 40 DT D "O5'" 1 
ATOM 678 C "C5'" . DT C 3 5  ? 22.333  -2.735  -3.893  1.00 154.07 ? 40 DT D "C5'" 1 
ATOM 679 C "C4'" . DT C 3 5  ? 22.460  -1.234  -3.932  1.00 160.82 ? 40 DT D "C4'" 1 
ATOM 680 O "O4'" . DT C 3 5  ? 21.582  -0.678  -2.923  1.00 145.27 ? 40 DT D "O4'" 1 
ATOM 681 C "C3'" . DT C 3 5  ? 23.850  -0.694  -3.597  1.00 169.06 ? 40 DT D "C3'" 1 
ATOM 682 O "O3'" . DT C 3 5  ? 24.681  -0.581  -4.784  1.00 183.34 ? 40 DT D "O3'" 1 
ATOM 683 C "C2'" . DT C 3 5  ? 23.527  0.653   -2.972  1.00 162.93 ? 40 DT D "C2'" 1 
ATOM 684 C "C1'" . DT C 3 5  ? 22.263  0.329   -2.196  1.00 146.51 ? 40 DT D "C1'" 1 
ATOM 685 N N1    . DT C 3 5  ? 22.491  -0.147  -0.780  1.00 133.67 ? 40 DT D N1    1 
ATOM 686 C C2    . DT C 3 5  ? 22.468  0.779   0.240   1.00 131.85 ? 40 DT D C2    1 
ATOM 687 O O2    . DT C 3 5  ? 22.296  1.972   0.053   1.00 134.96 ? 40 DT D O2    1 
ATOM 688 N N3    . DT C 3 5  ? 22.660  0.262   1.493   1.00 119.82 ? 40 DT D N3    1 
ATOM 689 C C4    . DT C 3 5  ? 22.858  -1.063  1.827   1.00 120.34 ? 40 DT D C4    1 
ATOM 690 O O4    . DT C 3 5  ? 23.015  -1.429  2.988   1.00 117.57 ? 40 DT D O4    1 
ATOM 691 C C5    . DT C 3 5  ? 22.867  -1.989  0.713   1.00 122.27 ? 40 DT D C5    1 
ATOM 692 C C7    . DT C 3 5  ? 23.078  -3.452  0.954   1.00 112.98 ? 40 DT D C7    1 
ATOM 693 C C6    . DT C 3 5  ? 22.683  -1.494  -0.522  1.00 129.14 ? 40 DT D C6    1 
ATOM 694 P P     . DG C 3 6  ? 24.524  0.631   -5.836  1.00 185.81 ? 41 DG D P     1 
ATOM 695 O OP1   . DG C 3 6  ? 23.092  0.888   -6.107  1.00 204.15 ? 41 DG D OP1   1 
ATOM 696 O OP2   . DG C 3 6  ? 25.434  0.314   -6.955  1.00 227.64 ? 41 DG D OP2   1 
ATOM 697 O "O5'" . DG C 3 6  ? 25.161  1.904   -5.114  1.00 172.24 ? 41 DG D "O5'" 1 
ATOM 698 C "C5'" . DG C 3 6  ? 24.838  3.200   -5.580  1.00 170.00 ? 41 DG D "C5'" 1 
ATOM 699 C "C4'" . DG C 3 6  ? 25.171  4.243   -4.538  1.00 168.10 ? 41 DG D "C4'" 1 
ATOM 700 O "O4'" . DG C 3 6  ? 24.985  3.679   -3.210  1.00 159.91 ? 41 DG D "O4'" 1 
ATOM 701 C "C3'" . DG C 3 6  ? 26.607  4.751   -4.571  1.00 167.45 ? 41 DG D "C3'" 1 
ATOM 702 O "O3'" . DG C 3 6  ? 26.632  6.113   -4.145  1.00 173.67 ? 41 DG D "O3'" 1 
ATOM 703 C "C2'" . DG C 3 6  ? 27.301  3.833   -3.570  1.00 156.32 ? 41 DG D "C2'" 1 
ATOM 704 C "C1'" . DG C 3 6  ? 26.215  3.698   -2.508  1.00 154.06 ? 41 DG D "C1'" 1 
ATOM 705 N N9    . DG C 3 6  ? 26.311  2.474   -1.708  1.00 144.22 ? 41 DG D N9    1 
ATOM 706 C C8    . DG C 3 6  ? 26.554  1.198   -2.165  1.00 143.21 ? 41 DG D C8    1 
ATOM 707 N N7    . DG C 3 6  ? 26.571  0.297   -1.217  1.00 135.10 ? 41 DG D N7    1 
ATOM 708 C C5    . DG C 3 6  ? 26.335  1.025   -0.052  1.00 135.22 ? 41 DG D C5    1 
ATOM 709 C C6    . DG C 3 6  ? 26.248  0.592   1.304   1.00 128.77 ? 41 DG D C6    1 
ATOM 710 O O6    . DG C 3 6  ? 26.368  -0.562  1.755   1.00 117.60 ? 41 DG D O6    1 
ATOM 711 N N1    . DG C 3 6  ? 25.998  1.659   2.172   1.00 122.69 ? 41 DG D N1    1 
ATOM 712 C C2    . DG C 3 6  ? 25.853  2.977   1.780   1.00 127.16 ? 41 DG D C2    1 
ATOM 713 N N2    . DG C 3 6  ? 25.622  3.865   2.762   1.00 124.22 ? 41 DG D N2    1 
ATOM 714 N N3    . DG C 3 6  ? 25.932  3.395   0.518   1.00 127.29 ? 41 DG D N3    1 
ATOM 715 C C4    . DG C 3 6  ? 26.173  2.372   -0.340  1.00 134.49 ? 41 DG D C4    1 
ATOM 716 P P     . DC C 3 7  ? 27.795  7.103   -4.640  1.00 174.89 ? 42 DC D P     1 
ATOM 717 O OP1   . DC C 3 7  ? 27.177  8.295   -5.271  1.00 172.38 ? 42 DC D OP1   1 
ATOM 718 O OP2   . DC C 3 7  ? 28.757  6.270   -5.399  1.00 184.54 ? 42 DC D OP2   1 
ATOM 719 O "O5'" . DC C 3 7  ? 28.483  7.575   -3.276  1.00 166.32 ? 42 DC D "O5'" 1 
ATOM 720 C "C5'" . DC C 3 7  ? 27.701  8.220   -2.277  1.00 166.02 ? 42 DC D "C5'" 1 
ATOM 721 C "C4'" . DC C 3 7  ? 28.239  7.933   -0.882  1.00 163.55 ? 42 DC D "C4'" 1 
ATOM 722 O "O4'" . DC C 3 7  ? 28.094  6.523   -0.569  1.00 147.23 ? 42 DC D "O4'" 1 
ATOM 723 C "C3'" . DC C 3 7  ? 29.728  8.269   -0.665  1.00 150.24 ? 42 DC D "C3'" 1 
ATOM 724 O "O3'" . DC C 3 7  ? 29.870  9.249   0.363   1.00 158.20 ? 42 DC D "O3'" 1 
ATOM 725 C "C2'" . DC C 3 7  ? 30.358  6.931   -0.259  1.00 136.23 ? 42 DC D "C2'" 1 
ATOM 726 C "C1'" . DC C 3 7  ? 29.154  6.167   0.271   1.00 139.33 ? 42 DC D "C1'" 1 
ATOM 727 N N1    . DC C 3 7  ? 29.327  4.683   0.262   1.00 135.21 ? 42 DC D N1    1 
ATOM 728 C C2    . DC C 3 7  ? 29.321  3.990   1.483   1.00 135.88 ? 42 DC D C2    1 
ATOM 729 O O2    . DC C 3 7  ? 29.158  4.628   2.539   1.00 133.05 ? 42 DC D O2    1 
ATOM 730 N N3    . DC C 3 7  ? 29.489  2.639   1.477   1.00 128.58 ? 42 DC D N3    1 
ATOM 731 C C4    . DC C 3 7  ? 29.663  1.992   0.319   1.00 132.48 ? 42 DC D C4    1 
ATOM 732 N N4    . DC C 3 7  ? 29.826  0.661   0.368   1.00 128.98 ? 42 DC D N4    1 
ATOM 733 C C5    . DC C 3 7  ? 29.669  2.683   -0.938  1.00 125.35 ? 42 DC D C5    1 
ATOM 734 C C6    . DC C 3 7  ? 29.504  4.015   -0.917  1.00 129.04 ? 42 DC D C6    1 
ATOM 735 P P     . DT D 4 1  ? -4.378  -3.637  -8.298  1.00 78.93  ? 1  DT A P     1 
ATOM 736 O OP1   . DT D 4 1  ? -3.442  -3.457  -9.451  1.00 75.77  ? 1  DT A OP1   1 
ATOM 737 O OP2   . DT D 4 1  ? -4.391  -4.893  -7.525  1.00 57.51  ? 1  DT A OP2   1 
ATOM 738 O "O5'" . DT D 4 1  ? -5.833  -3.337  -8.884  1.00 58.47  ? 1  DT A "O5'" 1 
ATOM 739 C "C5'" . DT D 4 1  ? -5.922  -2.331  -9.885  1.00 69.13  ? 1  DT A "C5'" 1 
ATOM 740 C "C4'" . DT D 4 1  ? -6.509  -1.052  -9.324  1.00 60.54  ? 1  DT A "C4'" 1 
ATOM 741 O "O4'" . DT D 4 1  ? -7.568  -1.409  -8.439  1.00 58.88  ? 1  DT A "O4'" 1 
ATOM 742 C "C3'" . DT D 4 1  ? -5.612  -0.205  -8.465  1.00 59.28  ? 1  DT A "C3'" 1 
ATOM 743 O "O3'" . DT D 4 1  ? -4.774  0.600   -9.265  1.00 74.83  ? 1  DT A "O3'" 1 
ATOM 744 C "C2'" . DT D 4 1  ? -6.638  0.631   -7.704  1.00 58.54  ? 1  DT A "C2'" 1 
ATOM 745 C "C1'" . DT D 4 1  ? -7.809  -0.363  -7.561  1.00 56.27  ? 1  DT A "C1'" 1 
ATOM 746 N N1    . DT D 4 1  ? -7.997  -0.998  -6.248  1.00 52.81  ? 1  DT A N1    1 
ATOM 747 C C2    . DT D 4 1  ? -8.206  -0.227  -5.149  1.00 57.12  ? 1  DT A C2    1 
ATOM 748 O O2    . DT D 4 1  ? -8.191  0.991   -5.172  1.00 60.74  ? 1  DT A O2    1 
ATOM 749 N N3    . DT D 4 1  ? -8.400  -0.923  -4.000  1.00 54.94  ? 1  DT A N3    1 
ATOM 750 C C4    . DT D 4 1  ? -8.440  -2.292  -3.855  1.00 53.63  ? 1  DT A C4    1 
ATOM 751 O O4    . DT D 4 1  ? -8.629  -2.846  -2.761  1.00 59.00  ? 1  DT A O4    1 
ATOM 752 C C5    . DT D 4 1  ? -8.244  -3.033  -5.054  1.00 50.24  ? 1  DT A C5    1 
ATOM 753 C C7    . DT D 4 1  ? -8.259  -4.530  -5.004  1.00 53.53  ? 1  DT A C7    1 
ATOM 754 C C6    . DT D 4 1  ? -8.037  -2.360  -6.182  1.00 52.95  ? 1  DT A C6    1 
ATOM 755 P P     . DC D 4 2  ? -3.261  0.877   -8.783  1.00 81.03  ? 2  DC A P     1 
ATOM 756 O OP1   . DC D 4 2  ? -2.528  1.589   -9.870  1.00 79.77  ? 2  DC A OP1   1 
ATOM 757 O OP2   . DC D 4 2  ? -2.813  -0.420  -8.195  1.00 72.17  ? 2  DC A OP2   1 
ATOM 758 O "O5'" . DC D 4 2  ? -3.413  1.972   -7.649  1.00 63.81  ? 2  DC A "O5'" 1 
ATOM 759 C "C5'" . DC D 4 2  ? -3.863  3.237   -8.035  1.00 71.49  ? 2  DC A "C5'" 1 
ATOM 760 C "C4'" . DC D 4 2  ? -4.304  3.995   -6.825  1.00 78.87  ? 2  DC A "C4'" 1 
ATOM 761 O "O4'" . DC D 4 2  ? -5.165  3.136   -6.066  1.00 78.73  ? 2  DC A "O4'" 1 
ATOM 762 C "C3'" . DC D 4 2  ? -3.161  4.352   -5.908  1.00 79.95  ? 2  DC A "C3'" 1 
ATOM 763 O "O3'" . DC D 4 2  ? -2.917  5.712   -5.946  1.00 90.68  ? 2  DC A "O3'" 1 
ATOM 764 C "C2'" . DC D 4 2  ? -3.599  3.930   -4.510  1.00 75.70  ? 2  DC A "C2'" 1 
ATOM 765 C "C1'" . DC D 4 2  ? -4.972  3.338   -4.695  1.00 70.62  ? 2  DC A "C1'" 1 
ATOM 766 N N1    . DC D 4 2  ? -5.081  2.061   -4.062  1.00 59.93  ? 2  DC A N1    1 
ATOM 767 C C2    . DC D 4 2  ? -5.499  2.001   -2.752  1.00 64.75  ? 2  DC A C2    1 
ATOM 768 O O2    . DC D 4 2  ? -5.784  3.055   -2.162  1.00 69.83  ? 2  DC A O2    1 
ATOM 769 N N3    . DC D 4 2  ? -5.598  0.806   -2.161  1.00 62.32  ? 2  DC A N3    1 
ATOM 770 C C4    . DC D 4 2  ? -5.290  -0.281  -2.839  1.00 59.84  ? 2  DC A C4    1 
ATOM 771 N N4    . DC D 4 2  ? -5.390  -1.441  -2.209  1.00 62.03  ? 2  DC A N4    1 
ATOM 772 C C5    . DC D 4 2  ? -4.851  -0.235  -4.180  1.00 58.91  ? 2  DC A C5    1 
ATOM 773 C C6    . DC D 4 2  ? -4.750  0.951   -4.746  1.00 62.21  ? 2  DC A C6    1 
ATOM 774 P P     . DG D 4 3  ? -1.606  6.250   -5.199  1.00 109.78 ? 3  DG A P     1 
ATOM 775 O OP1   . DG D 4 3  ? -1.413  7.655   -5.625  1.00 122.78 ? 3  DG A OP1   1 
ATOM 776 O OP2   . DG D 4 3  ? -0.571  5.200   -5.420  1.00 97.19  ? 3  DG A OP2   1 
ATOM 777 O "O5'" . DG D 4 3  ? -1.995  6.228   -3.643  1.00 93.18  ? 3  DG A "O5'" 1 
ATOM 778 C "C5'" . DG D 4 3  ? -3.048  7.057   -3.188  1.00 94.43  ? 3  DG A "C5'" 1 
ATOM 779 C "C4'" . DG D 4 3  ? -3.058  7.132   -1.675  1.00 100.32 ? 3  DG A "C4'" 1 
ATOM 780 O "O4'" . DG D 4 3  ? -3.520  5.877   -1.120  1.00 89.11  ? 3  DG A "O4'" 1 
ATOM 781 C "C3'" . DG D 4 3  ? -1.713  7.412   -1.020  1.00 104.98 ? 3  DG A "C3'" 1 
ATOM 782 O "O3'" . DG D 4 3  ? -1.931  8.218   0.152   1.00 132.48 ? 3  DG A "O3'" 1 
ATOM 783 C "C2'" . DG D 4 3  ? -1.216  6.007   -0.687  1.00 95.12  ? 3  DG A "C2'" 1 
ATOM 784 C "C1'" . DG D 4 3  ? -2.514  5.282   -0.346  1.00 86.55  ? 3  DG A "C1'" 1 
ATOM 785 N N9    . DG D 4 3  ? -2.489  3.860   -0.672  1.00 78.30  ? 3  DG A N9    1 
ATOM 786 C C8    . DG D 4 3  ? -1.981  3.281   -1.806  1.00 75.84  ? 3  DG A C8    1 
ATOM 787 N N7    . DG D 4 3  ? -2.102  1.983   -1.815  1.00 69.12  ? 3  DG A N7    1 
ATOM 788 C C5    . DG D 4 3  ? -2.729  1.689   -0.620  1.00 65.39  ? 3  DG A C5    1 
ATOM 789 C C6    . DG D 4 3  ? -3.125  0.444   -0.091  1.00 71.51  ? 3  DG A C6    1 
ATOM 790 O O6    . DG D 4 3  ? -2.984  -0.685  -0.584  1.00 71.31  ? 3  DG A O6    1 
ATOM 791 N N1    . DG D 4 3  ? -3.740  0.583   1.140   1.00 72.29  ? 3  DG A N1    1 
ATOM 792 C C2    . DG D 4 3  ? -3.932  1.772   1.778   1.00 75.36  ? 3  DG A C2    1 
ATOM 793 N N2    . DG D 4 3  ? -4.536  1.703   2.964   1.00 79.66  ? 3  DG A N2    1 
ATOM 794 N N3    . DG D 4 3  ? -3.565  2.948   1.292   1.00 71.38  ? 3  DG A N3    1 
ATOM 795 C C4    . DG D 4 3  ? -2.977  2.826   0.093   1.00 70.40  ? 3  DG A C4    1 
ATOM 796 P P     . DT D 4 4  ? -0.731  8.707   1.106   1.00 132.37 ? 4  DT A P     1 
ATOM 797 O OP1   . DT D 4 4  ? -1.077  10.114  1.441   1.00 116.65 ? 4  DT A OP1   1 
ATOM 798 O OP2   . DT D 4 4  ? 0.586   8.355   0.517   1.00 106.13 ? 4  DT A OP2   1 
ATOM 799 O "O5'" . DT D 4 4  ? -0.940  7.814   2.420   1.00 108.25 ? 4  DT A "O5'" 1 
ATOM 800 C "C5'" . DT D 4 4  ? -2.274  7.463   2.815   1.00 97.21  ? 4  DT A "C5'" 1 
ATOM 801 C "C4'" . DT D 4 4  ? -2.266  6.744   4.136   1.00 92.67  ? 4  DT A "C4'" 1 
ATOM 802 O "O4'" . DT D 4 4  ? -2.306  5.303   3.919   1.00 93.99  ? 4  DT A "O4'" 1 
ATOM 803 C "C3'" . DT D 4 4  ? -1.035  7.008   4.995   1.00 95.81  ? 4  DT A "C3'" 1 
ATOM 804 O "O3'" . DT D 4 4  ? -1.441  7.072   6.386   1.00 93.83  ? 4  DT A "O3'" 1 
ATOM 805 C "C2'" . DT D 4 4  ? -0.138  5.796   4.678   1.00 89.13  ? 4  DT A "C2'" 1 
ATOM 806 C "C1'" . DT D 4 4  ? -1.178  4.692   4.538   1.00 86.77  ? 4  DT A "C1'" 1 
ATOM 807 N N1    . DT D 4 4  ? -0.775  3.538   3.687   1.00 76.40  ? 4  DT A N1    1 
ATOM 808 C C2    . DT D 4 4  ? -1.041  2.253   4.125   1.00 80.03  ? 4  DT A C2    1 
ATOM 809 O O2    . DT D 4 4  ? -1.544  2.001   5.206   1.00 83.95  ? 4  DT A O2    1 
ATOM 810 N N3    . DT D 4 4  ? -0.695  1.264   3.256   1.00 75.17  ? 4  DT A N3    1 
ATOM 811 C C4    . DT D 4 4  ? -0.127  1.419   2.010   1.00 78.59  ? 4  DT A C4    1 
ATOM 812 O O4    . DT D 4 4  ? 0.155   0.458   1.291   1.00 83.74  ? 4  DT A O4    1 
ATOM 813 C C5    . DT D 4 4  ? 0.119   2.783   1.606   1.00 76.15  ? 4  DT A C5    1 
ATOM 814 C C7    . DT D 4 4  ? 0.731   3.058   0.268   1.00 72.19  ? 4  DT A C7    1 
ATOM 815 C C6    . DT D 4 4  ? -0.220  3.771   2.452   1.00 74.22  ? 4  DT A C6    1 
ATOM 816 P P     . DC D 4 5  ? -0.367  7.306   7.559   1.00 88.08  ? 5  DC A P     1 
ATOM 817 O OP1   . DC D 4 5  ? -0.966  8.094   8.671   1.00 77.40  ? 5  DC A OP1   1 
ATOM 818 O OP2   . DC D 4 5  ? 0.924   7.728   6.962   1.00 84.66  ? 5  DC A OP2   1 
ATOM 819 O "O5'" . DC D 4 5  ? -0.160  5.832   8.085   1.00 83.58  ? 5  DC A "O5'" 1 
ATOM 820 C "C5'" . DC D 4 5  ? -1.155  5.236   8.844   1.00 74.45  ? 5  DC A "C5'" 1 
ATOM 821 C "C4'" . DC D 4 5  ? -0.677  3.894   9.277   1.00 70.90  ? 5  DC A "C4'" 1 
ATOM 822 O "O4'" . DC D 4 5  ? -0.277  3.131   8.116   1.00 80.54  ? 5  DC A "O4'" 1 
ATOM 823 C "C3'" . DC D 4 5  ? 0.527   3.898   10.186  1.00 57.69  ? 5  DC A "C3'" 1 
ATOM 824 O "O3'" . DC D 4 5  ? 0.270   2.945   11.088  1.00 57.17  ? 5  DC A "O3'" 1 
ATOM 825 C "C2'" . DC D 4 5  ? 1.677   3.456   9.263   1.00 71.61  ? 5  DC A "C2'" 1 
ATOM 826 C "C1'" . DC D 4 5  ? 0.925   2.459   8.404   1.00 77.74  ? 5  DC A "C1'" 1 
ATOM 827 N N1    . DC D 4 5  ? 1.539   2.008   7.051   1.00 73.80  ? 5  DC A N1    1 
ATOM 828 C C2    . DC D 4 5  ? 1.665   0.630   6.783   1.00 74.18  ? 5  DC A C2    1 
ATOM 829 O O2    . DC D 4 5  ? 1.368   -0.186  7.662   1.00 73.53  ? 5  DC A O2    1 
ATOM 830 N N3    . DC D 4 5  ? 2.114   0.228   5.573   1.00 72.90  ? 5  DC A N3    1 
ATOM 831 C C4    . DC D 4 5  ? 2.409   1.136   4.635   1.00 77.05  ? 5  DC A C4    1 
ATOM 832 N N4    . DC D 4 5  ? 2.857   0.688   3.448   1.00 78.65  ? 5  DC A N4    1 
ATOM 833 C C5    . DC D 4 5  ? 2.261   2.537   4.870   1.00 72.82  ? 5  DC A C5    1 
ATOM 834 C C6    . DC D 4 5  ? 1.805   2.922   6.072   1.00 70.14  ? 5  DC A C6    1 
ATOM 835 P P     . DA D 4 6  ? 1.035   2.941   12.490  1.00 59.49  ? 6  DA A P     1 
ATOM 836 O OP1   . DA D 4 6  ? 0.217   2.292   13.568  1.00 51.80  ? 6  DA A OP1   1 
ATOM 837 O OP2   . DA D 4 6  ? 1.483   4.376   12.614  1.00 60.13  ? 6  DA A OP2   1 
ATOM 838 O "O5'" . DA D 4 6  ? 2.219   1.878   12.224  1.00 63.40  ? 6  DA A "O5'" 1 
ATOM 839 C "C5'" . DA D 4 6  ? 2.274   0.692   13.014  1.00 53.30  ? 6  DA A "C5'" 1 
ATOM 840 C "C4'" . DA D 4 6  ? 3.293   -0.279  12.447  1.00 59.33  ? 6  DA A "C4'" 1 
ATOM 841 O "O4'" . DA D 4 6  ? 3.401   -0.132  11.004  1.00 64.87  ? 6  DA A "O4'" 1 
ATOM 842 C "C3'" . DA D 4 6  ? 4.702   -0.124  12.983  1.00 50.61  ? 6  DA A "C3'" 1 
ATOM 843 O "O3'" . DA D 4 6  ? 5.205   -1.383  13.267  1.00 40.45  ? 6  DA A "O3'" 1 
ATOM 844 C "C2'" . DA D 4 6  ? 5.436   0.498   11.813  1.00 59.44  ? 6  DA A "C2'" 1 
ATOM 845 C "C1'" . DA D 4 6  ? 4.747   -0.173  10.663  1.00 56.02  ? 6  DA A "C1'" 1 
ATOM 846 N N9    . DA D 4 6  ? 4.922   0.568   9.456   1.00 65.64  ? 6  DA A N9    1 
ATOM 847 C C8    . DA D 4 6  ? 5.052   1.927   9.346   1.00 71.15  ? 6  DA A C8    1 
ATOM 848 N N7    . DA D 4 6  ? 5.224   2.342   8.104   1.00 69.85  ? 6  DA A N7    1 
ATOM 849 C C5    . DA D 4 6  ? 5.208   1.172   7.366   1.00 68.71  ? 6  DA A C5    1 
ATOM 850 C C6    . DA D 4 6  ? 5.352   0.924   5.997   1.00 74.55  ? 6  DA A C6    1 
ATOM 851 N N6    . DA D 4 6  ? 5.537   1.893   5.085   1.00 79.17  ? 6  DA A N6    1 
ATOM 852 N N1    . DA D 4 6  ? 5.307   -0.365  5.589   1.00 75.53  ? 6  DA A N1    1 
ATOM 853 C C2    . DA D 4 6  ? 5.121   -1.326  6.506   1.00 76.65  ? 6  DA A C2    1 
ATOM 854 N N3    . DA D 4 6  ? 4.978   -1.211  7.823   1.00 69.79  ? 6  DA A N3    1 
ATOM 855 C C4    . DA D 4 6  ? 5.038   0.070   8.188   1.00 68.38  ? 6  DA A C4    1 
# 
loop_
_pdbx_poly_seq_scheme.asym_id 
_pdbx_poly_seq_scheme.entity_id 
_pdbx_poly_seq_scheme.seq_id 
_pdbx_poly_seq_scheme.mon_id 
_pdbx_poly_seq_scheme.ndb_seq_num 
_pdbx_poly_seq_scheme.pdb_seq_num 
_pdbx_poly_seq_scheme.auth_seq_num 
_pdbx_poly_seq_scheme.pdb_mon_id 
_pdbx_poly_seq_scheme.auth_mon_id 
_pdbx_poly_seq_scheme.pdb_strand_id 
_pdbx_poly_seq_scheme.pdb_ins_code 
_pdbx_poly_seq_scheme.hetero 
A 1 1  DG 1  7  7  DG DG B . n 
A 1 2  DA 2  8  8  DA DA B . n 
A 1 3  DG 3  9  9  DG DG B . n 
A 1 4  DC 4  10 10 DC DC B . n 
A 1 5  DA 5  11 11 DA DA B . n 
A 1 6  DG 6  12 12 DG DG B . n 
A 1 7  DA 7  13 13 DA DA B . n 
A 1 8  DC 8  14 14 DC DC B . n 
A 1 9  DG 9  15 15 DG DG B . n 
A 1 10 DT 10 16 16 DT DT B . n 
A 1 11 DG 11 17 17 DG DG B . n 
A 1 12 DA 12 18 18 DA DA B . n 
A 1 13 DC 13 19 19 DC DC B . n 
A 1 14 DG 14 20 20 DG DG B . n 
A 1 15 DA 15 21 21 DA DA B . n 
A 1 16 DC 16 22 22 DC DC B . n 
A 1 17 DA 17 23 23 DA DA B . n 
A 1 18 DC 18 24 24 DC DC B . n 
A 1 19 DT 19 25 25 DT DT B . n 
A 1 20 DC 20 26 26 DC DC B . n 
A 1 21 DA 21 27 27 DA DA B . n 
B 2 1  DT 1  28 28 DT DT C . n 
B 2 2  DC 2  29 29 DC DC C . n 
B 2 3  DT 3  30 30 DT DT C . n 
B 2 4  DG 4  31 31 DG DG C . n 
B 2 5  DA 5  32 32 DA DA C . n 
B 2 6  DG 6  33 33 DG DG C . n 
B 2 7  DT 7  34 34 DT DT C . n 
B 2 8  DG 8  35 35 DG DG C . n 
C 3 1  DC 1  36 36 DC DC D . n 
C 3 2  DG 2  37 37 DG DG D . n 
C 3 3  DT 3  38 38 DT DT D . n 
C 3 4  DC 4  39 39 DC DC D . n 
C 3 5  DT 5  40 40 DT DT D . n 
C 3 6  DG 6  41 41 DG DG D . n 
C 3 7  DC 7  42 42 DC DC D . n 
D 4 1  DT 1  1  1  DT DT A . n 
D 4 2  DC 2  2  2  DC DC A . n 
D 4 3  DG 3  3  3  DG DG A . n 
D 4 4  DT 4  4  4  DT DT A . n 
D 4 5  DC 5  5  5  DC DC A . n 
D 4 6  DA 6  6  6  DA DA A . n 
# 
_pdbx_struct_assembly.id                   1 
_pdbx_struct_assembly.details              author_defined_assembly 
_pdbx_struct_assembly.method_details       ? 
_pdbx_struct_assembly.oligomeric_details   tetrameric 
_pdbx_struct_assembly.oligomeric_count     4 
# 
_pdbx_struct_assembly_gen.assembly_id       1 
_pdbx_struct_assembly_gen.oper_expression   1 
_pdbx_struct_assembly_gen.asym_id_list      A,B,C,D 
# 
_pdbx_struct_oper_list.id                   1 
_pdbx_struct_oper_list.type                 'identity operation' 
_pdbx_struct_oper_list.name                 1_555 
_pdbx_struct_oper_list.symmetry_operation   x,y,z 
_pdbx_struct_oper_list.matrix[1][1]         1.0000000000 
_pdbx_struct_oper_list.matrix[1][2]         0.0000000000 
_pdbx_struct_oper_list.matrix[1][3]         0.0000000000 
_pdbx_struct_oper_list.vector[1]            0.0000000000 
_pdbx_struct_oper_list.matrix[2][1]         0.0000000000 
_pdbx_struct_oper_list.matrix[2][2]         1.0000000000 
_pdbx_struct_oper_list.matrix[2][3]         0.0000000000 
_pdbx_struct_oper_list.vector[2]            0.0000000000 
_pdbx_struct_oper_list.matrix[3][1]         0.0000000000 
_pdbx_struct_oper_list.matrix[3][2]         0.0000000000 
_pdbx_struct_oper_list.matrix[3][3]         1.0000000000 
_pdbx_struct_oper_list.vector[3]            0.0000000000 
# 
loop_
_pdbx_audit_revision_history.ordinal 
_pdbx_audit_revision_history.data_content_type 
_pdbx_audit_revision_history.major_revision 
_pdbx_audit_revision_history.minor_revision 
_pdbx_audit_revision_history.revision_date 
1 'Structure model' 1 0 2021-07-14 
2 'Structure model' 1 1 2022-07-06 
3 'Structure model' 1 2 2023-10-18 
# 
_pdbx_audit_revision_details.ordinal             1 
_pdbx_audit_revision_details.revision_ordinal    1 
_pdbx_audit_revision_details.data_content_type   'Structure model' 
_pdbx_audit_revision_details.provider            repository 
_pdbx_audit_revision_details.type                'Initial release' 
_pdbx_audit_revision_details.description         ? 
_pdbx_audit_revision_details.details             ? 
# 
loop_
_pdbx_audit_revision_group.ordinal 
_pdbx_audit_revision_group.revision_ordinal 
_pdbx_audit_revision_group.data_content_type 
_pdbx_audit_revision_group.group 
1 2 'Structure model' 'Database references'    
2 3 'Structure model' 'Data collection'        
3 3 'Structure model' 'Refinement description' 
# 
loop_
_pdbx_audit_revision_category.ordinal 
_pdbx_audit_revision_category.revision_ordinal 
_pdbx_audit_revision_category.data_content_type 
_pdbx_audit_revision_category.category 
1 2 'Structure model' citation                      
2 2 'Structure model' citation_author               
3 2 'Structure model' database_2                    
4 3 'Structure model' chem_comp_atom                
5 3 'Structure model' chem_comp_bond                
6 3 'Structure model' pdbx_initial_refinement_model 
# 
loop_
_pdbx_audit_revision_item.ordinal 
_pdbx_audit_revision_item.revision_ordinal 
_pdbx_audit_revision_item.data_content_type 
_pdbx_audit_revision_item.item 
1  2 'Structure model' '_citation.country'                   
2  2 'Structure model' '_citation.journal_abbrev'            
3  2 'Structure model' '_citation.journal_id_CSD'            
4  2 'Structure model' '_citation.journal_id_ISSN'           
5  2 'Structure model' '_citation.journal_volume'            
6  2 'Structure model' '_citation.page_first'                
7  2 'Structure model' '_citation.page_last'                 
8  2 'Structure model' '_citation.pdbx_database_id_DOI'      
9  2 'Structure model' '_citation.pdbx_database_id_PubMed'   
10 2 'Structure model' '_citation.title'                     
11 2 'Structure model' '_citation.year'                      
12 2 'Structure model' '_database_2.pdbx_DOI'                
13 2 'Structure model' '_database_2.pdbx_database_accession' 
# 
loop_
_software.citation_id 
_software.classification 
_software.compiler_name 
_software.compiler_version 
_software.contact_author 
_software.contact_author_email 
_software.date 
_software.description 
_software.dependencies 
_software.hardware 
_software.language 
_software.location 
_software.mods 
_software.name 
_software.os 
_software.os_version 
_software.type 
_software.version 
_software.pdbx_ordinal 
? 'data reduction'  ? ? ? ? ? ? ? ? ? ? ? HKL-2000    ? ? ? .           1 
? 'data scaling'    ? ? ? ? ? ? ? ? ? ? ? HKL-2000    ? ? ? .           2 
? refinement        ? ? ? ? ? ? ? ? ? ? ? PHENIX      ? ? ? 1.11.1_2575 3 
? 'data extraction' ? ? ? ? ? ? ? ? ? ? ? PDB_EXTRACT ? ? ? 3.25        4 
? phasing           ? ? ? ? ? ? ? ? ? ? ? PHASER      ? ? ? .           5 
# 
loop_
_pdbx_validate_rmsd_bond.id 
_pdbx_validate_rmsd_bond.PDB_model_num 
_pdbx_validate_rmsd_bond.auth_atom_id_1 
_pdbx_validate_rmsd_bond.auth_asym_id_1 
_pdbx_validate_rmsd_bond.auth_comp_id_1 
_pdbx_validate_rmsd_bond.auth_seq_id_1 
_pdbx_validate_rmsd_bond.PDB_ins_code_1 
_pdbx_validate_rmsd_bond.label_alt_id_1 
_pdbx_validate_rmsd_bond.auth_atom_id_2 
_pdbx_validate_rmsd_bond.auth_asym_id_2 
_pdbx_validate_rmsd_bond.auth_comp_id_2 
_pdbx_validate_rmsd_bond.auth_seq_id_2 
_pdbx_validate_rmsd_bond.PDB_ins_code_2 
_pdbx_validate_rmsd_bond.label_alt_id_2 
_pdbx_validate_rmsd_bond.bond_value 
_pdbx_validate_rmsd_bond.bond_target_value 
_pdbx_validate_rmsd_bond.bond_deviation 
_pdbx_validate_rmsd_bond.bond_standard_deviation 
_pdbx_validate_rmsd_bond.linker_flag 
1 1 "O3'" B DA 8  ? ? "C3'" B DA 8  ? ? 1.368 1.419 -0.051 0.006 N 
2 1 "O3'" B DC 14 ? ? "C3'" B DC 14 ? ? 1.370 1.419 -0.049 0.006 N 
3 1 "O3'" B DG 15 ? ? "C3'" B DG 15 ? ? 1.382 1.419 -0.037 0.006 N 
4 1 "O3'" B DA 21 ? ? "C3'" B DA 21 ? ? 1.367 1.419 -0.052 0.006 N 
5 1 "O3'" C DG 35 ? ? "C3'" C DG 35 ? ? 1.372 1.419 -0.047 0.006 N 
6 1 "O3'" A DC 2  ? ? "C3'" A DC 2  ? ? 1.383 1.419 -0.036 0.006 N 
7 1 "O3'" A DC 5  ? ? "C3'" A DC 5  ? ? 1.337 1.419 -0.082 0.006 N 
# 
_pdbx_validate_rmsd_angle.id                         1 
_pdbx_validate_rmsd_angle.PDB_model_num              1 
_pdbx_validate_rmsd_angle.auth_atom_id_1             "O4'" 
_pdbx_validate_rmsd_angle.auth_asym_id_1             C 
_pdbx_validate_rmsd_angle.auth_comp_id_1             DG 
_pdbx_validate_rmsd_angle.auth_seq_id_1              35 
_pdbx_validate_rmsd_angle.PDB_ins_code_1             ? 
_pdbx_validate_rmsd_angle.label_alt_id_1             ? 
_pdbx_validate_rmsd_angle.auth_atom_id_2             "C1'" 
_pdbx_validate_rmsd_angle.auth_asym_id_2             C 
_pdbx_validate_rmsd_angle.auth_comp_id_2             DG 
_pdbx_validate_rmsd_angle.auth_seq_id_2              35 
_pdbx_validate_rmsd_angle.PDB_ins_code_2             ? 
_pdbx_validate_rmsd_angle.label_alt_id_2             ? 
_pdbx_validate_rmsd_angle.auth_atom_id_3             N9 
_pdbx_validate_rmsd_angle.auth_asym_id_3             C 
_pdbx_validate_rmsd_angle.auth_comp_id_3             DG 
_pdbx_validate_rmsd_angle.auth_seq_id_3              35 
_pdbx_validate_rmsd_angle.PDB_ins_code_3             ? 
_pdbx_validate_rmsd_angle.label_alt_id_3             ? 
_pdbx_validate_rmsd_angle.angle_value                111.69 
_pdbx_validate_rmsd_angle.angle_target_value         108.30 
_pdbx_validate_rmsd_angle.angle_deviation            3.39 
_pdbx_validate_rmsd_angle.angle_standard_deviation   0.30 
_pdbx_validate_rmsd_angle.linker_flag                N 
# 
loop_
_chem_comp_atom.comp_id 
_chem_comp_atom.atom_id 
_chem_comp_atom.type_symbol 
_chem_comp_atom.pdbx_aromatic_flag 
_chem_comp_atom.pdbx_stereo_config 
_chem_comp_atom.pdbx_ordinal 
DA OP3    O N N 1   
DA P      P N N 2   
DA OP1    O N N 3   
DA OP2    O N N 4   
DA "O5'"  O N N 5   
DA "C5'"  C N N 6   
DA "C4'"  C N R 7   
DA "O4'"  O N N 8   
DA "C3'"  C N S 9   
DA "O3'"  O N N 10  
DA "C2'"  C N N 11  
DA "C1'"  C N R 12  
DA N9     N Y N 13  
DA C8     C Y N 14  
DA N7     N Y N 15  
DA C5     C Y N 16  
DA C6     C Y N 17  
DA N6     N N N 18  
DA N1     N Y N 19  
DA C2     C Y N 20  
DA N3     N Y N 21  
DA C4     C Y N 22  
DA HOP3   H N N 23  
DA HOP2   H N N 24  
DA "H5'"  H N N 25  
DA "H5''" H N N 26  
DA "H4'"  H N N 27  
DA "H3'"  H N N 28  
DA "HO3'" H N N 29  
DA "H2'"  H N N 30  
DA "H2''" H N N 31  
DA "H1'"  H N N 32  
DA H8     H N N 33  
DA H61    H N N 34  
DA H62    H N N 35  
DA H2     H N N 36  
DC OP3    O N N 37  
DC P      P N N 38  
DC OP1    O N N 39  
DC OP2    O N N 40  
DC "O5'"  O N N 41  
DC "C5'"  C N N 42  
DC "C4'"  C N R 43  
DC "O4'"  O N N 44  
DC "C3'"  C N S 45  
DC "O3'"  O N N 46  
DC "C2'"  C N N 47  
DC "C1'"  C N R 48  
DC N1     N N N 49  
DC C2     C N N 50  
DC O2     O N N 51  
DC N3     N N N 52  
DC C4     C N N 53  
DC N4     N N N 54  
DC C5     C N N 55  
DC C6     C N N 56  
DC HOP3   H N N 57  
DC HOP2   H N N 58  
DC "H5'"  H N N 59  
DC "H5''" H N N 60  
DC "H4'"  H N N 61  
DC "H3'"  H N N 62  
DC "HO3'" H N N 63  
DC "H2'"  H N N 64  
DC "H2''" H N N 65  
DC "H1'"  H N N 66  
DC H41    H N N 67  
DC H42    H N N 68  
DC H5     H N N 69  
DC H6     H N N 70  
DG OP3    O N N 71  
DG P      P N N 72  
DG OP1    O N N 73  
DG OP2    O N N 74  
DG "O5'"  O N N 75  
DG "C5'"  C N N 76  
DG "C4'"  C N R 77  
DG "O4'"  O N N 78  
DG "C3'"  C N S 79  
DG "O3'"  O N N 80  
DG "C2'"  C N N 81  
DG "C1'"  C N R 82  
DG N9     N Y N 83  
DG C8     C Y N 84  
DG N7     N Y N 85  
DG C5     C Y N 86  
DG C6     C N N 87  
DG O6     O N N 88  
DG N1     N N N 89  
DG C2     C N N 90  
DG N2     N N N 91  
DG N3     N N N 92  
DG C4     C Y N 93  
DG HOP3   H N N 94  
DG HOP2   H N N 95  
DG "H5'"  H N N 96  
DG "H5''" H N N 97  
DG "H4'"  H N N 98  
DG "H3'"  H N N 99  
DG "HO3'" H N N 100 
DG "H2'"  H N N 101 
DG "H2''" H N N 102 
DG "H1'"  H N N 103 
DG H8     H N N 104 
DG H1     H N N 105 
DG H21    H N N 106 
DG H22    H N N 107 
DT OP3    O N N 108 
DT P      P N N 109 
DT OP1    O N N 110 
DT OP2    O N N 111 
DT "O5'"  O N N 112 
DT "C5'"  C N N 113 
DT "C4'"  C N R 114 
DT "O4'"  O N N 115 
DT "C3'"  C N S 116 
DT "O3'"  O N N 117 
DT "C2'"  C N N 118 
DT "C1'"  C N R 119 
DT N1     N N N 120 
DT C2     C N N 121 
DT O2     O N N 122 
DT N3     N N N 123 
DT C4     C N N 124 
DT O4     O N N 125 
DT C5     C N N 126 
DT C7     C N N 127 
DT C6     C N N 128 
DT HOP3   H N N 129 
DT HOP2   H N N 130 
DT "H5'"  H N N 131 
DT "H5''" H N N 132 
DT "H4'"  H N N 133 
DT "H3'"  H N N 134 
DT "HO3'" H N N 135 
DT "H2'"  H N N 136 
DT "H2''" H N N 137 
DT "H1'"  H N N 138 
DT H3     H N N 139 
DT H71    H N N 140 
DT H72    H N N 141 
DT H73    H N N 142 
DT H6     H N N 143 
# 
loop_
_chem_comp_bond.comp_id 
_chem_comp_bond.atom_id_1 
_chem_comp_bond.atom_id_2 
_chem_comp_bond.value_order 
_chem_comp_bond.pdbx_aromatic_flag 
_chem_comp_bond.pdbx_stereo_config 
_chem_comp_bond.pdbx_ordinal 
DA OP3   P      sing N N 1   
DA OP3   HOP3   sing N N 2   
DA P     OP1    doub N N 3   
DA P     OP2    sing N N 4   
DA P     "O5'"  sing N N 5   
DA OP2   HOP2   sing N N 6   
DA "O5'" "C5'"  sing N N 7   
DA "C5'" "C4'"  sing N N 8   
DA "C5'" "H5'"  sing N N 9   
DA "C5'" "H5''" sing N N 10  
DA "C4'" "O4'"  sing N N 11  
DA "C4'" "C3'"  sing N N 12  
DA "C4'" "H4'"  sing N N 13  
DA "O4'" "C1'"  sing N N 14  
DA "C3'" "O3'"  sing N N 15  
DA "C3'" "C2'"  sing N N 16  
DA "C3'" "H3'"  sing N N 17  
DA "O3'" "HO3'" sing N N 18  
DA "C2'" "C1'"  sing N N 19  
DA "C2'" "H2'"  sing N N 20  
DA "C2'" "H2''" sing N N 21  
DA "C1'" N9     sing N N 22  
DA "C1'" "H1'"  sing N N 23  
DA N9    C8     sing Y N 24  
DA N9    C4     sing Y N 25  
DA C8    N7     doub Y N 26  
DA C8    H8     sing N N 27  
DA N7    C5     sing Y N 28  
DA C5    C6     sing Y N 29  
DA C5    C4     doub Y N 30  
DA C6    N6     sing N N 31  
DA C6    N1     doub Y N 32  
DA N6    H61    sing N N 33  
DA N6    H62    sing N N 34  
DA N1    C2     sing Y N 35  
DA C2    N3     doub Y N 36  
DA C2    H2     sing N N 37  
DA N3    C4     sing Y N 38  
DC OP3   P      sing N N 39  
DC OP3   HOP3   sing N N 40  
DC P     OP1    doub N N 41  
DC P     OP2    sing N N 42  
DC P     "O5'"  sing N N 43  
DC OP2   HOP2   sing N N 44  
DC "O5'" "C5'"  sing N N 45  
DC "C5'" "C4'"  sing N N 46  
DC "C5'" "H5'"  sing N N 47  
DC "C5'" "H5''" sing N N 48  
DC "C4'" "O4'"  sing N N 49  
DC "C4'" "C3'"  sing N N 50  
DC "C4'" "H4'"  sing N N 51  
DC "O4'" "C1'"  sing N N 52  
DC "C3'" "O3'"  sing N N 53  
DC "C3'" "C2'"  sing N N 54  
DC "C3'" "H3'"  sing N N 55  
DC "O3'" "HO3'" sing N N 56  
DC "C2'" "C1'"  sing N N 57  
DC "C2'" "H2'"  sing N N 58  
DC "C2'" "H2''" sing N N 59  
DC "C1'" N1     sing N N 60  
DC "C1'" "H1'"  sing N N 61  
DC N1    C2     sing N N 62  
DC N1    C6     sing N N 63  
DC C2    O2     doub N N 64  
DC C2    N3     sing N N 65  
DC N3    C4     doub N N 66  
DC C4    N4     sing N N 67  
DC C4    C5     sing N N 68  
DC N4    H41    sing N N 69  
DC N4    H42    sing N N 70  
DC C5    C6     doub N N 71  
DC C5    H5     sing N N 72  
DC C6    H6     sing N N 73  
DG OP3   P      sing N N 74  
DG OP3   HOP3   sing N N 75  
DG P     OP1    doub N N 76  
DG P     OP2    sing N N 77  
DG P     "O5'"  sing N N 78  
DG OP2   HOP2   sing N N 79  
DG "O5'" "C5'"  sing N N 80  
DG "C5'" "C4'"  sing N N 81  
DG "C5'" "H5'"  sing N N 82  
DG "C5'" "H5''" sing N N 83  
DG "C4'" "O4'"  sing N N 84  
DG "C4'" "C3'"  sing N N 85  
DG "C4'" "H4'"  sing N N 86  
DG "O4'" "C1'"  sing N N 87  
DG "C3'" "O3'"  sing N N 88  
DG "C3'" "C2'"  sing N N 89  
DG "C3'" "H3'"  sing N N 90  
DG "O3'" "HO3'" sing N N 91  
DG "C2'" "C1'"  sing N N 92  
DG "C2'" "H2'"  sing N N 93  
DG "C2'" "H2''" sing N N 94  
DG "C1'" N9     sing N N 95  
DG "C1'" "H1'"  sing N N 96  
DG N9    C8     sing Y N 97  
DG N9    C4     sing Y N 98  
DG C8    N7     doub Y N 99  
DG C8    H8     sing N N 100 
DG N7    C5     sing Y N 101 
DG C5    C6     sing N N 102 
DG C5    C4     doub Y N 103 
DG C6    O6     doub N N 104 
DG C6    N1     sing N N 105 
DG N1    C2     sing N N 106 
DG N1    H1     sing N N 107 
DG C2    N2     sing N N 108 
DG C2    N3     doub N N 109 
DG N2    H21    sing N N 110 
DG N2    H22    sing N N 111 
DG N3    C4     sing N N 112 
DT OP3   P      sing N N 113 
DT OP3   HOP3   sing N N 114 
DT P     OP1    doub N N 115 
DT P     OP2    sing N N 116 
DT P     "O5'"  sing N N 117 
DT OP2   HOP2   sing N N 118 
DT "O5'" "C5'"  sing N N 119 
DT "C5'" "C4'"  sing N N 120 
DT "C5'" "H5'"  sing N N 121 
DT "C5'" "H5''" sing N N 122 
DT "C4'" "O4'"  sing N N 123 
DT "C4'" "C3'"  sing N N 124 
DT "C4'" "H4'"  sing N N 125 
DT "O4'" "C1'"  sing N N 126 
DT "C3'" "O3'"  sing N N 127 
DT "C3'" "C2'"  sing N N 128 
DT "C3'" "H3'"  sing N N 129 
DT "O3'" "HO3'" sing N N 130 
DT "C2'" "C1'"  sing N N 131 
DT "C2'" "H2'"  sing N N 132 
DT "C2'" "H2''" sing N N 133 
DT "C1'" N1     sing N N 134 
DT "C1'" "H1'"  sing N N 135 
DT N1    C2     sing N N 136 
DT N1    C6     sing N N 137 
DT C2    O2     doub N N 138 
DT C2    N3     sing N N 139 
DT N3    C4     sing N N 140 
DT N3    H3     sing N N 141 
DT C4    O4     doub N N 142 
DT C4    C5     sing N N 143 
DT C5    C7     sing N N 144 
DT C5    C6     doub N N 145 
DT C7    H71    sing N N 146 
DT C7    H72    sing N N 147 
DT C7    H73    sing N N 148 
DT C6    H6     sing N N 149 
# 
loop_
_ndb_struct_conf_na.entry_id 
_ndb_struct_conf_na.feature 
7JS2 'double helix'        
7JS2 'a-form double helix' 
7JS2 'b-form double helix' 
# 
loop_
_ndb_struct_na_base_pair.model_number 
_ndb_struct_na_base_pair.i_label_asym_id 
_ndb_struct_na_base_pair.i_label_comp_id 
_ndb_struct_na_base_pair.i_label_seq_id 
_ndb_struct_na_base_pair.i_symmetry 
_ndb_struct_na_base_pair.j_label_asym_id 
_ndb_struct_na_base_pair.j_label_comp_id 
_ndb_struct_na_base_pair.j_label_seq_id 
_ndb_struct_na_base_pair.j_symmetry 
_ndb_struct_na_base_pair.shear 
_ndb_struct_na_base_pair.stretch 
_ndb_struct_na_base_pair.stagger 
_ndb_struct_na_base_pair.buckle 
_ndb_struct_na_base_pair.propeller 
_ndb_struct_na_base_pair.opening 
_ndb_struct_na_base_pair.pair_number 
_ndb_struct_na_base_pair.pair_name 
_ndb_struct_na_base_pair.i_auth_asym_id 
_ndb_struct_na_base_pair.i_auth_seq_id 
_ndb_struct_na_base_pair.i_PDB_ins_code 
_ndb_struct_na_base_pair.j_auth_asym_id 
_ndb_struct_na_base_pair.j_auth_seq_id 
_ndb_struct_na_base_pair.j_PDB_ins_code 
_ndb_struct_na_base_pair.hbond_type_28 
_ndb_struct_na_base_pair.hbond_type_12 
1 A DG 3  1_555 C DC 7 1_555 -0.023 0.088  0.711  3.112  -13.738 12.334 1  B_DG9:DC42_D  B 9  ? D 42 ? 19 1 
1 A DC 4  1_555 C DG 6 1_555 -0.134 -0.044 0.264  3.545  -18.581 8.522  2  B_DC10:DG41_D B 10 ? D 41 ? 19 1 
1 A DA 5  1_555 C DT 5 1_555 -0.983 0.482  0.481  12.402 -20.860 0.662  3  B_DA11:DT40_D B 11 ? D 40 ? ?  ? 
1 A DG 6  1_555 C DC 4 1_555 0.991  -0.096 0.304  3.760  -20.501 -2.829 4  B_DG12:DC39_D B 12 ? D 39 ? 19 1 
1 A DA 7  1_555 C DT 3 1_555 0.077  -0.094 -0.055 -9.608 -24.561 -9.901 5  B_DA13:DT38_D B 13 ? D 38 ? 20 1 
1 A DC 8  1_555 C DG 2 1_555 0.068  0.045  0.549  -8.812 -10.721 3.718  6  B_DC14:DG37_D B 14 ? D 37 ? 19 1 
1 A DG 9  1_555 C DC 1 1_555 -0.380 -0.356 -0.092 -5.759 -12.014 -5.871 7  B_DG15:DC36_D B 15 ? D 36 ? 19 1 
1 A DT 10 1_555 D DA 6 1_555 -0.884 0.193  0.305  -7.349 -6.683  8.316  8  B_DT16:DA6_A  B 16 ? A 6  ? 20 1 
1 A DG 11 1_555 D DC 5 1_555 0.607  -0.160 0.682  11.372 -3.897  -4.137 9  B_DG17:DC5_A  B 17 ? A 5  ? 19 1 
1 A DA 12 1_555 D DT 4 1_555 0.445  -0.022 0.442  3.149  -7.306  -4.152 10 B_DA18:DT4_A  B 18 ? A 4  ? 20 1 
1 A DC 13 1_555 D DG 3 1_555 -0.329 -0.141 -0.111 -0.006 -1.613  -5.838 11 B_DC19:DG3_A  B 19 ? A 3  ? 19 1 
1 A DG 14 1_555 D DC 2 1_555 0.110  -0.188 0.789  7.544  -10.349 -8.166 12 B_DG20:DC2_A  B 20 ? A 2  ? 19 1 
1 A DA 15 1_555 D DT 1 1_555 -0.122 -0.111 1.133  4.380  -7.420  -2.632 13 B_DA21:DT1_A  B 21 ? A 1  ? 20 1 
1 A DC 16 1_555 B DG 8 1_555 0.242  -0.343 0.583  -2.866 -4.976  -6.410 14 B_DC22:DG35_C B 22 ? C 35 ? 19 1 
1 A DA 17 1_555 B DT 7 1_555 0.599  -0.140 0.761  11.506 -9.577  -5.821 15 B_DA23:DT34_C B 23 ? C 34 ? 20 1 
1 A DC 18 1_555 B DG 6 1_555 0.509  -0.292 0.184  8.784  -8.446  4.241  16 B_DC24:DG33_C B 24 ? C 33 ? 19 1 
1 A DT 19 1_555 B DA 5 1_555 -1.316 -0.204 0.361  0.458  -5.822  -4.555 17 B_DT25:DA32_C B 25 ? C 32 ? 20 1 
1 A DC 20 1_555 B DG 4 1_555 -0.045 0.159  0.053  6.700  -10.317 5.820  18 B_DC26:DG31_C B 26 ? C 31 ? 19 1 
1 A DA 21 1_555 B DT 3 1_555 0.834  0.354  0.289  4.663  -15.628 13.114 19 B_DA27:DT30_C B 27 ? C 30 ? ?  ? 
# 
loop_
_ndb_struct_na_base_pair_step.model_number 
_ndb_struct_na_base_pair_step.i_label_asym_id_1 
_ndb_struct_na_base_pair_step.i_label_comp_id_1 
_ndb_struct_na_base_pair_step.i_label_seq_id_1 
_ndb_struct_na_base_pair_step.i_symmetry_1 
_ndb_struct_na_base_pair_step.j_label_asym_id_1 
_ndb_struct_na_base_pair_step.j_label_comp_id_1 
_ndb_struct_na_base_pair_step.j_label_seq_id_1 
_ndb_struct_na_base_pair_step.j_symmetry_1 
_ndb_struct_na_base_pair_step.i_label_asym_id_2 
_ndb_struct_na_base_pair_step.i_label_comp_id_2 
_ndb_struct_na_base_pair_step.i_label_seq_id_2 
_ndb_struct_na_base_pair_step.i_symmetry_2 
_ndb_struct_na_base_pair_step.j_label_asym_id_2 
_ndb_struct_na_base_pair_step.j_label_comp_id_2 
_ndb_struct_na_base_pair_step.j_label_seq_id_2 
_ndb_struct_na_base_pair_step.j_symmetry_2 
_ndb_struct_na_base_pair_step.shift 
_ndb_struct_na_base_pair_step.slide 
_ndb_struct_na_base_pair_step.rise 
_ndb_struct_na_base_pair_step.tilt 
_ndb_struct_na_base_pair_step.roll 
_ndb_struct_na_base_pair_step.twist 
_ndb_struct_na_base_pair_step.x_displacement 
_ndb_struct_na_base_pair_step.y_displacement 
_ndb_struct_na_base_pair_step.helical_rise 
_ndb_struct_na_base_pair_step.inclination 
_ndb_struct_na_base_pair_step.tip 
_ndb_struct_na_base_pair_step.helical_twist 
_ndb_struct_na_base_pair_step.step_number 
_ndb_struct_na_base_pair_step.step_name 
_ndb_struct_na_base_pair_step.i_auth_asym_id_1 
_ndb_struct_na_base_pair_step.i_auth_seq_id_1 
_ndb_struct_na_base_pair_step.i_PDB_ins_code_1 
_ndb_struct_na_base_pair_step.j_auth_asym_id_1 
_ndb_struct_na_base_pair_step.j_auth_seq_id_1 
_ndb_struct_na_base_pair_step.j_PDB_ins_code_1 
_ndb_struct_na_base_pair_step.i_auth_asym_id_2 
_ndb_struct_na_base_pair_step.i_auth_seq_id_2 
_ndb_struct_na_base_pair_step.i_PDB_ins_code_2 
_ndb_struct_na_base_pair_step.j_auth_asym_id_2 
_ndb_struct_na_base_pair_step.j_auth_seq_id_2 
_ndb_struct_na_base_pair_step.j_PDB_ins_code_2 
1 A DG 3  1_555 C DC 7 1_555 A DC 4  1_555 C DG 6 1_555 -0.058 -0.119 3.339 6.334  0.112  32.181 -0.231 1.213  3.268 0.199  
-11.290 32.783 1  BB_DG9DC10:DG41DC42_DD  B 9  ? D 42 ? B 10 ? D 41 ? 
1 A DC 4  1_555 C DG 6 1_555 A DA 5  1_555 C DT 5 1_555 -0.552 1.443  3.310 -1.553 4.033  34.112 1.786  0.682  3.474 6.841  2.635 
34.377 2  BB_DC10DA11:DT40DG41_DD B 10 ? D 41 ? B 11 ? D 40 ? 
1 A DA 5  1_555 C DT 5 1_555 A DG 6  1_555 C DC 4 1_555 0.207  -0.078 3.713 -0.106 2.500  42.830 -0.389 -0.295 3.703 3.420  0.145 
42.900 3  BB_DA11DG12:DC39DT40_DD B 11 ? D 40 ? B 12 ? D 39 ? 
1 A DG 6  1_555 C DC 4 1_555 A DA 7  1_555 C DT 3 1_555 -0.296 -0.525 3.484 -0.243 -3.215 32.504 -0.335 0.481  3.520 -5.725 0.434 
32.659 4  BB_DG12DA13:DT38DC39_DD B 12 ? D 39 ? B 13 ? D 38 ? 
1 A DA 7  1_555 C DT 3 1_555 A DC 8  1_555 C DG 2 1_555 1.072  -1.180 3.236 -4.744 -0.226 35.990 -1.863 -2.364 3.082 -0.364 7.637 
36.291 5  BB_DA13DC14:DG37DT38_DD B 13 ? D 38 ? B 14 ? D 37 ? 
1 A DC 8  1_555 C DG 2 1_555 A DG 9  1_555 C DC 1 1_555 -0.587 -1.096 3.147 1.859  2.209  33.965 -2.202 1.281  3.037 3.773  -3.175 
34.084 6  BB_DC14DG15:DC36DG37_DD B 14 ? D 37 ? B 15 ? D 36 ? 
1 A DG 9  1_555 C DC 1 1_555 A DT 10 1_555 D DA 6 1_555 -0.301 -1.068 3.314 -1.424 -1.549 26.756 -1.893 0.272  3.380 -3.340 3.070 
26.837 7  BB_DG15DT16:DA6DC36_AD  B 15 ? D 36 ? B 16 ? A 6  ? 
1 A DT 10 1_555 D DA 6 1_555 A DG 11 1_555 D DC 5 1_555 -0.778 1.049  3.000 -2.977 6.725  41.415 0.800  0.792  3.171 9.420  4.169 
42.035 8  BB_DT16DG17:DC5DA6_AA   B 16 ? A 6  ? B 17 ? A 5  ? 
1 A DG 11 1_555 D DC 5 1_555 A DA 12 1_555 D DT 4 1_555 -0.104 -0.285 3.527 2.159  5.787  33.520 -1.472 0.546  3.418 9.929  -3.704 
34.069 9  BB_DG17DA18:DT4DC5_AA   B 17 ? A 5  ? B 18 ? A 4  ? 
1 A DA 12 1_555 D DT 4 1_555 A DC 13 1_555 D DG 3 1_555 0.466  -0.934 3.377 3.042  4.218  26.558 -3.086 -0.209 3.225 9.071  -6.542 
27.054 10 BB_DA18DC19:DG3DT4_AA   B 18 ? A 4  ? B 19 ? A 3  ? 
1 A DC 13 1_555 D DG 3 1_555 A DG 14 1_555 D DC 2 1_555 0.106  -0.114 3.152 -6.841 0.495  36.222 -0.245 -1.059 3.080 0.787  10.883 
36.845 11 BB_DC19DG20:DC2DG3_AA   B 19 ? A 3  ? B 20 ? A 2  ? 
1 A DG 14 1_555 D DC 2 1_555 A DA 15 1_555 D DT 1 1_555 0.040  -0.822 3.125 -7.096 -0.730 41.058 -1.083 -0.773 3.090 -1.031 10.025 
41.647 12 BB_DG20DA21:DT1DC2_AA   B 20 ? A 2  ? B 21 ? A 1  ? 
1 A DA 15 1_555 D DT 1 1_555 A DC 16 1_555 B DG 8 1_555 -0.782 -1.298 3.454 3.733  -1.283 30.075 -2.209 2.283  3.386 -2.460 -7.154 
30.327 13 BB_DA21DC22:DG35DT1_CA  B 21 ? A 1  ? B 22 ? C 35 ? 
1 A DC 16 1_555 B DG 8 1_555 A DA 17 1_555 B DT 7 1_555 -0.588 0.156  2.990 -0.418 5.626  34.117 -0.537 0.930  2.984 9.509  0.707 
34.567 14 BB_DC22DA23:DT34DG35_CC B 22 ? C 35 ? B 23 ? C 34 ? 
1 A DA 17 1_555 B DT 7 1_555 A DC 18 1_555 B DG 6 1_555 0.370  -0.852 3.365 2.284  3.375  30.117 -2.315 -0.239 3.271 6.459  -4.369 
30.385 15 BB_DA23DC24:DG33DT34_CC B 23 ? C 34 ? B 24 ? C 33 ? 
1 A DC 18 1_555 B DG 6 1_555 A DT 19 1_555 B DA 5 1_555 -0.009 -0.856 3.492 0.689  1.679  24.035 -2.619 0.255  3.424 4.025  -1.653 
24.102 16 BB_DC24DT25:DA32DG33_CC B 24 ? C 33 ? B 25 ? C 32 ? 
1 A DT 19 1_555 B DA 5 1_555 A DC 20 1_555 B DG 4 1_555 0.930  0.465  3.286 6.663  1.775  40.200 0.466  -0.577 3.407 2.560  -9.609 
40.763 17 BB_DT25DC26:DG31DA32_CC B 25 ? C 32 ? B 26 ? C 31 ? 
1 A DC 20 1_555 B DG 4 1_555 A DA 21 1_555 B DT 3 1_555 -0.199 1.170  3.471 1.205  0.308  44.356 1.519  0.382  3.472 0.407  -1.595 
44.372 18 BB_DC26DA27:DT30DG31_CC B 26 ? C 31 ? B 27 ? C 30 ? 
# 
loop_
_pdbx_audit_support.funding_organization 
_pdbx_audit_support.country 
_pdbx_audit_support.grant_number 
_pdbx_audit_support.ordinal 
'National Science Foundation (NSF, United States)'                                         'United States' 1360635     1 
'National Institutes of Health/National Institute of General Medical Sciences (NIH/NIGMS)' 'United States' R01GM104960 2 
'National Science Foundation (NSF, United States)'                                         'United States' NSF2004250  3 
# 
_pdbx_initial_refinement_model.id               1 
_pdbx_initial_refinement_model.entity_id_list   ? 
_pdbx_initial_refinement_model.type             'experimental model' 
_pdbx_initial_refinement_model.source_name      PDB 
_pdbx_initial_refinement_model.accession_code   5VY6 
_pdbx_initial_refinement_model.details          ? 
# 
_pdbx_struct_assembly_auth_evidence.id                     1 
_pdbx_struct_assembly_auth_evidence.assembly_id            1 
_pdbx_struct_assembly_auth_evidence.experimental_support   none 
_pdbx_struct_assembly_auth_evidence.details                ? 
# 
